data_3FE9
# 
_entry.id   3FE9 
# 
_audit_conform.dict_name       mmcif_pdbx.dic 
_audit_conform.dict_version    5.397 
_audit_conform.dict_location   http://mmcif.pdb.org/dictionaries/ascii/mmcif_pdbx.dic 
# 
loop_
_database_2.database_id 
_database_2.database_code 
_database_2.pdbx_database_accession 
_database_2.pdbx_DOI 
PDB   3FE9         pdb_00003fe9 10.2210/pdb3fe9/pdb 
RCSB  RCSB050481   ?            ?                   
WWPDB D_1000050481 ?            ?                   
# 
loop_
_pdbx_audit_revision_history.ordinal 
_pdbx_audit_revision_history.data_content_type 
_pdbx_audit_revision_history.major_revision 
_pdbx_audit_revision_history.minor_revision 
_pdbx_audit_revision_history.revision_date 
1 'Structure model' 1 0 2009-12-01 
2 'Structure model' 1 1 2011-07-13 
3 'Structure model' 1 2 2023-11-01 
4 'Structure model' 1 3 2024-10-30 
# 
_pdbx_audit_revision_details.ordinal             1 
_pdbx_audit_revision_details.revision_ordinal    1 
_pdbx_audit_revision_details.data_content_type   'Structure model' 
_pdbx_audit_revision_details.provider            repository 
_pdbx_audit_revision_details.type                'Initial release' 
_pdbx_audit_revision_details.description         ? 
_pdbx_audit_revision_details.details             ? 
# 
loop_
_pdbx_audit_revision_group.ordinal 
_pdbx_audit_revision_group.revision_ordinal 
_pdbx_audit_revision_group.data_content_type 
_pdbx_audit_revision_group.group 
1 2 'Structure model' Advisory                    
2 2 'Structure model' 'Version format compliance' 
3 3 'Structure model' 'Data collection'           
4 3 'Structure model' 'Database references'       
5 3 'Structure model' 'Derived calculations'      
6 3 'Structure model' 'Refinement description'    
7 4 'Structure model' 'Structure summary'         
# 
loop_
_pdbx_audit_revision_category.ordinal 
_pdbx_audit_revision_category.revision_ordinal 
_pdbx_audit_revision_category.data_content_type 
_pdbx_audit_revision_category.category 
1 3 'Structure model' chem_comp_atom                
2 3 'Structure model' chem_comp_bond                
3 3 'Structure model' database_2                    
4 3 'Structure model' pdbx_initial_refinement_model 
5 3 'Structure model' struct_site                   
6 4 'Structure model' pdbx_entry_details            
7 4 'Structure model' pdbx_modification_feature     
# 
loop_
_pdbx_audit_revision_item.ordinal 
_pdbx_audit_revision_item.revision_ordinal 
_pdbx_audit_revision_item.data_content_type 
_pdbx_audit_revision_item.item 
1 3 'Structure model' '_database_2.pdbx_DOI'                
2 3 'Structure model' '_database_2.pdbx_database_accession' 
3 3 'Structure model' '_struct_site.pdbx_auth_asym_id'      
4 3 'Structure model' '_struct_site.pdbx_auth_comp_id'      
5 3 'Structure model' '_struct_site.pdbx_auth_seq_id'       
# 
_pdbx_database_status.status_code                     REL 
_pdbx_database_status.entry_id                        3FE9 
_pdbx_database_status.recvd_initial_deposition_date   2008-11-28 
_pdbx_database_status.deposit_site                    RCSB 
_pdbx_database_status.process_site                    PDBJ 
_pdbx_database_status.status_code_sf                  REL 
_pdbx_database_status.status_code_mr                  ? 
_pdbx_database_status.SG_entry                        ? 
_pdbx_database_status.pdb_format_compatible           Y 
_pdbx_database_status.status_code_cs                  ? 
_pdbx_database_status.status_code_nmr_data            ? 
_pdbx_database_status.methods_development_category    ? 
# 
loop_
_pdbx_database_related.db_name 
_pdbx_database_related.db_id 
_pdbx_database_related.details 
_pdbx_database_related.content_type 
PDB 2H8V 'The same protein in apo form at pH 5.5'                                   unspecified 
PDB 3BFA 'The same protein in complex with the QMP at pH 5.5'                       unspecified 
PDB 3BFB 'The same protein in complex with the 9-ODA at pH 5.5'                     unspecified 
PDB 3BJH 'The same protein in complex with the nBBSA at pH 5.5'                     unspecified 
PDB 3BFH 'The same protein in complex with the HDOA at pH 5.5'                      unspecified 
PDB 3CAB 'The same protein in complex with the nBBSA soaked at pH 7.0'              unspecified 
PDB 3CDN 'The same protein in apo form soaked at pH 4.0'                            unspecified 
PDB 3CZ2 'The same protein in apo form at pH 7.0'                                   unspecified 
PDB 3CZ0 'The same protein in complex with the QMP at pH 7.0'                       unspecified 
PDB 3CYZ 'The same protein in complex with the 9-ODA at pH 7.0'                     unspecified 
PDB 3CZ1 'The same protein in complex with the nBBSA at pH 7.0'                     unspecified 
PDB 3D75 'The mutant D35N of the same protein at pH 5.5'                            unspecified 
PDB 3D76 'The mutant D35N of the same protein soaked at pH 7.0'                     unspecified 
PDB 3D77 'The mutant D35N of the same protein soaked at pH 4.0'                     unspecified 
PDB 3D78 'The mutant D35N of the same protein at pH 7.0'                            unspecified 
PDB 3D73 'The mutant D35A of the same protein at pH 7.0'                            unspecified 
PDB 3D74 'The mutant D35A of the same protein soaked at pH 5.5'                     unspecified 
PDB 3FE6 'The same protein in complex with a serendipitous ligand at pH 5.5'        unspecified 
PDB 3FE8 'The same protein in complex with a serendipitous ligand soaked at pH 4.0' unspecified 
# 
loop_
_audit_author.name 
_audit_author.pdbx_ordinal 
'Pesenti, M.E.'   1 
'Spinelli, S.'    2 
'Bezirard, V.'    3 
'Briand, L.'      4 
'Pernollet, J.C.' 5 
'Tegoni, M.'      6 
'Cambillau, C.'   7 
# 
loop_
_citation.id 
_citation.title 
_citation.journal_abbrev 
_citation.journal_volume 
_citation.page_first 
_citation.page_last 
_citation.year 
_citation.journal_id_ASTM 
_citation.country 
_citation.journal_id_ISSN 
_citation.journal_id_CSD 
_citation.book_publisher 
_citation.pdbx_database_id_PubMed 
_citation.pdbx_database_id_DOI 
primary 'Queen bee pheromone binding protein pH induced domain-swapping favors pheromone release' 'To be Published' ?   ?   ?   ? 
?      ?  ?         0353 ? ?        ?                         
1       'Structural basis of the honey bee PBP pheromone and pH-induced conformational change'    J.Mol.Biol.       380 158 169 
2008 JMOBAK UK 0022-2836 0070 ? 18508083 10.1016/j.jmb.2008.04.048 
# 
loop_
_citation_author.citation_id 
_citation_author.name 
_citation_author.ordinal 
_citation_author.identifier_ORCID 
primary 'Pesenti, M.E.'   1  ? 
primary 'Spinelli, S.'    2  ? 
primary 'Bezirard, V.'    3  ? 
primary 'Briand, L.'      4  ? 
primary 'Pernollet, J.C.' 5  ? 
primary 'Tegoni, M.'      6  ? 
primary 'Cambillau, C.'   7  ? 
1       'Pesenti, M.E.'   8  ? 
1       'Spinelli, S.'    9  ? 
1       'Bezirard, V.'    10 ? 
1       'Briand, L.'      11 ? 
1       'Pernollet, J.C.' 12 ? 
1       'Tegoni, M.'      13 ? 
1       'Cambillau, C.'   14 ? 
# 
loop_
_entity.id 
_entity.type 
_entity.src_method 
_entity.pdbx_description 
_entity.formula_weight 
_entity.pdbx_number_of_molecules 
_entity.pdbx_ec 
_entity.pdbx_mutation 
_entity.pdbx_fragment 
_entity.details 
1 polymer     man 'Pheromone-binding protein ASP1' 13194.789 1   ? ? 'UNP residues 26-144' ? 
2 non-polymer syn '(20S)-20-methyldotetracontane'  605.159   1   ? ? ?                     ? 
3 non-polymer syn 'CHLORIDE ION'                   35.453    1   ? ? ?                     ? 
4 water       nat water                            18.015    159 ? ? ?                     ? 
# 
_entity_poly.entity_id                      1 
_entity_poly.type                           'polypeptide(L)' 
_entity_poly.nstd_linkage                   no 
_entity_poly.nstd_monomer                   no 
_entity_poly.pdbx_seq_one_letter_code       
;APDWVPPEVFDLVAEDKARCMSEHGTTQAQIDDVDKGNLVNEPSITCYMYCLLEAFSLVDDEANVDEDIMLGLLPDQLQE
RAQSVMGKCLPTSGSDNCNKIYNLAKCVQESAPDVWFVI
;
_entity_poly.pdbx_seq_one_letter_code_can   
;APDWVPPEVFDLVAEDKARCMSEHGTTQAQIDDVDKGNLVNEPSITCYMYCLLEAFSLVDDEANVDEDIMLGLLPDQLQE
RAQSVMGKCLPTSGSDNCNKIYNLAKCVQESAPDVWFVI
;
_entity_poly.pdbx_strand_id                 A 
_entity_poly.pdbx_target_identifier         ? 
# 
loop_
_pdbx_entity_nonpoly.entity_id 
_pdbx_entity_nonpoly.name 
_pdbx_entity_nonpoly.comp_id 
2 '(20S)-20-methyldotetracontane' CMJ 
3 'CHLORIDE ION'                  CL  
4 water                           HOH 
# 
loop_
_entity_poly_seq.entity_id 
_entity_poly_seq.num 
_entity_poly_seq.mon_id 
_entity_poly_seq.hetero 
1 1   ALA n 
1 2   PRO n 
1 3   ASP n 
1 4   TRP n 
1 5   VAL n 
1 6   PRO n 
1 7   PRO n 
1 8   GLU n 
1 9   VAL n 
1 10  PHE n 
1 11  ASP n 
1 12  LEU n 
1 13  VAL n 
1 14  ALA n 
1 15  GLU n 
1 16  ASP n 
1 17  LYS n 
1 18  ALA n 
1 19  ARG n 
1 20  CYS n 
1 21  MET n 
1 22  SER n 
1 23  GLU n 
1 24  HIS n 
1 25  GLY n 
1 26  THR n 
1 27  THR n 
1 28  GLN n 
1 29  ALA n 
1 30  GLN n 
1 31  ILE n 
1 32  ASP n 
1 33  ASP n 
1 34  VAL n 
1 35  ASP n 
1 36  LYS n 
1 37  GLY n 
1 38  ASN n 
1 39  LEU n 
1 40  VAL n 
1 41  ASN n 
1 42  GLU n 
1 43  PRO n 
1 44  SER n 
1 45  ILE n 
1 46  THR n 
1 47  CYS n 
1 48  TYR n 
1 49  MET n 
1 50  TYR n 
1 51  CYS n 
1 52  LEU n 
1 53  LEU n 
1 54  GLU n 
1 55  ALA n 
1 56  PHE n 
1 57  SER n 
1 58  LEU n 
1 59  VAL n 
1 60  ASP n 
1 61  ASP n 
1 62  GLU n 
1 63  ALA n 
1 64  ASN n 
1 65  VAL n 
1 66  ASP n 
1 67  GLU n 
1 68  ASP n 
1 69  ILE n 
1 70  MET n 
1 71  LEU n 
1 72  GLY n 
1 73  LEU n 
1 74  LEU n 
1 75  PRO n 
1 76  ASP n 
1 77  GLN n 
1 78  LEU n 
1 79  GLN n 
1 80  GLU n 
1 81  ARG n 
1 82  ALA n 
1 83  GLN n 
1 84  SER n 
1 85  VAL n 
1 86  MET n 
1 87  GLY n 
1 88  LYS n 
1 89  CYS n 
1 90  LEU n 
1 91  PRO n 
1 92  THR n 
1 93  SER n 
1 94  GLY n 
1 95  SER n 
1 96  ASP n 
1 97  ASN n 
1 98  CYS n 
1 99  ASN n 
1 100 LYS n 
1 101 ILE n 
1 102 TYR n 
1 103 ASN n 
1 104 LEU n 
1 105 ALA n 
1 106 LYS n 
1 107 CYS n 
1 108 VAL n 
1 109 GLN n 
1 110 GLU n 
1 111 SER n 
1 112 ALA n 
1 113 PRO n 
1 114 ASP n 
1 115 VAL n 
1 116 TRP n 
1 117 PHE n 
1 118 VAL n 
1 119 ILE n 
# 
_entity_src_gen.entity_id                          1 
_entity_src_gen.pdbx_src_id                        1 
_entity_src_gen.pdbx_alt_source_flag               sample 
_entity_src_gen.pdbx_seq_type                      ? 
_entity_src_gen.pdbx_beg_seq_num                   ? 
_entity_src_gen.pdbx_end_seq_num                   ? 
_entity_src_gen.gene_src_common_name               Honeybee 
_entity_src_gen.gene_src_genus                     ? 
_entity_src_gen.pdbx_gene_src_gene                 ? 
_entity_src_gen.gene_src_species                   ? 
_entity_src_gen.gene_src_strain                    ? 
_entity_src_gen.gene_src_tissue                    ? 
_entity_src_gen.gene_src_tissue_fraction           ? 
_entity_src_gen.gene_src_details                   ? 
_entity_src_gen.pdbx_gene_src_fragment             ? 
_entity_src_gen.pdbx_gene_src_scientific_name      'Apis mellifera' 
_entity_src_gen.pdbx_gene_src_ncbi_taxonomy_id     7460 
_entity_src_gen.pdbx_gene_src_variant              ? 
_entity_src_gen.pdbx_gene_src_cell_line            ? 
_entity_src_gen.pdbx_gene_src_atcc                 ? 
_entity_src_gen.pdbx_gene_src_organ                ? 
_entity_src_gen.pdbx_gene_src_organelle            ? 
_entity_src_gen.pdbx_gene_src_cell                 ? 
_entity_src_gen.pdbx_gene_src_cellular_location    ? 
_entity_src_gen.host_org_common_name               ? 
_entity_src_gen.pdbx_host_org_scientific_name      'Pichia pastoris' 
_entity_src_gen.pdbx_host_org_ncbi_taxonomy_id     4922 
_entity_src_gen.host_org_genus                     ? 
_entity_src_gen.pdbx_host_org_gene                 ? 
_entity_src_gen.pdbx_host_org_organ                ? 
_entity_src_gen.host_org_species                   ? 
_entity_src_gen.pdbx_host_org_tissue               ? 
_entity_src_gen.pdbx_host_org_tissue_fraction      ? 
_entity_src_gen.pdbx_host_org_strain               ? 
_entity_src_gen.pdbx_host_org_variant              ? 
_entity_src_gen.pdbx_host_org_cell_line            ? 
_entity_src_gen.pdbx_host_org_atcc                 ? 
_entity_src_gen.pdbx_host_org_culture_collection   ? 
_entity_src_gen.pdbx_host_org_cell                 ? 
_entity_src_gen.pdbx_host_org_organelle            ? 
_entity_src_gen.pdbx_host_org_cellular_location    ? 
_entity_src_gen.pdbx_host_org_vector_type          plasmid 
_entity_src_gen.pdbx_host_org_vector               ? 
_entity_src_gen.host_org_details                   ? 
_entity_src_gen.expression_system_id               ? 
_entity_src_gen.plasmid_name                       pHIL-D2 
_entity_src_gen.plasmid_details                    ? 
_entity_src_gen.pdbx_description                   ? 
# 
loop_
_chem_comp.id 
_chem_comp.type 
_chem_comp.mon_nstd_flag 
_chem_comp.name 
_chem_comp.pdbx_synonyms 
_chem_comp.formula 
_chem_comp.formula_weight 
ALA 'L-peptide linking' y ALANINE                         ? 'C3 H7 N O2'     89.093  
ARG 'L-peptide linking' y ARGININE                        ? 'C6 H15 N4 O2 1' 175.209 
ASN 'L-peptide linking' y ASPARAGINE                      ? 'C4 H8 N2 O3'    132.118 
ASP 'L-peptide linking' y 'ASPARTIC ACID'                 ? 'C4 H7 N O4'     133.103 
CL  non-polymer         . 'CHLORIDE ION'                  ? 'Cl -1'          35.453  
CMJ non-polymer         . '(20S)-20-methyldotetracontane' ? 'C43 H88'        605.159 
CYS 'L-peptide linking' y CYSTEINE                        ? 'C3 H7 N O2 S'   121.158 
GLN 'L-peptide linking' y GLUTAMINE                       ? 'C5 H10 N2 O3'   146.144 
GLU 'L-peptide linking' y 'GLUTAMIC ACID'                 ? 'C5 H9 N O4'     147.129 
GLY 'peptide linking'   y GLYCINE                         ? 'C2 H5 N O2'     75.067  
HIS 'L-peptide linking' y HISTIDINE                       ? 'C6 H10 N3 O2 1' 156.162 
HOH non-polymer         . WATER                           ? 'H2 O'           18.015  
ILE 'L-peptide linking' y ISOLEUCINE                      ? 'C6 H13 N O2'    131.173 
LEU 'L-peptide linking' y LEUCINE                         ? 'C6 H13 N O2'    131.173 
LYS 'L-peptide linking' y LYSINE                          ? 'C6 H15 N2 O2 1' 147.195 
MET 'L-peptide linking' y METHIONINE                      ? 'C5 H11 N O2 S'  149.211 
PHE 'L-peptide linking' y PHENYLALANINE                   ? 'C9 H11 N O2'    165.189 
PRO 'L-peptide linking' y PROLINE                         ? 'C5 H9 N O2'     115.130 
SER 'L-peptide linking' y SERINE                          ? 'C3 H7 N O3'     105.093 
THR 'L-peptide linking' y THREONINE                       ? 'C4 H9 N O3'     119.119 
TRP 'L-peptide linking' y TRYPTOPHAN                      ? 'C11 H12 N2 O2'  204.225 
TYR 'L-peptide linking' y TYROSINE                        ? 'C9 H11 N O3'    181.189 
VAL 'L-peptide linking' y VALINE                          ? 'C5 H11 N O2'    117.146 
# 
loop_
_pdbx_poly_seq_scheme.asym_id 
_pdbx_poly_seq_scheme.entity_id 
_pdbx_poly_seq_scheme.seq_id 
_pdbx_poly_seq_scheme.mon_id 
_pdbx_poly_seq_scheme.ndb_seq_num 
_pdbx_poly_seq_scheme.pdb_seq_num 
_pdbx_poly_seq_scheme.auth_seq_num 
_pdbx_poly_seq_scheme.pdb_mon_id 
_pdbx_poly_seq_scheme.auth_mon_id 
_pdbx_poly_seq_scheme.pdb_strand_id 
_pdbx_poly_seq_scheme.pdb_ins_code 
_pdbx_poly_seq_scheme.hetero 
A 1 1   ALA 1   1   ?   ?   ?   A . n 
A 1 2   PRO 2   2   ?   ?   ?   A . n 
A 1 3   ASP 3   3   3   ASP ASP A . n 
A 1 4   TRP 4   4   4   TRP TRP A . n 
A 1 5   VAL 5   5   5   VAL VAL A . n 
A 1 6   PRO 6   6   6   PRO PRO A . n 
A 1 7   PRO 7   7   7   PRO PRO A . n 
A 1 8   GLU 8   8   8   GLU GLU A . n 
A 1 9   VAL 9   9   9   VAL VAL A . n 
A 1 10  PHE 10  10  10  PHE PHE A . n 
A 1 11  ASP 11  11  11  ASP ASP A . n 
A 1 12  LEU 12  12  12  LEU LEU A . n 
A 1 13  VAL 13  13  13  VAL VAL A . n 
A 1 14  ALA 14  14  14  ALA ALA A . n 
A 1 15  GLU 15  15  15  GLU GLU A . n 
A 1 16  ASP 16  16  16  ASP ASP A . n 
A 1 17  LYS 17  17  17  LYS LYS A . n 
A 1 18  ALA 18  18  18  ALA ALA A . n 
A 1 19  ARG 19  19  19  ARG ARG A . n 
A 1 20  CYS 20  20  20  CYS CYS A . n 
A 1 21  MET 21  21  21  MET MET A . n 
A 1 22  SER 22  22  22  SER SER A . n 
A 1 23  GLU 23  23  23  GLU GLU A . n 
A 1 24  HIS 24  24  24  HIS HIS A . n 
A 1 25  GLY 25  25  25  GLY GLY A . n 
A 1 26  THR 26  26  26  THR THR A . n 
A 1 27  THR 27  27  27  THR THR A . n 
A 1 28  GLN 28  28  28  GLN GLN A . n 
A 1 29  ALA 29  29  29  ALA ALA A . n 
A 1 30  GLN 30  30  30  GLN GLN A . n 
A 1 31  ILE 31  31  31  ILE ILE A . n 
A 1 32  ASP 32  32  32  ASP ASP A . n 
A 1 33  ASP 33  33  33  ASP ASP A . n 
A 1 34  VAL 34  34  34  VAL VAL A . n 
A 1 35  ASP 35  35  35  ASP ASP A . n 
A 1 36  LYS 36  36  36  LYS LYS A . n 
A 1 37  GLY 37  37  37  GLY GLY A . n 
A 1 38  ASN 38  38  38  ASN ASN A . n 
A 1 39  LEU 39  39  39  LEU LEU A . n 
A 1 40  VAL 40  40  40  VAL VAL A . n 
A 1 41  ASN 41  41  41  ASN ASN A . n 
A 1 42  GLU 42  42  42  GLU GLU A . n 
A 1 43  PRO 43  43  43  PRO PRO A . n 
A 1 44  SER 44  44  44  SER SER A . n 
A 1 45  ILE 45  45  45  ILE ILE A . n 
A 1 46  THR 46  46  46  THR THR A . n 
A 1 47  CYS 47  47  47  CYS CYS A . n 
A 1 48  TYR 48  48  48  TYR TYR A . n 
A 1 49  MET 49  49  49  MET MET A . n 
A 1 50  TYR 50  50  50  TYR TYR A . n 
A 1 51  CYS 51  51  51  CYS CYS A . n 
A 1 52  LEU 52  52  52  LEU LEU A . n 
A 1 53  LEU 53  53  53  LEU LEU A . n 
A 1 54  GLU 54  54  54  GLU GLU A . n 
A 1 55  ALA 55  55  55  ALA ALA A . n 
A 1 56  PHE 56  56  56  PHE PHE A . n 
A 1 57  SER 57  57  57  SER SER A . n 
A 1 58  LEU 58  58  58  LEU LEU A . n 
A 1 59  VAL 59  59  59  VAL VAL A . n 
A 1 60  ASP 60  60  60  ASP ASP A . n 
A 1 61  ASP 61  61  61  ASP ASP A . n 
A 1 62  GLU 62  62  62  GLU GLU A . n 
A 1 63  ALA 63  63  63  ALA ALA A . n 
A 1 64  ASN 64  64  64  ASN ASN A . n 
A 1 65  VAL 65  65  65  VAL VAL A . n 
A 1 66  ASP 66  66  66  ASP ASP A . n 
A 1 67  GLU 67  67  67  GLU GLU A . n 
A 1 68  ASP 68  68  68  ASP ASP A . n 
A 1 69  ILE 69  69  69  ILE ILE A . n 
A 1 70  MET 70  70  70  MET MET A . n 
A 1 71  LEU 71  71  71  LEU LEU A . n 
A 1 72  GLY 72  72  72  GLY GLY A . n 
A 1 73  LEU 73  73  73  LEU LEU A . n 
A 1 74  LEU 74  74  74  LEU LEU A . n 
A 1 75  PRO 75  75  75  PRO PRO A . n 
A 1 76  ASP 76  76  76  ASP ASP A . n 
A 1 77  GLN 77  77  77  GLN GLN A . n 
A 1 78  LEU 78  78  78  LEU LEU A . n 
A 1 79  GLN 79  79  79  GLN GLN A . n 
A 1 80  GLU 80  80  80  GLU GLU A . n 
A 1 81  ARG 81  81  81  ARG ARG A . n 
A 1 82  ALA 82  82  82  ALA ALA A . n 
A 1 83  GLN 83  83  83  GLN GLN A . n 
A 1 84  SER 84  84  84  SER SER A . n 
A 1 85  VAL 85  85  85  VAL VAL A . n 
A 1 86  MET 86  86  86  MET MET A . n 
A 1 87  GLY 87  87  87  GLY GLY A . n 
A 1 88  LYS 88  88  88  LYS LYS A . n 
A 1 89  CYS 89  89  89  CYS CYS A . n 
A 1 90  LEU 90  90  90  LEU LEU A . n 
A 1 91  PRO 91  91  91  PRO PRO A . n 
A 1 92  THR 92  92  92  THR THR A . n 
A 1 93  SER 93  93  93  SER SER A . n 
A 1 94  GLY 94  94  94  GLY GLY A . n 
A 1 95  SER 95  95  95  SER SER A . n 
A 1 96  ASP 96  96  96  ASP ASP A . n 
A 1 97  ASN 97  97  97  ASN ASN A . n 
A 1 98  CYS 98  98  98  CYS CYS A . n 
A 1 99  ASN 99  99  99  ASN ASN A . n 
A 1 100 LYS 100 100 100 LYS LYS A . n 
A 1 101 ILE 101 101 101 ILE ILE A . n 
A 1 102 TYR 102 102 102 TYR TYR A . n 
A 1 103 ASN 103 103 103 ASN ASN A . n 
A 1 104 LEU 104 104 104 LEU LEU A . n 
A 1 105 ALA 105 105 105 ALA ALA A . n 
A 1 106 LYS 106 106 106 LYS LYS A . n 
A 1 107 CYS 107 107 107 CYS CYS A . n 
A 1 108 VAL 108 108 108 VAL VAL A . n 
A 1 109 GLN 109 109 109 GLN GLN A . n 
A 1 110 GLU 110 110 110 GLU GLU A . n 
A 1 111 SER 111 111 111 SER SER A . n 
A 1 112 ALA 112 112 112 ALA ALA A . n 
A 1 113 PRO 113 113 113 PRO PRO A . n 
A 1 114 ASP 114 114 114 ASP ASP A . n 
A 1 115 VAL 115 115 115 VAL VAL A . n 
A 1 116 TRP 116 116 116 TRP TRP A . n 
A 1 117 PHE 117 117 117 PHE PHE A . n 
A 1 118 VAL 118 118 118 VAL VAL A . n 
A 1 119 ILE 119 119 119 ILE ILE A . n 
# 
loop_
_pdbx_nonpoly_scheme.asym_id 
_pdbx_nonpoly_scheme.entity_id 
_pdbx_nonpoly_scheme.mon_id 
_pdbx_nonpoly_scheme.ndb_seq_num 
_pdbx_nonpoly_scheme.pdb_seq_num 
_pdbx_nonpoly_scheme.auth_seq_num 
_pdbx_nonpoly_scheme.pdb_mon_id 
_pdbx_nonpoly_scheme.auth_mon_id 
_pdbx_nonpoly_scheme.pdb_strand_id 
_pdbx_nonpoly_scheme.pdb_ins_code 
B 2 CMJ 1   120 1   CMJ CME A . 
C 3 CL  1   121 1   CL  CL  A . 
D 4 HOH 1   122 3   HOH HOH A . 
D 4 HOH 2   123 123 HOH HOH A . 
D 4 HOH 3   124 4   HOH HOH A . 
D 4 HOH 4   125 125 HOH HOH A . 
D 4 HOH 5   126 126 HOH HOH A . 
D 4 HOH 6   127 127 HOH HOH A . 
D 4 HOH 7   128 5   HOH HOH A . 
D 4 HOH 8   129 7   HOH HOH A . 
D 4 HOH 9   130 8   HOH HOH A . 
D 4 HOH 10  131 9   HOH HOH A . 
D 4 HOH 11  132 132 HOH HOH A . 
D 4 HOH 12  133 133 HOH HOH A . 
D 4 HOH 13  134 10  HOH HOH A . 
D 4 HOH 14  135 11  HOH HOH A . 
D 4 HOH 15  136 12  HOH HOH A . 
D 4 HOH 16  137 137 HOH HOH A . 
D 4 HOH 17  138 138 HOH HOH A . 
D 4 HOH 18  139 13  HOH HOH A . 
D 4 HOH 19  140 14  HOH HOH A . 
D 4 HOH 20  141 15  HOH HOH A . 
D 4 HOH 21  142 16  HOH HOH A . 
D 4 HOH 22  143 17  HOH HOH A . 
D 4 HOH 23  144 18  HOH HOH A . 
D 4 HOH 24  145 19  HOH HOH A . 
D 4 HOH 25  146 20  HOH HOH A . 
D 4 HOH 26  147 147 HOH HOH A . 
D 4 HOH 27  148 148 HOH HOH A . 
D 4 HOH 28  149 149 HOH HOH A . 
D 4 HOH 29  150 21  HOH HOH A . 
D 4 HOH 30  151 22  HOH HOH A . 
D 4 HOH 31  152 152 HOH HOH A . 
D 4 HOH 32  153 153 HOH HOH A . 
D 4 HOH 33  154 154 HOH HOH A . 
D 4 HOH 34  155 23  HOH HOH A . 
D 4 HOH 35  156 24  HOH HOH A . 
D 4 HOH 36  157 25  HOH HOH A . 
D 4 HOH 37  158 27  HOH HOH A . 
D 4 HOH 38  159 30  HOH HOH A . 
D 4 HOH 39  160 33  HOH HOH A . 
D 4 HOH 40  161 161 HOH HOH A . 
D 4 HOH 41  162 34  HOH HOH A . 
D 4 HOH 42  163 35  HOH HOH A . 
D 4 HOH 43  164 41  HOH HOH A . 
D 4 HOH 44  165 165 HOH HOH A . 
D 4 HOH 45  166 42  HOH HOH A . 
D 4 HOH 46  167 47  HOH HOH A . 
D 4 HOH 47  168 168 HOH HOH A . 
D 4 HOH 48  169 48  HOH HOH A . 
D 4 HOH 49  170 49  HOH HOH A . 
D 4 HOH 50  171 50  HOH HOH A . 
D 4 HOH 51  172 51  HOH HOH A . 
D 4 HOH 52  173 52  HOH HOH A . 
D 4 HOH 53  174 53  HOH HOH A . 
D 4 HOH 54  175 54  HOH HOH A . 
D 4 HOH 55  176 56  HOH HOH A . 
D 4 HOH 56  177 177 HOH HOH A . 
D 4 HOH 57  178 57  HOH HOH A . 
D 4 HOH 58  179 58  HOH HOH A . 
D 4 HOH 59  180 59  HOH HOH A . 
D 4 HOH 60  181 63  HOH HOH A . 
D 4 HOH 61  182 182 HOH HOH A . 
D 4 HOH 62  183 64  HOH HOH A . 
D 4 HOH 63  184 65  HOH HOH A . 
D 4 HOH 64  185 66  HOH HOH A . 
D 4 HOH 65  186 67  HOH HOH A . 
D 4 HOH 66  187 68  HOH HOH A . 
D 4 HOH 67  188 188 HOH HOH A . 
D 4 HOH 68  189 69  HOH HOH A . 
D 4 HOH 69  190 190 HOH HOH A . 
D 4 HOH 70  191 70  HOH HOH A . 
D 4 HOH 71  192 72  HOH HOH A . 
D 4 HOH 72  193 193 HOH HOH A . 
D 4 HOH 73  194 194 HOH HOH A . 
D 4 HOH 74  195 75  HOH HOH A . 
D 4 HOH 75  196 196 HOH HOH A . 
D 4 HOH 76  197 76  HOH HOH A . 
D 4 HOH 77  198 78  HOH HOH A . 
D 4 HOH 78  199 199 HOH HOH A . 
D 4 HOH 79  200 80  HOH HOH A . 
D 4 HOH 80  201 83  HOH HOH A . 
D 4 HOH 81  202 87  HOH HOH A . 
D 4 HOH 82  203 89  HOH HOH A . 
D 4 HOH 83  204 90  HOH HOH A . 
D 4 HOH 84  205 205 HOH HOH A . 
D 4 HOH 85  206 91  HOH HOH A . 
D 4 HOH 86  207 100 HOH HOH A . 
D 4 HOH 87  208 101 HOH HOH A . 
D 4 HOH 88  209 102 HOH HOH A . 
D 4 HOH 89  210 105 HOH HOH A . 
D 4 HOH 90  211 211 HOH HOH A . 
D 4 HOH 91  212 106 HOH HOH A . 
D 4 HOH 92  213 112 HOH HOH A . 
D 4 HOH 93  214 114 HOH HOH A . 
D 4 HOH 94  215 116 HOH HOH A . 
D 4 HOH 95  216 118 HOH HOH A . 
D 4 HOH 96  218 218 HOH HOH A . 
D 4 HOH 97  219 219 HOH HOH A . 
D 4 HOH 98  225 225 HOH HOH A . 
D 4 HOH 99  226 226 HOH HOH A . 
D 4 HOH 100 230 230 HOH HOH A . 
D 4 HOH 101 231 231 HOH HOH A . 
D 4 HOH 102 233 233 HOH HOH A . 
D 4 HOH 103 288 288 HOH HOH A . 
D 4 HOH 104 294 294 HOH HOH A . 
D 4 HOH 105 295 295 HOH HOH A . 
D 4 HOH 106 296 296 HOH HOH A . 
D 4 HOH 107 297 297 HOH HOH A . 
D 4 HOH 108 298 298 HOH HOH A . 
D 4 HOH 109 299 299 HOH HOH A . 
D 4 HOH 110 300 300 HOH HOH A . 
D 4 HOH 111 303 303 HOH HOH A . 
D 4 HOH 112 304 304 HOH HOH A . 
D 4 HOH 113 305 305 HOH HOH A . 
D 4 HOH 114 306 306 HOH HOH A . 
D 4 HOH 115 309 309 HOH HOH A . 
D 4 HOH 116 314 314 HOH HOH A . 
D 4 HOH 117 315 315 HOH HOH A . 
D 4 HOH 118 316 316 HOH HOH A . 
D 4 HOH 119 317 317 HOH HOH A . 
D 4 HOH 120 318 318 HOH HOH A . 
D 4 HOH 121 321 321 HOH HOH A . 
D 4 HOH 122 324 324 HOH HOH A . 
D 4 HOH 123 328 328 HOH HOH A . 
D 4 HOH 124 332 332 HOH HOH A . 
D 4 HOH 125 333 333 HOH HOH A . 
D 4 HOH 126 353 353 HOH HOH A . 
D 4 HOH 127 356 356 HOH HOH A . 
D 4 HOH 128 357 357 HOH HOH A . 
D 4 HOH 129 358 358 HOH HOH A . 
D 4 HOH 130 359 359 HOH HOH A . 
D 4 HOH 131 360 360 HOH HOH A . 
D 4 HOH 132 362 362 HOH HOH A . 
D 4 HOH 133 363 363 HOH HOH A . 
D 4 HOH 134 364 364 HOH HOH A . 
D 4 HOH 135 365 365 HOH HOH A . 
D 4 HOH 136 366 366 HOH HOH A . 
D 4 HOH 137 370 370 HOH HOH A . 
D 4 HOH 138 371 371 HOH HOH A . 
D 4 HOH 139 373 373 HOH HOH A . 
D 4 HOH 140 375 375 HOH HOH A . 
D 4 HOH 141 378 378 HOH HOH A . 
D 4 HOH 142 388 388 HOH HOH A . 
D 4 HOH 143 395 395 HOH HOH A . 
D 4 HOH 144 397 397 HOH HOH A . 
D 4 HOH 145 398 398 HOH HOH A . 
D 4 HOH 146 404 404 HOH HOH A . 
D 4 HOH 147 405 405 HOH HOH A . 
D 4 HOH 148 406 406 HOH HOH A . 
D 4 HOH 149 407 407 HOH HOH A . 
D 4 HOH 150 408 408 HOH HOH A . 
D 4 HOH 151 410 410 HOH HOH A . 
D 4 HOH 152 411 411 HOH HOH A . 
D 4 HOH 153 412 412 HOH HOH A . 
D 4 HOH 154 413 413 HOH HOH A . 
D 4 HOH 155 414 414 HOH HOH A . 
D 4 HOH 156 415 415 HOH HOH A . 
D 4 HOH 157 416 416 HOH HOH A . 
D 4 HOH 158 418 418 HOH HOH A . 
D 4 HOH 159 419 419 HOH HOH A . 
# 
loop_
_software.name 
_software.classification 
_software.version 
_software.citation_id 
_software.pdbx_ordinal 
ADSC   'data collection' Quantum  ? 1 
REFMAC refinement        5.4.0077 ? 2 
MOSFLM 'data reduction'  .        ? 3 
SCALA  'data scaling'    .        ? 4 
REFMAC phasing           5.4.0077 ? 5 
# 
_cell.entry_id           3FE9 
_cell.length_a           83.298 
_cell.length_b           83.909 
_cell.length_c           46.804 
_cell.angle_alpha        90.00 
_cell.angle_beta         90.00 
_cell.angle_gamma        90.00 
_cell.Z_PDB              8 
_cell.pdbx_unique_axis   ? 
_cell.length_a_esd       ? 
_cell.length_b_esd       ? 
_cell.length_c_esd       ? 
_cell.angle_alpha_esd    ? 
_cell.angle_beta_esd     ? 
_cell.angle_gamma_esd    ? 
# 
_symmetry.entry_id                         3FE9 
_symmetry.space_group_name_H-M             'C 2 2 21' 
_symmetry.pdbx_full_space_group_name_H-M   ? 
_symmetry.cell_setting                     ? 
_symmetry.Int_Tables_number                20 
_symmetry.space_group_name_Hall            ? 
# 
_exptl.entry_id          3FE9 
_exptl.method            'X-RAY DIFFRACTION' 
_exptl.crystals_number   1 
# 
_exptl_crystal.id                    1 
_exptl_crystal.density_meas          ? 
_exptl_crystal.density_Matthews      3.10 
_exptl_crystal.density_percent_sol   60.31 
_exptl_crystal.description           ? 
_exptl_crystal.F_000                 ? 
_exptl_crystal.preparation           ? 
# 
_exptl_crystal_grow.crystal_id      1 
_exptl_crystal_grow.method          'VAPOR DIFFUSION, SITTING DROP' 
_exptl_crystal_grow.temp            293 
_exptl_crystal_grow.temp_details    ? 
_exptl_crystal_grow.pH              5.5 
_exptl_crystal_grow.pdbx_details    
'1.7M ammonium sulfate, 0.1M sodium citrate, pH5.5, VAPOR DIFFUSION, SITTING DROP, temperature 293K' 
_exptl_crystal_grow.pdbx_pH_range   . 
# 
_diffrn.id                     1 
_diffrn.ambient_temp           100 
_diffrn.ambient_temp_details   ? 
_diffrn.crystal_id             1 
# 
_diffrn_detector.diffrn_id              1 
_diffrn_detector.detector               CCD 
_diffrn_detector.type                   'ADSC QUANTUM 4' 
_diffrn_detector.pdbx_collection_date   2007-11-24 
_diffrn_detector.details                'tiroidal mirror' 
# 
_diffrn_radiation.diffrn_id                        1 
_diffrn_radiation.wavelength_id                    1 
_diffrn_radiation.pdbx_monochromatic_or_laue_m_l   M 
_diffrn_radiation.monochromator                    'Si 111' 
_diffrn_radiation.pdbx_diffrn_protocol             'SINGLE WAVELENGTH' 
_diffrn_radiation.pdbx_scattering_type             x-ray 
# 
_diffrn_radiation_wavelength.id           1 
_diffrn_radiation_wavelength.wavelength   0.933 
_diffrn_radiation_wavelength.wt           1.0 
# 
_diffrn_source.diffrn_id                   1 
_diffrn_source.source                      SYNCHROTRON 
_diffrn_source.type                        'ESRF BEAMLINE ID14-2' 
_diffrn_source.pdbx_synchrotron_site       ESRF 
_diffrn_source.pdbx_synchrotron_beamline   ID14-2 
_diffrn_source.pdbx_wavelength             ? 
_diffrn_source.pdbx_wavelength_list        0.933 
# 
_reflns.entry_id                     3FE9 
_reflns.observed_criterion_sigma_I   ? 
_reflns.observed_criterion_sigma_F   ? 
_reflns.d_resolution_low             41.96 
_reflns.d_resolution_high            1.75 
_reflns.number_obs                   16926 
_reflns.number_all                   16926 
_reflns.percent_possible_obs         99.9 
_reflns.pdbx_Rmerge_I_obs            0.087 
_reflns.pdbx_Rsym_value              0.087 
_reflns.pdbx_netI_over_sigmaI        21.2 
_reflns.B_iso_Wilson_estimate        21.99 
_reflns.pdbx_redundancy              7.9 
_reflns.R_free_details               ? 
_reflns.limit_h_max                  ? 
_reflns.limit_h_min                  ? 
_reflns.limit_k_max                  ? 
_reflns.limit_k_min                  ? 
_reflns.limit_l_max                  ? 
_reflns.limit_l_min                  ? 
_reflns.observed_criterion_F_max     ? 
_reflns.observed_criterion_F_min     ? 
_reflns.pdbx_chi_squared             ? 
_reflns.pdbx_scaling_rejects         ? 
_reflns.pdbx_ordinal                 1 
_reflns.pdbx_diffrn_id               1 
# 
_reflns_shell.d_res_high             1.75 
_reflns_shell.d_res_low              1.84 
_reflns_shell.percent_possible_all   100 
_reflns_shell.Rmerge_I_obs           0.484 
_reflns_shell.pdbx_Rsym_value        0.484 
_reflns_shell.meanI_over_sigI_obs    4.1 
_reflns_shell.pdbx_redundancy        8.0 
_reflns_shell.percent_possible_obs   ? 
_reflns_shell.number_unique_all      2441 
_reflns_shell.number_measured_all    ? 
_reflns_shell.number_measured_obs    ? 
_reflns_shell.number_unique_obs      ? 
_reflns_shell.pdbx_chi_squared       ? 
_reflns_shell.pdbx_ordinal           1 
_reflns_shell.pdbx_diffrn_id         1 
# 
_refine.entry_id                                 3FE9 
_refine.ls_number_reflns_obs                     15916 
_refine.ls_number_reflns_all                     15916 
_refine.pdbx_ls_sigma_I                          ? 
_refine.pdbx_ls_sigma_F                          ? 
_refine.pdbx_data_cutoff_high_absF               ? 
_refine.pdbx_data_cutoff_low_absF                ? 
_refine.pdbx_data_cutoff_high_rms_absF           ? 
_refine.ls_d_res_low                             30.00 
_refine.ls_d_res_high                            1.75 
_refine.ls_percent_reflns_obs                    99.89 
_refine.ls_R_factor_obs                          0.16238 
_refine.ls_R_factor_all                          0.16238 
_refine.ls_R_factor_R_work                       0.16084 
_refine.ls_R_factor_R_free                       0.18689 
_refine.ls_R_factor_R_free_error                 ? 
_refine.ls_R_factor_R_free_error_details         ? 
_refine.ls_percent_reflns_R_free                 5.9 
_refine.ls_number_reflns_R_free                  992 
_refine.ls_number_parameters                     ? 
_refine.ls_number_restraints                     ? 
_refine.occupancy_min                            ? 
_refine.occupancy_max                            ? 
_refine.correlation_coeff_Fo_to_Fc               0.960 
_refine.correlation_coeff_Fo_to_Fc_free          0.954 
_refine.B_iso_mean                               11.954 
_refine.aniso_B[1][1]                            0.06 
_refine.aniso_B[2][2]                            0.09 
_refine.aniso_B[3][3]                            -0.15 
_refine.aniso_B[1][2]                            -0.00 
_refine.aniso_B[1][3]                            0.00 
_refine.aniso_B[2][3]                            -0.00 
_refine.solvent_model_details                    'BABINET MODEL WITH MASK' 
_refine.solvent_model_param_ksol                 ? 
_refine.solvent_model_param_bsol                 ? 
_refine.pdbx_solvent_vdw_probe_radii             1.20 
_refine.pdbx_solvent_ion_probe_radii             0.80 
_refine.pdbx_solvent_shrinkage_radii             0.80 
_refine.pdbx_ls_cross_valid_method               THROUGHOUT 
_refine.details                                  'HYDROGENS HAVE BEEN ADDED IN THE RIDING POSITIONS' 
_refine.pdbx_starting_model                      'PDB ENTRY 2H8V' 
_refine.pdbx_method_to_determine_struct          'FOURIER SYNTHESIS' 
_refine.pdbx_isotropic_thermal_model             ? 
_refine.pdbx_stereochemistry_target_values       'MAXIMUM LIKELIHOOD' 
_refine.pdbx_stereochem_target_val_spec_case     ? 
_refine.pdbx_R_Free_selection_details            RANDOM 
_refine.pdbx_overall_ESU_R                       0.091 
_refine.pdbx_overall_ESU_R_Free                  0.089 
_refine.overall_SU_ML                            0.055 
_refine.overall_SU_B                             3.743 
_refine.ls_redundancy_reflns_obs                 ? 
_refine.B_iso_min                                ? 
_refine.B_iso_max                                ? 
_refine.overall_SU_R_Cruickshank_DPI             ? 
_refine.overall_SU_R_free                        ? 
_refine.ls_wR_factor_R_free                      ? 
_refine.ls_wR_factor_R_work                      ? 
_refine.overall_FOM_free_R_set                   ? 
_refine.overall_FOM_work_R_set                   ? 
_refine.pdbx_refine_id                           'X-RAY DIFFRACTION' 
_refine.pdbx_overall_phase_error                 ? 
_refine.pdbx_TLS_residual_ADP_flag               'LIKELY RESIDUAL' 
_refine.pdbx_diffrn_id                           1 
_refine.pdbx_overall_SU_R_free_Cruickshank_DPI   ? 
_refine.pdbx_overall_SU_R_Blow_DPI               ? 
_refine.pdbx_overall_SU_R_free_Blow_DPI          ? 
# 
_refine_analyze.entry_id                        3FE9 
_refine_analyze.Luzzati_coordinate_error_obs    ? 
_refine_analyze.Luzzati_sigma_a_obs             ? 
_refine_analyze.Luzzati_d_res_low_obs           ? 
_refine_analyze.Luzzati_coordinate_error_free   0.089 
_refine_analyze.Luzzati_sigma_a_free            ? 
_refine_analyze.Luzzati_d_res_low_free          ? 
_refine_analyze.number_disordered_residues      ? 
_refine_analyze.occupancy_sum_hydrogen          ? 
_refine_analyze.occupancy_sum_non_hydrogen      ? 
_refine_analyze.pdbx_Luzzati_d_res_high_obs     ? 
_refine_analyze.pdbx_refine_id                  'X-RAY DIFFRACTION' 
# 
_refine_hist.pdbx_refine_id                   'X-RAY DIFFRACTION' 
_refine_hist.cycle_id                         LAST 
_refine_hist.pdbx_number_atoms_protein        907 
_refine_hist.pdbx_number_atoms_nucleic_acid   0 
_refine_hist.pdbx_number_atoms_ligand         44 
_refine_hist.number_atoms_solvent             159 
_refine_hist.number_atoms_total               1110 
_refine_hist.d_res_high                       1.75 
_refine_hist.d_res_low                        30.00 
# 
loop_
_refine_ls_restr.type 
_refine_ls_restr.dev_ideal 
_refine_ls_restr.dev_ideal_target 
_refine_ls_restr.weight 
_refine_ls_restr.number 
_refine_ls_restr.pdbx_refine_id 
_refine_ls_restr.pdbx_restraint_function 
r_bond_refined_d       0.012  0.022  ? 998  'X-RAY DIFFRACTION' ? 
r_bond_other_d         0.001  0.020  ? 702  'X-RAY DIFFRACTION' ? 
r_angle_refined_deg    1.277  2.006  ? 1351 'X-RAY DIFFRACTION' ? 
r_angle_other_deg      1.208  3.007  ? 1743 'X-RAY DIFFRACTION' ? 
r_dihedral_angle_1_deg 5.404  5.000  ? 122  'X-RAY DIFFRACTION' ? 
r_dihedral_angle_2_deg 36.404 27.174 ? 46   'X-RAY DIFFRACTION' ? 
r_dihedral_angle_3_deg 12.752 15.000 ? 169  'X-RAY DIFFRACTION' ? 
r_dihedral_angle_4_deg 11.020 15.000 ? 2    'X-RAY DIFFRACTION' ? 
r_chiral_restr         0.083  0.200  ? 153  'X-RAY DIFFRACTION' ? 
r_gen_planes_refined   0.007  0.021  ? 1064 'X-RAY DIFFRACTION' ? 
r_gen_planes_other     0.002  0.020  ? 160  'X-RAY DIFFRACTION' ? 
r_mcbond_it            0.632  1.500  ? 599  'X-RAY DIFFRACTION' ? 
r_mcbond_other         0.194  1.500  ? 235  'X-RAY DIFFRACTION' ? 
r_mcangle_it           1.141  2.000  ? 981  'X-RAY DIFFRACTION' ? 
r_scbond_it            1.835  3.000  ? 399  'X-RAY DIFFRACTION' ? 
r_scangle_it           2.839  4.500  ? 367  'X-RAY DIFFRACTION' ? 
# 
_refine_ls_shell.pdbx_total_number_of_bins_used   20 
_refine_ls_shell.d_res_high                       1.750 
_refine_ls_shell.d_res_low                        1.795 
_refine_ls_shell.number_reflns_R_work             1152 
_refine_ls_shell.R_factor_R_work                  0.189 
_refine_ls_shell.percent_reflns_obs               100.00 
_refine_ls_shell.R_factor_R_free                  0.206 
_refine_ls_shell.R_factor_R_free_error            ? 
_refine_ls_shell.percent_reflns_R_free            ? 
_refine_ls_shell.number_reflns_R_free             85 
_refine_ls_shell.number_reflns_all                ? 
_refine_ls_shell.R_factor_all                     ? 
_refine_ls_shell.number_reflns_obs                1152 
_refine_ls_shell.redundancy_reflns_obs            ? 
_refine_ls_shell.pdbx_refine_id                   'X-RAY DIFFRACTION' 
# 
_struct.entry_id                  3FE9 
_struct.title                     
'Crystal structure of a pheromone binding protein from Apis mellifera with a serendipitous ligand soaked at pH 7.0' 
_struct.pdbx_model_details        ? 
_struct.pdbx_CASP_flag            ? 
_struct.pdbx_model_type_details   ? 
# 
_struct_keywords.entry_id        3FE9 
_struct_keywords.pdbx_keywords   'Pheromone binding protein' 
_struct_keywords.text            
'Pheromone binding protein, honey bee, Apis mellifera, signal transduction, queen mandibular protein' 
# 
loop_
_struct_asym.id 
_struct_asym.pdbx_blank_PDB_chainid_flag 
_struct_asym.pdbx_modified 
_struct_asym.entity_id 
_struct_asym.details 
A N N 1 ? 
B N N 2 ? 
C N N 3 ? 
D N N 4 ? 
# 
_struct_ref.id                         1 
_struct_ref.db_name                    UNP 
_struct_ref.db_code                    Q9U9J6_APIME 
_struct_ref.pdbx_db_accession          Q9U9J6 
_struct_ref.entity_id                  1 
_struct_ref.pdbx_seq_one_letter_code   
;APDWVPPEVFDLVAEDKARCMSEHGTTQAQIDDVDKGNLVNEPSITCYMYCLLEAFSLVDDEANVDEDIMLGLLPDQLQE
RAQSVMGKCLPTSGSDNCNKIYNLAKCVQESAPDVWFVI
;
_struct_ref.pdbx_align_begin           26 
_struct_ref.pdbx_db_isoform            ? 
# 
_struct_ref_seq.align_id                      1 
_struct_ref_seq.ref_id                        1 
_struct_ref_seq.pdbx_PDB_id_code              3FE9 
_struct_ref_seq.pdbx_strand_id                A 
_struct_ref_seq.seq_align_beg                 1 
_struct_ref_seq.pdbx_seq_align_beg_ins_code   ? 
_struct_ref_seq.seq_align_end                 119 
_struct_ref_seq.pdbx_seq_align_end_ins_code   ? 
_struct_ref_seq.pdbx_db_accession             Q9U9J6 
_struct_ref_seq.db_align_beg                  26 
_struct_ref_seq.pdbx_db_align_beg_ins_code    ? 
_struct_ref_seq.db_align_end                  144 
_struct_ref_seq.pdbx_db_align_end_ins_code    ? 
_struct_ref_seq.pdbx_auth_seq_align_beg       1 
_struct_ref_seq.pdbx_auth_seq_align_end       119 
# 
_pdbx_struct_assembly.id                   1 
_pdbx_struct_assembly.details              author_and_software_defined_assembly 
_pdbx_struct_assembly.method_details       PISA 
_pdbx_struct_assembly.oligomeric_details   monomeric 
_pdbx_struct_assembly.oligomeric_count     1 
# 
_pdbx_struct_assembly_gen.assembly_id       1 
_pdbx_struct_assembly_gen.oper_expression   1 
_pdbx_struct_assembly_gen.asym_id_list      A,B,C,D 
# 
_pdbx_struct_oper_list.id                   1 
_pdbx_struct_oper_list.type                 'identity operation' 
_pdbx_struct_oper_list.name                 1_555 
_pdbx_struct_oper_list.symmetry_operation   x,y,z 
_pdbx_struct_oper_list.matrix[1][1]         1.0000000000 
_pdbx_struct_oper_list.matrix[1][2]         0.0000000000 
_pdbx_struct_oper_list.matrix[1][3]         0.0000000000 
_pdbx_struct_oper_list.vector[1]            0.0000000000 
_pdbx_struct_oper_list.matrix[2][1]         0.0000000000 
_pdbx_struct_oper_list.matrix[2][2]         1.0000000000 
_pdbx_struct_oper_list.matrix[2][3]         0.0000000000 
_pdbx_struct_oper_list.vector[2]            0.0000000000 
_pdbx_struct_oper_list.matrix[3][1]         0.0000000000 
_pdbx_struct_oper_list.matrix[3][2]         0.0000000000 
_pdbx_struct_oper_list.matrix[3][3]         1.0000000000 
_pdbx_struct_oper_list.vector[3]            0.0000000000 
# 
_struct_biol.id        1 
_struct_biol.details   ? 
# 
loop_
_struct_conf.conf_type_id 
_struct_conf.id 
_struct_conf.pdbx_PDB_helix_id 
_struct_conf.beg_label_comp_id 
_struct_conf.beg_label_asym_id 
_struct_conf.beg_label_seq_id 
_struct_conf.pdbx_beg_PDB_ins_code 
_struct_conf.end_label_comp_id 
_struct_conf.end_label_asym_id 
_struct_conf.end_label_seq_id 
_struct_conf.pdbx_end_PDB_ins_code 
_struct_conf.beg_auth_comp_id 
_struct_conf.beg_auth_asym_id 
_struct_conf.beg_auth_seq_id 
_struct_conf.end_auth_comp_id 
_struct_conf.end_auth_asym_id 
_struct_conf.end_auth_seq_id 
_struct_conf.pdbx_PDB_helix_class 
_struct_conf.details 
_struct_conf.pdbx_PDB_helix_length 
HELX_P HELX_P1 1 GLU A 8  ? GLY A 25  ? GLU A 8  GLY A 25  1 ? 18 
HELX_P HELX_P2 2 THR A 27 ? LYS A 36  ? THR A 27 LYS A 36  1 ? 10 
HELX_P HELX_P3 3 GLU A 42 ? PHE A 56  ? GLU A 42 PHE A 56  1 ? 15 
HELX_P HELX_P4 4 ASP A 66 ? LEU A 74  ? ASP A 66 LEU A 74  1 ? 9  
HELX_P HELX_P5 5 PRO A 75 ? GLN A 77  ? PRO A 75 GLN A 77  5 ? 3  
HELX_P HELX_P6 6 LEU A 78 ? LEU A 90  ? LEU A 78 LEU A 90  1 ? 13 
HELX_P HELX_P7 7 ASP A 96 ? ALA A 112 ? ASP A 96 ALA A 112 1 ? 17 
# 
_struct_conf_type.id          HELX_P 
_struct_conf_type.criteria    ? 
_struct_conf_type.reference   ? 
# 
loop_
_struct_conn.id 
_struct_conn.conn_type_id 
_struct_conn.pdbx_leaving_atom_flag 
_struct_conn.pdbx_PDB_id 
_struct_conn.ptnr1_label_asym_id 
_struct_conn.ptnr1_label_comp_id 
_struct_conn.ptnr1_label_seq_id 
_struct_conn.ptnr1_label_atom_id 
_struct_conn.pdbx_ptnr1_label_alt_id 
_struct_conn.pdbx_ptnr1_PDB_ins_code 
_struct_conn.pdbx_ptnr1_standard_comp_id 
_struct_conn.ptnr1_symmetry 
_struct_conn.ptnr2_label_asym_id 
_struct_conn.ptnr2_label_comp_id 
_struct_conn.ptnr2_label_seq_id 
_struct_conn.ptnr2_label_atom_id 
_struct_conn.pdbx_ptnr2_label_alt_id 
_struct_conn.pdbx_ptnr2_PDB_ins_code 
_struct_conn.ptnr1_auth_asym_id 
_struct_conn.ptnr1_auth_comp_id 
_struct_conn.ptnr1_auth_seq_id 
_struct_conn.ptnr2_auth_asym_id 
_struct_conn.ptnr2_auth_comp_id 
_struct_conn.ptnr2_auth_seq_id 
_struct_conn.ptnr2_symmetry 
_struct_conn.pdbx_ptnr3_label_atom_id 
_struct_conn.pdbx_ptnr3_label_seq_id 
_struct_conn.pdbx_ptnr3_label_comp_id 
_struct_conn.pdbx_ptnr3_label_asym_id 
_struct_conn.pdbx_ptnr3_label_alt_id 
_struct_conn.pdbx_ptnr3_PDB_ins_code 
_struct_conn.details 
_struct_conn.pdbx_dist_value 
_struct_conn.pdbx_value_order 
_struct_conn.pdbx_role 
disulf1 disulf ? ? A CYS 20 SG ? ? ? 1_555 A CYS 51  SG ? ? A CYS 20 A CYS 51  1_555 ? ? ? ? ? ? ? 2.021 ? ? 
disulf2 disulf ? ? A CYS 47 SG ? ? ? 1_555 A CYS 98  SG ? ? A CYS 47 A CYS 98  1_555 ? ? ? ? ? ? ? 2.105 ? ? 
disulf3 disulf ? ? A CYS 89 SG ? ? ? 1_555 A CYS 107 SG ? ? A CYS 89 A CYS 107 1_555 ? ? ? ? ? ? ? 2.081 ? ? 
# 
_struct_conn_type.id          disulf 
_struct_conn_type.criteria    ? 
_struct_conn_type.reference   ? 
# 
loop_
_pdbx_modification_feature.ordinal 
_pdbx_modification_feature.label_comp_id 
_pdbx_modification_feature.label_asym_id 
_pdbx_modification_feature.label_seq_id 
_pdbx_modification_feature.label_alt_id 
_pdbx_modification_feature.modified_residue_label_comp_id 
_pdbx_modification_feature.modified_residue_label_asym_id 
_pdbx_modification_feature.modified_residue_label_seq_id 
_pdbx_modification_feature.modified_residue_label_alt_id 
_pdbx_modification_feature.auth_comp_id 
_pdbx_modification_feature.auth_asym_id 
_pdbx_modification_feature.auth_seq_id 
_pdbx_modification_feature.PDB_ins_code 
_pdbx_modification_feature.symmetry 
_pdbx_modification_feature.modified_residue_auth_comp_id 
_pdbx_modification_feature.modified_residue_auth_asym_id 
_pdbx_modification_feature.modified_residue_auth_seq_id 
_pdbx_modification_feature.modified_residue_PDB_ins_code 
_pdbx_modification_feature.modified_residue_symmetry 
_pdbx_modification_feature.comp_id_linking_atom 
_pdbx_modification_feature.modified_residue_id_linking_atom 
_pdbx_modification_feature.modified_residue_id 
_pdbx_modification_feature.ref_pcm_id 
_pdbx_modification_feature.ref_comp_id 
_pdbx_modification_feature.type 
_pdbx_modification_feature.category 
1 CYS A 20 ? CYS A 51  ? CYS A 20 ? 1_555 CYS A 51  ? 1_555 SG SG . . . None 'Disulfide bridge' 
2 CYS A 47 ? CYS A 98  ? CYS A 47 ? 1_555 CYS A 98  ? 1_555 SG SG . . . None 'Disulfide bridge' 
3 CYS A 89 ? CYS A 107 ? CYS A 89 ? 1_555 CYS A 107 ? 1_555 SG SG . . . None 'Disulfide bridge' 
# 
_struct_mon_prot_cis.pdbx_id                1 
_struct_mon_prot_cis.label_comp_id          LEU 
_struct_mon_prot_cis.label_seq_id           90 
_struct_mon_prot_cis.label_asym_id          A 
_struct_mon_prot_cis.label_alt_id           . 
_struct_mon_prot_cis.pdbx_PDB_ins_code      ? 
_struct_mon_prot_cis.auth_comp_id           LEU 
_struct_mon_prot_cis.auth_seq_id            90 
_struct_mon_prot_cis.auth_asym_id           A 
_struct_mon_prot_cis.pdbx_label_comp_id_2   PRO 
_struct_mon_prot_cis.pdbx_label_seq_id_2    91 
_struct_mon_prot_cis.pdbx_label_asym_id_2   A 
_struct_mon_prot_cis.pdbx_PDB_ins_code_2    ? 
_struct_mon_prot_cis.pdbx_auth_comp_id_2    PRO 
_struct_mon_prot_cis.pdbx_auth_seq_id_2     91 
_struct_mon_prot_cis.pdbx_auth_asym_id_2    A 
_struct_mon_prot_cis.pdbx_PDB_model_num     1 
_struct_mon_prot_cis.pdbx_omega_angle       1.96 
# 
loop_
_struct_site.id 
_struct_site.pdbx_evidence_code 
_struct_site.pdbx_auth_asym_id 
_struct_site.pdbx_auth_comp_id 
_struct_site.pdbx_auth_seq_id 
_struct_site.pdbx_auth_ins_code 
_struct_site.pdbx_num_residues 
_struct_site.details 
AC1 Software A CMJ 120 ? 8 'BINDING SITE FOR RESIDUE CMJ A 120' 
AC2 Software A CL  121 ? 3 'BINDING SITE FOR RESIDUE CL A 121'  
# 
loop_
_struct_site_gen.id 
_struct_site_gen.site_id 
_struct_site_gen.pdbx_num_res 
_struct_site_gen.label_comp_id 
_struct_site_gen.label_asym_id 
_struct_site_gen.label_seq_id 
_struct_site_gen.pdbx_auth_ins_code 
_struct_site_gen.auth_comp_id 
_struct_site_gen.auth_asym_id 
_struct_site_gen.auth_seq_id 
_struct_site_gen.label_atom_id 
_struct_site_gen.label_alt_id 
_struct_site_gen.symmetry 
_struct_site_gen.details 
1  AC1 8 LEU A 53  ? LEU A 53  . ? 1_555 ? 
2  AC1 8 PHE A 56  ? PHE A 56  . ? 1_555 ? 
3  AC1 8 MET A 70  ? MET A 70  . ? 1_555 ? 
4  AC1 8 LEU A 73  ? LEU A 73  . ? 1_555 ? 
5  AC1 8 MET A 86  ? MET A 86  . ? 1_555 ? 
6  AC1 8 VAL A 115 ? VAL A 115 . ? 1_555 ? 
7  AC1 8 TRP A 116 ? TRP A 116 . ? 1_555 ? 
8  AC1 8 PHE A 117 ? PHE A 117 . ? 1_555 ? 
9  AC2 3 VAL A 65  ? VAL A 65  . ? 1_555 ? 
10 AC2 3 PRO A 91  ? PRO A 91  . ? 1_555 ? 
11 AC2 3 THR A 92  ? THR A 92  . ? 1_555 ? 
# 
_pdbx_entry_details.entry_id                   3FE9 
_pdbx_entry_details.compound_details           ? 
_pdbx_entry_details.source_details             ? 
_pdbx_entry_details.nonpolymer_details         ? 
_pdbx_entry_details.sequence_details           ? 
_pdbx_entry_details.has_ligand_of_interest     ? 
_pdbx_entry_details.has_protein_modification   Y 
# 
loop_
_pdbx_struct_special_symmetry.id 
_pdbx_struct_special_symmetry.PDB_model_num 
_pdbx_struct_special_symmetry.auth_asym_id 
_pdbx_struct_special_symmetry.auth_comp_id 
_pdbx_struct_special_symmetry.auth_seq_id 
_pdbx_struct_special_symmetry.PDB_ins_code 
_pdbx_struct_special_symmetry.label_asym_id 
_pdbx_struct_special_symmetry.label_comp_id 
_pdbx_struct_special_symmetry.label_seq_id 
1 1 A HOH 122 ? D HOH . 
2 1 A HOH 124 ? D HOH . 
3 1 A HOH 300 ? D HOH . 
4 1 A HOH 408 ? D HOH . 
# 
loop_
_pdbx_refine_tls.id 
_pdbx_refine_tls.details 
_pdbx_refine_tls.method 
_pdbx_refine_tls.origin_x 
_pdbx_refine_tls.origin_y 
_pdbx_refine_tls.origin_z 
_pdbx_refine_tls.T[1][1] 
_pdbx_refine_tls.T[2][2] 
_pdbx_refine_tls.T[3][3] 
_pdbx_refine_tls.T[1][2] 
_pdbx_refine_tls.T[1][3] 
_pdbx_refine_tls.T[2][3] 
_pdbx_refine_tls.L[1][1] 
_pdbx_refine_tls.L[2][2] 
_pdbx_refine_tls.L[3][3] 
_pdbx_refine_tls.L[1][2] 
_pdbx_refine_tls.L[1][3] 
_pdbx_refine_tls.L[2][3] 
_pdbx_refine_tls.S[1][1] 
_pdbx_refine_tls.S[1][2] 
_pdbx_refine_tls.S[1][3] 
_pdbx_refine_tls.S[2][1] 
_pdbx_refine_tls.S[2][2] 
_pdbx_refine_tls.S[2][3] 
_pdbx_refine_tls.S[3][1] 
_pdbx_refine_tls.S[3][2] 
_pdbx_refine_tls.S[3][3] 
_pdbx_refine_tls.pdbx_refine_id 
1 ? refined 1.1181  -1.7483 4.7291  0.0211 0.0675 0.0677 0.0047  0.0140 -0.0203 1.3528 2.7974 1.7425 -0.3999 -0.2698 -0.6531 -0.0342 0.1166  0.0871 -0.0583 0.0558  -0.3347 -0.0310 0.0820  -0.0216 'X-RAY DIFFRACTION' 
2 ? refined 4.2687  8.4568  -8.4594 0.2808 0.3346 0.2058 -0.0793 0.0911 0.1115  2.2103 0.7988 3.2102 -0.3902 0.1762  -1.2386 0.2004  -0.0998 0.3680 -0.0995 -0.1447 -0.3141 0.0214  0.3010  -0.0556 'X-RAY DIFFRACTION' 
3 ? refined -4.4019 -1.1182 -4.2970 0.1388 0.1187 0.0186 -0.0432 0.0253 0.0228  3.9685 5.8244 2.8508 -1.0237 -1.7135 -0.5288 -0.1915 0.3313  0.2890 -0.7500 0.1862  -0.1849 0.0698  -0.0713 0.0054  'X-RAY DIFFRACTION' 
# 
loop_
_pdbx_refine_tls_group.id 
_pdbx_refine_tls_group.refine_tls_id 
_pdbx_refine_tls_group.beg_auth_asym_id 
_pdbx_refine_tls_group.beg_auth_seq_id 
_pdbx_refine_tls_group.beg_label_asym_id 
_pdbx_refine_tls_group.beg_label_seq_id 
_pdbx_refine_tls_group.end_auth_asym_id 
_pdbx_refine_tls_group.end_auth_seq_id 
_pdbx_refine_tls_group.end_label_asym_id 
_pdbx_refine_tls_group.end_label_seq_id 
_pdbx_refine_tls_group.selection 
_pdbx_refine_tls_group.selection_details 
_pdbx_refine_tls_group.pdbx_refine_id 
1 1 A 3  ? ? A 69  ? ? ? ? 'X-RAY DIFFRACTION' 
2 2 A 70 ? ? A 88  ? ? ? ? 'X-RAY DIFFRACTION' 
3 3 A 89 ? ? A 119 ? ? ? ? 'X-RAY DIFFRACTION' 
# 
loop_
_pdbx_unobs_or_zero_occ_residues.id 
_pdbx_unobs_or_zero_occ_residues.PDB_model_num 
_pdbx_unobs_or_zero_occ_residues.polymer_flag 
_pdbx_unobs_or_zero_occ_residues.occupancy_flag 
_pdbx_unobs_or_zero_occ_residues.auth_asym_id 
_pdbx_unobs_or_zero_occ_residues.auth_comp_id 
_pdbx_unobs_or_zero_occ_residues.auth_seq_id 
_pdbx_unobs_or_zero_occ_residues.PDB_ins_code 
_pdbx_unobs_or_zero_occ_residues.label_asym_id 
_pdbx_unobs_or_zero_occ_residues.label_comp_id 
_pdbx_unobs_or_zero_occ_residues.label_seq_id 
1 1 Y 1 A ALA 1 ? A ALA 1 
2 1 Y 1 A PRO 2 ? A PRO 2 
# 
loop_
_chem_comp_atom.comp_id 
_chem_comp_atom.atom_id 
_chem_comp_atom.type_symbol 
_chem_comp_atom.pdbx_aromatic_flag 
_chem_comp_atom.pdbx_stereo_config 
_chem_comp_atom.pdbx_ordinal 
ALA N    N  N N 1   
ALA CA   C  N S 2   
ALA C    C  N N 3   
ALA O    O  N N 4   
ALA CB   C  N N 5   
ALA OXT  O  N N 6   
ALA H    H  N N 7   
ALA H2   H  N N 8   
ALA HA   H  N N 9   
ALA HB1  H  N N 10  
ALA HB2  H  N N 11  
ALA HB3  H  N N 12  
ALA HXT  H  N N 13  
ARG N    N  N N 14  
ARG CA   C  N S 15  
ARG C    C  N N 16  
ARG O    O  N N 17  
ARG CB   C  N N 18  
ARG CG   C  N N 19  
ARG CD   C  N N 20  
ARG NE   N  N N 21  
ARG CZ   C  N N 22  
ARG NH1  N  N N 23  
ARG NH2  N  N N 24  
ARG OXT  O  N N 25  
ARG H    H  N N 26  
ARG H2   H  N N 27  
ARG HA   H  N N 28  
ARG HB2  H  N N 29  
ARG HB3  H  N N 30  
ARG HG2  H  N N 31  
ARG HG3  H  N N 32  
ARG HD2  H  N N 33  
ARG HD3  H  N N 34  
ARG HE   H  N N 35  
ARG HH11 H  N N 36  
ARG HH12 H  N N 37  
ARG HH21 H  N N 38  
ARG HH22 H  N N 39  
ARG HXT  H  N N 40  
ASN N    N  N N 41  
ASN CA   C  N S 42  
ASN C    C  N N 43  
ASN O    O  N N 44  
ASN CB   C  N N 45  
ASN CG   C  N N 46  
ASN OD1  O  N N 47  
ASN ND2  N  N N 48  
ASN OXT  O  N N 49  
ASN H    H  N N 50  
ASN H2   H  N N 51  
ASN HA   H  N N 52  
ASN HB2  H  N N 53  
ASN HB3  H  N N 54  
ASN HD21 H  N N 55  
ASN HD22 H  N N 56  
ASN HXT  H  N N 57  
ASP N    N  N N 58  
ASP CA   C  N S 59  
ASP C    C  N N 60  
ASP O    O  N N 61  
ASP CB   C  N N 62  
ASP CG   C  N N 63  
ASP OD1  O  N N 64  
ASP OD2  O  N N 65  
ASP OXT  O  N N 66  
ASP H    H  N N 67  
ASP H2   H  N N 68  
ASP HA   H  N N 69  
ASP HB2  H  N N 70  
ASP HB3  H  N N 71  
ASP HD2  H  N N 72  
ASP HXT  H  N N 73  
CL  CL   CL N N 74  
CMJ C2   C  N N 75  
CMJ C4   C  N N 76  
CMJ C5   C  N N 77  
CMJ C6   C  N N 78  
CMJ C43  C  N N 79  
CMJ C42  C  N N 80  
CMJ C41  C  N N 81  
CMJ C40  C  N N 82  
CMJ C39  C  N N 83  
CMJ C38  C  N N 84  
CMJ C37  C  N N 85  
CMJ C36  C  N N 86  
CMJ C35  C  N N 87  
CMJ C34  C  N N 88  
CMJ C33  C  N N 89  
CMJ C32  C  N N 90  
CMJ C31  C  N N 91  
CMJ C30  C  N N 92  
CMJ C29  C  N N 93  
CMJ C28  C  N N 94  
CMJ C27  C  N N 95  
CMJ C26  C  N N 96  
CMJ C25  C  N N 97  
CMJ C24  C  N N 98  
CMJ C23  C  N N 99  
CMJ C22  C  N N 100 
CMJ C20  C  N N 101 
CMJ C21  C  N N 102 
CMJ C19  C  N N 103 
CMJ C18  C  N N 104 
CMJ C17  C  N N 105 
CMJ C16  C  N N 106 
CMJ C15  C  N N 107 
CMJ C14  C  N N 108 
CMJ C13  C  N N 109 
CMJ C12  C  N N 110 
CMJ C11  C  N N 111 
CMJ C10  C  N N 112 
CMJ C9   C  N N 113 
CMJ C8   C  N N 114 
CMJ C7   C  N N 115 
CMJ C3   C  N N 116 
CMJ C1   C  N N 117 
CMJ H2   H  N N 118 
CMJ H2A  H  N N 119 
CMJ H4   H  N N 120 
CMJ H4A  H  N N 121 
CMJ H5   H  N N 122 
CMJ H5A  H  N N 123 
CMJ H6   H  N N 124 
CMJ H6A  H  N N 125 
CMJ H43  H  N N 126 
CMJ H43A H  N N 127 
CMJ H43B H  N N 128 
CMJ H42  H  N N 129 
CMJ H42A H  N N 130 
CMJ H41  H  N N 131 
CMJ H41A H  N N 132 
CMJ H40  H  N N 133 
CMJ H40A H  N N 134 
CMJ H39  H  N N 135 
CMJ H39A H  N N 136 
CMJ H38  H  N N 137 
CMJ H38A H  N N 138 
CMJ H37  H  N N 139 
CMJ H37A H  N N 140 
CMJ H36  H  N N 141 
CMJ H36A H  N N 142 
CMJ H35  H  N N 143 
CMJ H35A H  N N 144 
CMJ H34  H  N N 145 
CMJ H34A H  N N 146 
CMJ H33  H  N N 147 
CMJ H33A H  N N 148 
CMJ H32  H  N N 149 
CMJ H32A H  N N 150 
CMJ H31  H  N N 151 
CMJ H31A H  N N 152 
CMJ H30  H  N N 153 
CMJ H30A H  N N 154 
CMJ H29  H  N N 155 
CMJ H29A H  N N 156 
CMJ H28  H  N N 157 
CMJ H28A H  N N 158 
CMJ H27  H  N N 159 
CMJ H27A H  N N 160 
CMJ H26  H  N N 161 
CMJ H26A H  N N 162 
CMJ H25  H  N N 163 
CMJ H25A H  N N 164 
CMJ H24  H  N N 165 
CMJ H24A H  N N 166 
CMJ H23  H  N N 167 
CMJ H23A H  N N 168 
CMJ H22  H  N N 169 
CMJ H22A H  N N 170 
CMJ H20  H  N N 171 
CMJ H21  H  N N 172 
CMJ H21A H  N N 173 
CMJ H21B H  N N 174 
CMJ H19  H  N N 175 
CMJ H19A H  N N 176 
CMJ H18  H  N N 177 
CMJ H18A H  N N 178 
CMJ H17  H  N N 179 
CMJ H17A H  N N 180 
CMJ H16  H  N N 181 
CMJ H16A H  N N 182 
CMJ H15  H  N N 183 
CMJ H15A H  N N 184 
CMJ H14  H  N N 185 
CMJ H14A H  N N 186 
CMJ H13  H  N N 187 
CMJ H13A H  N N 188 
CMJ H12  H  N N 189 
CMJ H12A H  N N 190 
CMJ H11  H  N N 191 
CMJ H11A H  N N 192 
CMJ H10  H  N N 193 
CMJ H10A H  N N 194 
CMJ H9   H  N N 195 
CMJ H9A  H  N N 196 
CMJ H8   H  N N 197 
CMJ H8A  H  N N 198 
CMJ H7   H  N N 199 
CMJ H7A  H  N N 200 
CMJ H3   H  N N 201 
CMJ H3A  H  N N 202 
CMJ H1   H  N N 203 
CMJ H1A  H  N N 204 
CMJ H1B  H  N N 205 
CYS N    N  N N 206 
CYS CA   C  N R 207 
CYS C    C  N N 208 
CYS O    O  N N 209 
CYS CB   C  N N 210 
CYS SG   S  N N 211 
CYS OXT  O  N N 212 
CYS H    H  N N 213 
CYS H2   H  N N 214 
CYS HA   H  N N 215 
CYS HB2  H  N N 216 
CYS HB3  H  N N 217 
CYS HG   H  N N 218 
CYS HXT  H  N N 219 
GLN N    N  N N 220 
GLN CA   C  N S 221 
GLN C    C  N N 222 
GLN O    O  N N 223 
GLN CB   C  N N 224 
GLN CG   C  N N 225 
GLN CD   C  N N 226 
GLN OE1  O  N N 227 
GLN NE2  N  N N 228 
GLN OXT  O  N N 229 
GLN H    H  N N 230 
GLN H2   H  N N 231 
GLN HA   H  N N 232 
GLN HB2  H  N N 233 
GLN HB3  H  N N 234 
GLN HG2  H  N N 235 
GLN HG3  H  N N 236 
GLN HE21 H  N N 237 
GLN HE22 H  N N 238 
GLN HXT  H  N N 239 
GLU N    N  N N 240 
GLU CA   C  N S 241 
GLU C    C  N N 242 
GLU O    O  N N 243 
GLU CB   C  N N 244 
GLU CG   C  N N 245 
GLU CD   C  N N 246 
GLU OE1  O  N N 247 
GLU OE2  O  N N 248 
GLU OXT  O  N N 249 
GLU H    H  N N 250 
GLU H2   H  N N 251 
GLU HA   H  N N 252 
GLU HB2  H  N N 253 
GLU HB3  H  N N 254 
GLU HG2  H  N N 255 
GLU HG3  H  N N 256 
GLU HE2  H  N N 257 
GLU HXT  H  N N 258 
GLY N    N  N N 259 
GLY CA   C  N N 260 
GLY C    C  N N 261 
GLY O    O  N N 262 
GLY OXT  O  N N 263 
GLY H    H  N N 264 
GLY H2   H  N N 265 
GLY HA2  H  N N 266 
GLY HA3  H  N N 267 
GLY HXT  H  N N 268 
HIS N    N  N N 269 
HIS CA   C  N S 270 
HIS C    C  N N 271 
HIS O    O  N N 272 
HIS CB   C  N N 273 
HIS CG   C  Y N 274 
HIS ND1  N  Y N 275 
HIS CD2  C  Y N 276 
HIS CE1  C  Y N 277 
HIS NE2  N  Y N 278 
HIS OXT  O  N N 279 
HIS H    H  N N 280 
HIS H2   H  N N 281 
HIS HA   H  N N 282 
HIS HB2  H  N N 283 
HIS HB3  H  N N 284 
HIS HD1  H  N N 285 
HIS HD2  H  N N 286 
HIS HE1  H  N N 287 
HIS HE2  H  N N 288 
HIS HXT  H  N N 289 
HOH O    O  N N 290 
HOH H1   H  N N 291 
HOH H2   H  N N 292 
ILE N    N  N N 293 
ILE CA   C  N S 294 
ILE C    C  N N 295 
ILE O    O  N N 296 
ILE CB   C  N S 297 
ILE CG1  C  N N 298 
ILE CG2  C  N N 299 
ILE CD1  C  N N 300 
ILE OXT  O  N N 301 
ILE H    H  N N 302 
ILE H2   H  N N 303 
ILE HA   H  N N 304 
ILE HB   H  N N 305 
ILE HG12 H  N N 306 
ILE HG13 H  N N 307 
ILE HG21 H  N N 308 
ILE HG22 H  N N 309 
ILE HG23 H  N N 310 
ILE HD11 H  N N 311 
ILE HD12 H  N N 312 
ILE HD13 H  N N 313 
ILE HXT  H  N N 314 
LEU N    N  N N 315 
LEU CA   C  N S 316 
LEU C    C  N N 317 
LEU O    O  N N 318 
LEU CB   C  N N 319 
LEU CG   C  N N 320 
LEU CD1  C  N N 321 
LEU CD2  C  N N 322 
LEU OXT  O  N N 323 
LEU H    H  N N 324 
LEU H2   H  N N 325 
LEU HA   H  N N 326 
LEU HB2  H  N N 327 
LEU HB3  H  N N 328 
LEU HG   H  N N 329 
LEU HD11 H  N N 330 
LEU HD12 H  N N 331 
LEU HD13 H  N N 332 
LEU HD21 H  N N 333 
LEU HD22 H  N N 334 
LEU HD23 H  N N 335 
LEU HXT  H  N N 336 
LYS N    N  N N 337 
LYS CA   C  N S 338 
LYS C    C  N N 339 
LYS O    O  N N 340 
LYS CB   C  N N 341 
LYS CG   C  N N 342 
LYS CD   C  N N 343 
LYS CE   C  N N 344 
LYS NZ   N  N N 345 
LYS OXT  O  N N 346 
LYS H    H  N N 347 
LYS H2   H  N N 348 
LYS HA   H  N N 349 
LYS HB2  H  N N 350 
LYS HB3  H  N N 351 
LYS HG2  H  N N 352 
LYS HG3  H  N N 353 
LYS HD2  H  N N 354 
LYS HD3  H  N N 355 
LYS HE2  H  N N 356 
LYS HE3  H  N N 357 
LYS HZ1  H  N N 358 
LYS HZ2  H  N N 359 
LYS HZ3  H  N N 360 
LYS HXT  H  N N 361 
MET N    N  N N 362 
MET CA   C  N S 363 
MET C    C  N N 364 
MET O    O  N N 365 
MET CB   C  N N 366 
MET CG   C  N N 367 
MET SD   S  N N 368 
MET CE   C  N N 369 
MET OXT  O  N N 370 
MET H    H  N N 371 
MET H2   H  N N 372 
MET HA   H  N N 373 
MET HB2  H  N N 374 
MET HB3  H  N N 375 
MET HG2  H  N N 376 
MET HG3  H  N N 377 
MET HE1  H  N N 378 
MET HE2  H  N N 379 
MET HE3  H  N N 380 
MET HXT  H  N N 381 
PHE N    N  N N 382 
PHE CA   C  N S 383 
PHE C    C  N N 384 
PHE O    O  N N 385 
PHE CB   C  N N 386 
PHE CG   C  Y N 387 
PHE CD1  C  Y N 388 
PHE CD2  C  Y N 389 
PHE CE1  C  Y N 390 
PHE CE2  C  Y N 391 
PHE CZ   C  Y N 392 
PHE OXT  O  N N 393 
PHE H    H  N N 394 
PHE H2   H  N N 395 
PHE HA   H  N N 396 
PHE HB2  H  N N 397 
PHE HB3  H  N N 398 
PHE HD1  H  N N 399 
PHE HD2  H  N N 400 
PHE HE1  H  N N 401 
PHE HE2  H  N N 402 
PHE HZ   H  N N 403 
PHE HXT  H  N N 404 
PRO N    N  N N 405 
PRO CA   C  N S 406 
PRO C    C  N N 407 
PRO O    O  N N 408 
PRO CB   C  N N 409 
PRO CG   C  N N 410 
PRO CD   C  N N 411 
PRO OXT  O  N N 412 
PRO H    H  N N 413 
PRO HA   H  N N 414 
PRO HB2  H  N N 415 
PRO HB3  H  N N 416 
PRO HG2  H  N N 417 
PRO HG3  H  N N 418 
PRO HD2  H  N N 419 
PRO HD3  H  N N 420 
PRO HXT  H  N N 421 
SER N    N  N N 422 
SER CA   C  N S 423 
SER C    C  N N 424 
SER O    O  N N 425 
SER CB   C  N N 426 
SER OG   O  N N 427 
SER OXT  O  N N 428 
SER H    H  N N 429 
SER H2   H  N N 430 
SER HA   H  N N 431 
SER HB2  H  N N 432 
SER HB3  H  N N 433 
SER HG   H  N N 434 
SER HXT  H  N N 435 
THR N    N  N N 436 
THR CA   C  N S 437 
THR C    C  N N 438 
THR O    O  N N 439 
THR CB   C  N R 440 
THR OG1  O  N N 441 
THR CG2  C  N N 442 
THR OXT  O  N N 443 
THR H    H  N N 444 
THR H2   H  N N 445 
THR HA   H  N N 446 
THR HB   H  N N 447 
THR HG1  H  N N 448 
THR HG21 H  N N 449 
THR HG22 H  N N 450 
THR HG23 H  N N 451 
THR HXT  H  N N 452 
TRP N    N  N N 453 
TRP CA   C  N S 454 
TRP C    C  N N 455 
TRP O    O  N N 456 
TRP CB   C  N N 457 
TRP CG   C  Y N 458 
TRP CD1  C  Y N 459 
TRP CD2  C  Y N 460 
TRP NE1  N  Y N 461 
TRP CE2  C  Y N 462 
TRP CE3  C  Y N 463 
TRP CZ2  C  Y N 464 
TRP CZ3  C  Y N 465 
TRP CH2  C  Y N 466 
TRP OXT  O  N N 467 
TRP H    H  N N 468 
TRP H2   H  N N 469 
TRP HA   H  N N 470 
TRP HB2  H  N N 471 
TRP HB3  H  N N 472 
TRP HD1  H  N N 473 
TRP HE1  H  N N 474 
TRP HE3  H  N N 475 
TRP HZ2  H  N N 476 
TRP HZ3  H  N N 477 
TRP HH2  H  N N 478 
TRP HXT  H  N N 479 
TYR N    N  N N 480 
TYR CA   C  N S 481 
TYR C    C  N N 482 
TYR O    O  N N 483 
TYR CB   C  N N 484 
TYR CG   C  Y N 485 
TYR CD1  C  Y N 486 
TYR CD2  C  Y N 487 
TYR CE1  C  Y N 488 
TYR CE2  C  Y N 489 
TYR CZ   C  Y N 490 
TYR OH   O  N N 491 
TYR OXT  O  N N 492 
TYR H    H  N N 493 
TYR H2   H  N N 494 
TYR HA   H  N N 495 
TYR HB2  H  N N 496 
TYR HB3  H  N N 497 
TYR HD1  H  N N 498 
TYR HD2  H  N N 499 
TYR HE1  H  N N 500 
TYR HE2  H  N N 501 
TYR HH   H  N N 502 
TYR HXT  H  N N 503 
VAL N    N  N N 504 
VAL CA   C  N S 505 
VAL C    C  N N 506 
VAL O    O  N N 507 
VAL CB   C  N N 508 
VAL CG1  C  N N 509 
VAL CG2  C  N N 510 
VAL OXT  O  N N 511 
VAL H    H  N N 512 
VAL H2   H  N N 513 
VAL HA   H  N N 514 
VAL HB   H  N N 515 
VAL HG11 H  N N 516 
VAL HG12 H  N N 517 
VAL HG13 H  N N 518 
VAL HG21 H  N N 519 
VAL HG22 H  N N 520 
VAL HG23 H  N N 521 
VAL HXT  H  N N 522 
# 
loop_
_chem_comp_bond.comp_id 
_chem_comp_bond.atom_id_1 
_chem_comp_bond.atom_id_2 
_chem_comp_bond.value_order 
_chem_comp_bond.pdbx_aromatic_flag 
_chem_comp_bond.pdbx_stereo_config 
_chem_comp_bond.pdbx_ordinal 
ALA N   CA   sing N N 1   
ALA N   H    sing N N 2   
ALA N   H2   sing N N 3   
ALA CA  C    sing N N 4   
ALA CA  CB   sing N N 5   
ALA CA  HA   sing N N 6   
ALA C   O    doub N N 7   
ALA C   OXT  sing N N 8   
ALA CB  HB1  sing N N 9   
ALA CB  HB2  sing N N 10  
ALA CB  HB3  sing N N 11  
ALA OXT HXT  sing N N 12  
ARG N   CA   sing N N 13  
ARG N   H    sing N N 14  
ARG N   H2   sing N N 15  
ARG CA  C    sing N N 16  
ARG CA  CB   sing N N 17  
ARG CA  HA   sing N N 18  
ARG C   O    doub N N 19  
ARG C   OXT  sing N N 20  
ARG CB  CG   sing N N 21  
ARG CB  HB2  sing N N 22  
ARG CB  HB3  sing N N 23  
ARG CG  CD   sing N N 24  
ARG CG  HG2  sing N N 25  
ARG CG  HG3  sing N N 26  
ARG CD  NE   sing N N 27  
ARG CD  HD2  sing N N 28  
ARG CD  HD3  sing N N 29  
ARG NE  CZ   sing N N 30  
ARG NE  HE   sing N N 31  
ARG CZ  NH1  sing N N 32  
ARG CZ  NH2  doub N N 33  
ARG NH1 HH11 sing N N 34  
ARG NH1 HH12 sing N N 35  
ARG NH2 HH21 sing N N 36  
ARG NH2 HH22 sing N N 37  
ARG OXT HXT  sing N N 38  
ASN N   CA   sing N N 39  
ASN N   H    sing N N 40  
ASN N   H2   sing N N 41  
ASN CA  C    sing N N 42  
ASN CA  CB   sing N N 43  
ASN CA  HA   sing N N 44  
ASN C   O    doub N N 45  
ASN C   OXT  sing N N 46  
ASN CB  CG   sing N N 47  
ASN CB  HB2  sing N N 48  
ASN CB  HB3  sing N N 49  
ASN CG  OD1  doub N N 50  
ASN CG  ND2  sing N N 51  
ASN ND2 HD21 sing N N 52  
ASN ND2 HD22 sing N N 53  
ASN OXT HXT  sing N N 54  
ASP N   CA   sing N N 55  
ASP N   H    sing N N 56  
ASP N   H2   sing N N 57  
ASP CA  C    sing N N 58  
ASP CA  CB   sing N N 59  
ASP CA  HA   sing N N 60  
ASP C   O    doub N N 61  
ASP C   OXT  sing N N 62  
ASP CB  CG   sing N N 63  
ASP CB  HB2  sing N N 64  
ASP CB  HB3  sing N N 65  
ASP CG  OD1  doub N N 66  
ASP CG  OD2  sing N N 67  
ASP OD2 HD2  sing N N 68  
ASP OXT HXT  sing N N 69  
CMJ C2  C3   sing N N 70  
CMJ C2  C1   sing N N 71  
CMJ C4  C5   sing N N 72  
CMJ C4  C3   sing N N 73  
CMJ C5  C6   sing N N 74  
CMJ C6  C7   sing N N 75  
CMJ C43 C42  sing N N 76  
CMJ C42 C41  sing N N 77  
CMJ C41 C40  sing N N 78  
CMJ C40 C39  sing N N 79  
CMJ C39 C38  sing N N 80  
CMJ C38 C37  sing N N 81  
CMJ C37 C36  sing N N 82  
CMJ C36 C35  sing N N 83  
CMJ C35 C34  sing N N 84  
CMJ C34 C33  sing N N 85  
CMJ C33 C32  sing N N 86  
CMJ C32 C31  sing N N 87  
CMJ C31 C30  sing N N 88  
CMJ C30 C29  sing N N 89  
CMJ C29 C28  sing N N 90  
CMJ C28 C27  sing N N 91  
CMJ C27 C26  sing N N 92  
CMJ C26 C25  sing N N 93  
CMJ C25 C24  sing N N 94  
CMJ C24 C23  sing N N 95  
CMJ C23 C22  sing N N 96  
CMJ C22 C20  sing N N 97  
CMJ C20 C21  sing N N 98  
CMJ C20 C19  sing N N 99  
CMJ C19 C18  sing N N 100 
CMJ C18 C17  sing N N 101 
CMJ C17 C16  sing N N 102 
CMJ C16 C15  sing N N 103 
CMJ C15 C14  sing N N 104 
CMJ C14 C13  sing N N 105 
CMJ C13 C12  sing N N 106 
CMJ C12 C11  sing N N 107 
CMJ C11 C10  sing N N 108 
CMJ C10 C9   sing N N 109 
CMJ C9  C8   sing N N 110 
CMJ C8  C7   sing N N 111 
CMJ C2  H2   sing N N 112 
CMJ C2  H2A  sing N N 113 
CMJ C4  H4   sing N N 114 
CMJ C4  H4A  sing N N 115 
CMJ C5  H5   sing N N 116 
CMJ C5  H5A  sing N N 117 
CMJ C6  H6   sing N N 118 
CMJ C6  H6A  sing N N 119 
CMJ C43 H43  sing N N 120 
CMJ C43 H43A sing N N 121 
CMJ C43 H43B sing N N 122 
CMJ C42 H42  sing N N 123 
CMJ C42 H42A sing N N 124 
CMJ C41 H41  sing N N 125 
CMJ C41 H41A sing N N 126 
CMJ C40 H40  sing N N 127 
CMJ C40 H40A sing N N 128 
CMJ C39 H39  sing N N 129 
CMJ C39 H39A sing N N 130 
CMJ C38 H38  sing N N 131 
CMJ C38 H38A sing N N 132 
CMJ C37 H37  sing N N 133 
CMJ C37 H37A sing N N 134 
CMJ C36 H36  sing N N 135 
CMJ C36 H36A sing N N 136 
CMJ C35 H35  sing N N 137 
CMJ C35 H35A sing N N 138 
CMJ C34 H34  sing N N 139 
CMJ C34 H34A sing N N 140 
CMJ C33 H33  sing N N 141 
CMJ C33 H33A sing N N 142 
CMJ C32 H32  sing N N 143 
CMJ C32 H32A sing N N 144 
CMJ C31 H31  sing N N 145 
CMJ C31 H31A sing N N 146 
CMJ C30 H30  sing N N 147 
CMJ C30 H30A sing N N 148 
CMJ C29 H29  sing N N 149 
CMJ C29 H29A sing N N 150 
CMJ C28 H28  sing N N 151 
CMJ C28 H28A sing N N 152 
CMJ C27 H27  sing N N 153 
CMJ C27 H27A sing N N 154 
CMJ C26 H26  sing N N 155 
CMJ C26 H26A sing N N 156 
CMJ C25 H25  sing N N 157 
CMJ C25 H25A sing N N 158 
CMJ C24 H24  sing N N 159 
CMJ C24 H24A sing N N 160 
CMJ C23 H23  sing N N 161 
CMJ C23 H23A sing N N 162 
CMJ C22 H22  sing N N 163 
CMJ C22 H22A sing N N 164 
CMJ C20 H20  sing N N 165 
CMJ C21 H21  sing N N 166 
CMJ C21 H21A sing N N 167 
CMJ C21 H21B sing N N 168 
CMJ C19 H19  sing N N 169 
CMJ C19 H19A sing N N 170 
CMJ C18 H18  sing N N 171 
CMJ C18 H18A sing N N 172 
CMJ C17 H17  sing N N 173 
CMJ C17 H17A sing N N 174 
CMJ C16 H16  sing N N 175 
CMJ C16 H16A sing N N 176 
CMJ C15 H15  sing N N 177 
CMJ C15 H15A sing N N 178 
CMJ C14 H14  sing N N 179 
CMJ C14 H14A sing N N 180 
CMJ C13 H13  sing N N 181 
CMJ C13 H13A sing N N 182 
CMJ C12 H12  sing N N 183 
CMJ C12 H12A sing N N 184 
CMJ C11 H11  sing N N 185 
CMJ C11 H11A sing N N 186 
CMJ C10 H10  sing N N 187 
CMJ C10 H10A sing N N 188 
CMJ C9  H9   sing N N 189 
CMJ C9  H9A  sing N N 190 
CMJ C8  H8   sing N N 191 
CMJ C8  H8A  sing N N 192 
CMJ C7  H7   sing N N 193 
CMJ C7  H7A  sing N N 194 
CMJ C3  H3   sing N N 195 
CMJ C3  H3A  sing N N 196 
CMJ C1  H1   sing N N 197 
CMJ C1  H1A  sing N N 198 
CMJ C1  H1B  sing N N 199 
CYS N   CA   sing N N 200 
CYS N   H    sing N N 201 
CYS N   H2   sing N N 202 
CYS CA  C    sing N N 203 
CYS CA  CB   sing N N 204 
CYS CA  HA   sing N N 205 
CYS C   O    doub N N 206 
CYS C   OXT  sing N N 207 
CYS CB  SG   sing N N 208 
CYS CB  HB2  sing N N 209 
CYS CB  HB3  sing N N 210 
CYS SG  HG   sing N N 211 
CYS OXT HXT  sing N N 212 
GLN N   CA   sing N N 213 
GLN N   H    sing N N 214 
GLN N   H2   sing N N 215 
GLN CA  C    sing N N 216 
GLN CA  CB   sing N N 217 
GLN CA  HA   sing N N 218 
GLN C   O    doub N N 219 
GLN C   OXT  sing N N 220 
GLN CB  CG   sing N N 221 
GLN CB  HB2  sing N N 222 
GLN CB  HB3  sing N N 223 
GLN CG  CD   sing N N 224 
GLN CG  HG2  sing N N 225 
GLN CG  HG3  sing N N 226 
GLN CD  OE1  doub N N 227 
GLN CD  NE2  sing N N 228 
GLN NE2 HE21 sing N N 229 
GLN NE2 HE22 sing N N 230 
GLN OXT HXT  sing N N 231 
GLU N   CA   sing N N 232 
GLU N   H    sing N N 233 
GLU N   H2   sing N N 234 
GLU CA  C    sing N N 235 
GLU CA  CB   sing N N 236 
GLU CA  HA   sing N N 237 
GLU C   O    doub N N 238 
GLU C   OXT  sing N N 239 
GLU CB  CG   sing N N 240 
GLU CB  HB2  sing N N 241 
GLU CB  HB3  sing N N 242 
GLU CG  CD   sing N N 243 
GLU CG  HG2  sing N N 244 
GLU CG  HG3  sing N N 245 
GLU CD  OE1  doub N N 246 
GLU CD  OE2  sing N N 247 
GLU OE2 HE2  sing N N 248 
GLU OXT HXT  sing N N 249 
GLY N   CA   sing N N 250 
GLY N   H    sing N N 251 
GLY N   H2   sing N N 252 
GLY CA  C    sing N N 253 
GLY CA  HA2  sing N N 254 
GLY CA  HA3  sing N N 255 
GLY C   O    doub N N 256 
GLY C   OXT  sing N N 257 
GLY OXT HXT  sing N N 258 
HIS N   CA   sing N N 259 
HIS N   H    sing N N 260 
HIS N   H2   sing N N 261 
HIS CA  C    sing N N 262 
HIS CA  CB   sing N N 263 
HIS CA  HA   sing N N 264 
HIS C   O    doub N N 265 
HIS C   OXT  sing N N 266 
HIS CB  CG   sing N N 267 
HIS CB  HB2  sing N N 268 
HIS CB  HB3  sing N N 269 
HIS CG  ND1  sing Y N 270 
HIS CG  CD2  doub Y N 271 
HIS ND1 CE1  doub Y N 272 
HIS ND1 HD1  sing N N 273 
HIS CD2 NE2  sing Y N 274 
HIS CD2 HD2  sing N N 275 
HIS CE1 NE2  sing Y N 276 
HIS CE1 HE1  sing N N 277 
HIS NE2 HE2  sing N N 278 
HIS OXT HXT  sing N N 279 
HOH O   H1   sing N N 280 
HOH O   H2   sing N N 281 
ILE N   CA   sing N N 282 
ILE N   H    sing N N 283 
ILE N   H2   sing N N 284 
ILE CA  C    sing N N 285 
ILE CA  CB   sing N N 286 
ILE CA  HA   sing N N 287 
ILE C   O    doub N N 288 
ILE C   OXT  sing N N 289 
ILE CB  CG1  sing N N 290 
ILE CB  CG2  sing N N 291 
ILE CB  HB   sing N N 292 
ILE CG1 CD1  sing N N 293 
ILE CG1 HG12 sing N N 294 
ILE CG1 HG13 sing N N 295 
ILE CG2 HG21 sing N N 296 
ILE CG2 HG22 sing N N 297 
ILE CG2 HG23 sing N N 298 
ILE CD1 HD11 sing N N 299 
ILE CD1 HD12 sing N N 300 
ILE CD1 HD13 sing N N 301 
ILE OXT HXT  sing N N 302 
LEU N   CA   sing N N 303 
LEU N   H    sing N N 304 
LEU N   H2   sing N N 305 
LEU CA  C    sing N N 306 
LEU CA  CB   sing N N 307 
LEU CA  HA   sing N N 308 
LEU C   O    doub N N 309 
LEU C   OXT  sing N N 310 
LEU CB  CG   sing N N 311 
LEU CB  HB2  sing N N 312 
LEU CB  HB3  sing N N 313 
LEU CG  CD1  sing N N 314 
LEU CG  CD2  sing N N 315 
LEU CG  HG   sing N N 316 
LEU CD1 HD11 sing N N 317 
LEU CD1 HD12 sing N N 318 
LEU CD1 HD13 sing N N 319 
LEU CD2 HD21 sing N N 320 
LEU CD2 HD22 sing N N 321 
LEU CD2 HD23 sing N N 322 
LEU OXT HXT  sing N N 323 
LYS N   CA   sing N N 324 
LYS N   H    sing N N 325 
LYS N   H2   sing N N 326 
LYS CA  C    sing N N 327 
LYS CA  CB   sing N N 328 
LYS CA  HA   sing N N 329 
LYS C   O    doub N N 330 
LYS C   OXT  sing N N 331 
LYS CB  CG   sing N N 332 
LYS CB  HB2  sing N N 333 
LYS CB  HB3  sing N N 334 
LYS CG  CD   sing N N 335 
LYS CG  HG2  sing N N 336 
LYS CG  HG3  sing N N 337 
LYS CD  CE   sing N N 338 
LYS CD  HD2  sing N N 339 
LYS CD  HD3  sing N N 340 
LYS CE  NZ   sing N N 341 
LYS CE  HE2  sing N N 342 
LYS CE  HE3  sing N N 343 
LYS NZ  HZ1  sing N N 344 
LYS NZ  HZ2  sing N N 345 
LYS NZ  HZ3  sing N N 346 
LYS OXT HXT  sing N N 347 
MET N   CA   sing N N 348 
MET N   H    sing N N 349 
MET N   H2   sing N N 350 
MET CA  C    sing N N 351 
MET CA  CB   sing N N 352 
MET CA  HA   sing N N 353 
MET C   O    doub N N 354 
MET C   OXT  sing N N 355 
MET CB  CG   sing N N 356 
MET CB  HB2  sing N N 357 
MET CB  HB3  sing N N 358 
MET CG  SD   sing N N 359 
MET CG  HG2  sing N N 360 
MET CG  HG3  sing N N 361 
MET SD  CE   sing N N 362 
MET CE  HE1  sing N N 363 
MET CE  HE2  sing N N 364 
MET CE  HE3  sing N N 365 
MET OXT HXT  sing N N 366 
PHE N   CA   sing N N 367 
PHE N   H    sing N N 368 
PHE N   H2   sing N N 369 
PHE CA  C    sing N N 370 
PHE CA  CB   sing N N 371 
PHE CA  HA   sing N N 372 
PHE C   O    doub N N 373 
PHE C   OXT  sing N N 374 
PHE CB  CG   sing N N 375 
PHE CB  HB2  sing N N 376 
PHE CB  HB3  sing N N 377 
PHE CG  CD1  doub Y N 378 
PHE CG  CD2  sing Y N 379 
PHE CD1 CE1  sing Y N 380 
PHE CD1 HD1  sing N N 381 
PHE CD2 CE2  doub Y N 382 
PHE CD2 HD2  sing N N 383 
PHE CE1 CZ   doub Y N 384 
PHE CE1 HE1  sing N N 385 
PHE CE2 CZ   sing Y N 386 
PHE CE2 HE2  sing N N 387 
PHE CZ  HZ   sing N N 388 
PHE OXT HXT  sing N N 389 
PRO N   CA   sing N N 390 
PRO N   CD   sing N N 391 
PRO N   H    sing N N 392 
PRO CA  C    sing N N 393 
PRO CA  CB   sing N N 394 
PRO CA  HA   sing N N 395 
PRO C   O    doub N N 396 
PRO C   OXT  sing N N 397 
PRO CB  CG   sing N N 398 
PRO CB  HB2  sing N N 399 
PRO CB  HB3  sing N N 400 
PRO CG  CD   sing N N 401 
PRO CG  HG2  sing N N 402 
PRO CG  HG3  sing N N 403 
PRO CD  HD2  sing N N 404 
PRO CD  HD3  sing N N 405 
PRO OXT HXT  sing N N 406 
SER N   CA   sing N N 407 
SER N   H    sing N N 408 
SER N   H2   sing N N 409 
SER CA  C    sing N N 410 
SER CA  CB   sing N N 411 
SER CA  HA   sing N N 412 
SER C   O    doub N N 413 
SER C   OXT  sing N N 414 
SER CB  OG   sing N N 415 
SER CB  HB2  sing N N 416 
SER CB  HB3  sing N N 417 
SER OG  HG   sing N N 418 
SER OXT HXT  sing N N 419 
THR N   CA   sing N N 420 
THR N   H    sing N N 421 
THR N   H2   sing N N 422 
THR CA  C    sing N N 423 
THR CA  CB   sing N N 424 
THR CA  HA   sing N N 425 
THR C   O    doub N N 426 
THR C   OXT  sing N N 427 
THR CB  OG1  sing N N 428 
THR CB  CG2  sing N N 429 
THR CB  HB   sing N N 430 
THR OG1 HG1  sing N N 431 
THR CG2 HG21 sing N N 432 
THR CG2 HG22 sing N N 433 
THR CG2 HG23 sing N N 434 
THR OXT HXT  sing N N 435 
TRP N   CA   sing N N 436 
TRP N   H    sing N N 437 
TRP N   H2   sing N N 438 
TRP CA  C    sing N N 439 
TRP CA  CB   sing N N 440 
TRP CA  HA   sing N N 441 
TRP C   O    doub N N 442 
TRP C   OXT  sing N N 443 
TRP CB  CG   sing N N 444 
TRP CB  HB2  sing N N 445 
TRP CB  HB3  sing N N 446 
TRP CG  CD1  doub Y N 447 
TRP CG  CD2  sing Y N 448 
TRP CD1 NE1  sing Y N 449 
TRP CD1 HD1  sing N N 450 
TRP CD2 CE2  doub Y N 451 
TRP CD2 CE3  sing Y N 452 
TRP NE1 CE2  sing Y N 453 
TRP NE1 HE1  sing N N 454 
TRP CE2 CZ2  sing Y N 455 
TRP CE3 CZ3  doub Y N 456 
TRP CE3 HE3  sing N N 457 
TRP CZ2 CH2  doub Y N 458 
TRP CZ2 HZ2  sing N N 459 
TRP CZ3 CH2  sing Y N 460 
TRP CZ3 HZ3  sing N N 461 
TRP CH2 HH2  sing N N 462 
TRP OXT HXT  sing N N 463 
TYR N   CA   sing N N 464 
TYR N   H    sing N N 465 
TYR N   H2   sing N N 466 
TYR CA  C    sing N N 467 
TYR CA  CB   sing N N 468 
TYR CA  HA   sing N N 469 
TYR C   O    doub N N 470 
TYR C   OXT  sing N N 471 
TYR CB  CG   sing N N 472 
TYR CB  HB2  sing N N 473 
TYR CB  HB3  sing N N 474 
TYR CG  CD1  doub Y N 475 
TYR CG  CD2  sing Y N 476 
TYR CD1 CE1  sing Y N 477 
TYR CD1 HD1  sing N N 478 
TYR CD2 CE2  doub Y N 479 
TYR CD2 HD2  sing N N 480 
TYR CE1 CZ   doub Y N 481 
TYR CE1 HE1  sing N N 482 
TYR CE2 CZ   sing Y N 483 
TYR CE2 HE2  sing N N 484 
TYR CZ  OH   sing N N 485 
TYR OH  HH   sing N N 486 
TYR OXT HXT  sing N N 487 
VAL N   CA   sing N N 488 
VAL N   H    sing N N 489 
VAL N   H2   sing N N 490 
VAL CA  C    sing N N 491 
VAL CA  CB   sing N N 492 
VAL CA  HA   sing N N 493 
VAL C   O    doub N N 494 
VAL C   OXT  sing N N 495 
VAL CB  CG1  sing N N 496 
VAL CB  CG2  sing N N 497 
VAL CB  HB   sing N N 498 
VAL CG1 HG11 sing N N 499 
VAL CG1 HG12 sing N N 500 
VAL CG1 HG13 sing N N 501 
VAL CG2 HG21 sing N N 502 
VAL CG2 HG22 sing N N 503 
VAL CG2 HG23 sing N N 504 
VAL OXT HXT  sing N N 505 
# 
_pdbx_initial_refinement_model.id               1 
_pdbx_initial_refinement_model.entity_id_list   ? 
_pdbx_initial_refinement_model.type             'experimental model' 
_pdbx_initial_refinement_model.source_name      PDB 
_pdbx_initial_refinement_model.accession_code   2H8V 
_pdbx_initial_refinement_model.details          'PDB ENTRY 2H8V' 
# 
_atom_sites.entry_id                    3FE9 
_atom_sites.fract_transf_matrix[1][1]   0.00941088 
_atom_sites.fract_transf_matrix[1][2]   0.00744497 
_atom_sites.fract_transf_matrix[1][3]   -0.00035762 
_atom_sites.fract_transf_matrix[2][1]   0.00487413 
_atom_sites.fract_transf_matrix[2][2]   -0.00657724 
_atom_sites.fract_transf_matrix[2][3]   -0.00866149 
_atom_sites.fract_transf_matrix[3][1]   -0.00998096 
_atom_sites.fract_transf_matrix[3][2]   0.01191222 
_atom_sites.fract_transf_matrix[3][3]   -0.01466238 
_atom_sites.fract_transf_vector[1]      0.145925 
_atom_sites.fract_transf_vector[2]      0.164224 
_atom_sites.fract_transf_vector[3]      0.012483 
# 
loop_
_atom_type.symbol 
C  
CL 
N  
O  
S  
# 
loop_
_atom_site.group_PDB 
_atom_site.id 
_atom_site.type_symbol 
_atom_site.label_atom_id 
_atom_site.label_alt_id 
_atom_site.label_comp_id 
_atom_site.label_asym_id 
_atom_site.label_entity_id 
_atom_site.label_seq_id 
_atom_site.pdbx_PDB_ins_code 
_atom_site.Cartn_x 
_atom_site.Cartn_y 
_atom_site.Cartn_z 
_atom_site.occupancy 
_atom_site.B_iso_or_equiv 
_atom_site.pdbx_formal_charge 
_atom_site.auth_seq_id 
_atom_site.auth_comp_id 
_atom_site.auth_asym_id 
_atom_site.auth_atom_id 
_atom_site.pdbx_PDB_model_num 
ATOM   1    N  N   . ASP A 1 3   ? 16.840  -0.752  -8.036  1.00 22.43 ? 3   ASP A N   1 
ATOM   2    C  CA  . ASP A 1 3   ? 15.803  -0.735  -6.939  1.00 22.31 ? 3   ASP A CA  1 
ATOM   3    C  C   . ASP A 1 3   ? 15.571  0.658   -6.376  1.00 22.23 ? 3   ASP A C   1 
ATOM   4    O  O   . ASP A 1 3   ? 16.452  1.248   -5.743  1.00 22.40 ? 3   ASP A O   1 
ATOM   5    C  CB  . ASP A 1 3   ? 16.225  -1.654  -5.799  1.00 22.76 ? 3   ASP A CB  1 
ATOM   6    C  CG  . ASP A 1 3   ? 15.102  -1.896  -4.796  1.00 22.46 ? 3   ASP A CG  1 
ATOM   7    O  OD1 . ASP A 1 3   ? 14.061  -1.182  -4.832  1.00 23.43 ? 3   ASP A OD1 1 
ATOM   8    O  OD2 . ASP A 1 3   ? 15.255  -2.822  -3.977  1.00 24.12 ? 3   ASP A OD2 1 
ATOM   9    N  N   . TRP A 1 4   ? 14.362  1.164   -6.594  1.00 21.77 ? 4   TRP A N   1 
ATOM   10   C  CA  . TRP A 1 4   ? 14.042  2.552   -6.250  1.00 21.35 ? 4   TRP A CA  1 
ATOM   11   C  C   . TRP A 1 4   ? 13.848  2.711   -4.751  1.00 20.83 ? 4   TRP A C   1 
ATOM   12   O  O   . TRP A 1 4   ? 13.895  3.818   -4.232  1.00 21.08 ? 4   TRP A O   1 
ATOM   13   C  CB  . TRP A 1 4   ? 12.796  3.060   -7.005  1.00 21.40 ? 4   TRP A CB  1 
ATOM   14   C  CG  . TRP A 1 4   ? 11.500  2.417   -6.591  1.00 22.33 ? 4   TRP A CG  1 
ATOM   15   C  CD1 . TRP A 1 4   ? 10.912  1.309   -7.144  1.00 22.24 ? 4   TRP A CD1 1 
ATOM   16   C  CD2 . TRP A 1 4   ? 10.627  2.856   -5.551  1.00 22.87 ? 4   TRP A CD2 1 
ATOM   17   N  NE1 . TRP A 1 4   ? 9.725   1.030   -6.501  1.00 23.74 ? 4   TRP A NE1 1 
ATOM   18   C  CE2 . TRP A 1 4   ? 9.528   1.966   -5.520  1.00 23.41 ? 4   TRP A CE2 1 
ATOM   19   C  CE3 . TRP A 1 4   ? 10.669  3.904   -4.634  1.00 23.47 ? 4   TRP A CE3 1 
ATOM   20   C  CZ2 . TRP A 1 4   ? 8.491   2.100   -4.610  1.00 24.97 ? 4   TRP A CZ2 1 
ATOM   21   C  CZ3 . TRP A 1 4   ? 9.643   4.038   -3.739  1.00 24.77 ? 4   TRP A CZ3 1 
ATOM   22   C  CH2 . TRP A 1 4   ? 8.563   3.144   -3.727  1.00 25.64 ? 4   TRP A CH2 1 
ATOM   23   N  N   . VAL A 1 5   ? 13.667  1.598   -4.050  1.00 19.65 ? 5   VAL A N   1 
ATOM   24   C  CA  . VAL A 1 5   ? 13.322  1.683   -2.612  1.00 18.80 ? 5   VAL A CA  1 
ATOM   25   C  C   . VAL A 1 5   ? 14.567  1.966   -1.763  1.00 18.31 ? 5   VAL A C   1 
ATOM   26   O  O   . VAL A 1 5   ? 15.541  1.218   -1.850  1.00 18.61 ? 5   VAL A O   1 
ATOM   27   C  CB  . VAL A 1 5   ? 12.687  0.392   -2.081  1.00 18.39 ? 5   VAL A CB  1 
ATOM   28   C  CG1 . VAL A 1 5   ? 12.274  0.591   -0.616  1.00 19.31 ? 5   VAL A CG1 1 
ATOM   29   C  CG2 . VAL A 1 5   ? 11.477  -0.061  -2.951  1.00 19.07 ? 5   VAL A CG2 1 
ATOM   30   N  N   . PRO A 1 6   ? 14.551  3.037   -0.946  1.00 17.48 ? 6   PRO A N   1 
ATOM   31   C  CA  . PRO A 1 6   ? 15.734  3.394   -0.136  1.00 17.16 ? 6   PRO A CA  1 
ATOM   32   C  C   . PRO A 1 6   ? 15.876  2.583   1.154   1.00 16.24 ? 6   PRO A C   1 
ATOM   33   O  O   . PRO A 1 6   ? 14.880  2.225   1.754   1.00 14.65 ? 6   PRO A O   1 
ATOM   34   C  CB  . PRO A 1 6   ? 15.508  4.874   0.194   1.00 17.68 ? 6   PRO A CB  1 
ATOM   35   C  CG  . PRO A 1 6   ? 14.128  5.172   -0.107  1.00 17.66 ? 6   PRO A CG  1 
ATOM   36   C  CD  . PRO A 1 6   ? 13.456  4.003   -0.765  1.00 18.37 ? 6   PRO A CD  1 
ATOM   37   N  N   . PRO A 1 7   ? 17.121  2.272   1.574   1.00 14.84 ? 7   PRO A N   1 
ATOM   38   C  CA  . PRO A 1 7   ? 17.215  1.320   2.684   1.00 14.72 ? 7   PRO A CA  1 
ATOM   39   C  C   . PRO A 1 7   ? 16.715  1.866   4.004   1.00 14.35 ? 7   PRO A C   1 
ATOM   40   O  O   . PRO A 1 7   ? 16.411  1.111   4.910   1.00 14.45 ? 7   PRO A O   1 
ATOM   41   C  CB  . PRO A 1 7   ? 18.729  1.041   2.776   1.00 14.41 ? 7   PRO A CB  1 
ATOM   42   C  CG  . PRO A 1 7   ? 19.244  1.390   1.458   1.00 14.86 ? 7   PRO A CG  1 
ATOM   43   C  CD  . PRO A 1 7   ? 18.434  2.527   0.960   1.00 15.41 ? 7   PRO A CD  1 
ATOM   44   N  N   . GLU A 1 8   ? 16.619  3.187   4.085   1.00 15.05 ? 8   GLU A N   1 
ATOM   45   C  CA  . GLU A 1 8   ? 16.207  3.855   5.323   1.00 15.11 ? 8   GLU A CA  1 
ATOM   46   C  C   . GLU A 1 8   ? 14.741  3.521   5.702   1.00 14.58 ? 8   GLU A C   1 
ATOM   47   O  O   . GLU A 1 8   ? 14.359  3.604   6.872   1.00 15.08 ? 8   GLU A O   1 
ATOM   48   C  CB  . GLU A 1 8   ? 16.373  5.379   5.206   1.00 15.70 ? 8   GLU A CB  1 
ATOM   49   C  CG  . GLU A 1 8   ? 17.804  5.849   5.241   0.50 14.97 ? 8   GLU A CG  1 
ATOM   50   C  CD  . GLU A 1 8   ? 18.454  5.909   3.866   0.50 15.72 ? 8   GLU A CD  1 
ATOM   51   O  OE1 . GLU A 1 8   ? 17.857  5.416   2.884   0.50 15.53 ? 8   GLU A OE1 1 
ATOM   52   O  OE2 . GLU A 1 8   ? 19.568  6.463   3.776   0.50 13.74 ? 8   GLU A OE2 1 
ATOM   53   N  N   . VAL A 1 9   ? 13.915  3.183   4.728   1.00 14.13 ? 9   VAL A N   1 
ATOM   54   C  CA  . VAL A 1 9   ? 12.497  2.987   5.015   1.00 14.62 ? 9   VAL A CA  1 
ATOM   55   C  C   . VAL A 1 9   ? 12.240  1.793   5.919   1.00 14.38 ? 9   VAL A C   1 
ATOM   56   O  O   . VAL A 1 9   ? 11.288  1.748   6.655   1.00 14.18 ? 9   VAL A O   1 
ATOM   57   C  CB  . VAL A 1 9   ? 11.659  2.837   3.744   1.00 14.91 ? 9   VAL A CB  1 
ATOM   58   C  CG1 . VAL A 1 9   ? 12.022  1.609   3.005   1.00 15.20 ? 9   VAL A CG1 1 
ATOM   59   C  CG2 . VAL A 1 9   ? 10.189  2.796   4.094   1.00 15.39 ? 9   VAL A CG2 1 
ATOM   60   N  N   . PHE A 1 10  ? 13.122  0.823   5.860   1.00 14.39 ? 10  PHE A N   1 
ATOM   61   C  CA  . PHE A 1 10  ? 12.868  -0.444  6.517   1.00 14.54 ? 10  PHE A CA  1 
ATOM   62   C  C   . PHE A 1 10  ? 12.804  -0.304  8.038   1.00 15.17 ? 10  PHE A C   1 
ATOM   63   O  O   . PHE A 1 10  ? 11.871  -0.829  8.674   1.00 14.59 ? 10  PHE A O   1 
ATOM   64   C  CB  . PHE A 1 10  ? 13.858  -1.499  6.042   1.00 14.75 ? 10  PHE A CB  1 
ATOM   65   C  CG  . PHE A 1 10  ? 13.627  -1.860  4.615   1.00 14.60 ? 10  PHE A CG  1 
ATOM   66   C  CD1 . PHE A 1 10  ? 12.667  -2.800  4.273   1.00 17.07 ? 10  PHE A CD1 1 
ATOM   67   C  CD2 . PHE A 1 10  ? 14.266  -1.165  3.612   1.00 15.57 ? 10  PHE A CD2 1 
ATOM   68   C  CE1 . PHE A 1 10  ? 12.404  -3.098  2.942   1.00 17.51 ? 10  PHE A CE1 1 
ATOM   69   C  CE2 . PHE A 1 10  ? 13.998  -1.448  2.285   1.00 17.24 ? 10  PHE A CE2 1 
ATOM   70   C  CZ  . PHE A 1 10  ? 13.077  -2.409  1.953   1.00 15.23 ? 10  PHE A CZ  1 
ATOM   71   N  N   . ASP A 1 11  ? 13.771  0.402   8.616   1.00 14.83 ? 11  ASP A N   1 
ATOM   72   C  CA  . ASP A 1 11  ? 13.743  0.624   10.063  1.00 15.20 ? 11  ASP A CA  1 
ATOM   73   C  C   . ASP A 1 11  ? 12.655  1.637   10.422  1.00 15.39 ? 11  ASP A C   1 
ATOM   74   O  O   . ASP A 1 11  ? 12.067  1.558   11.496  1.00 16.22 ? 11  ASP A O   1 
ATOM   75   C  CB  . ASP A 1 11  ? 15.076  1.084   10.621  1.00 15.70 ? 11  ASP A CB  1 
ATOM   76   C  CG  . ASP A 1 11  ? 15.092  1.059   12.134  0.50 15.01 ? 11  ASP A CG  1 
ATOM   77   O  OD1 . ASP A 1 11  ? 14.705  0.024   12.710  0.50 14.89 ? 11  ASP A OD1 1 
ATOM   78   O  OD2 . ASP A 1 11  ? 15.465  2.075   12.742  0.50 15.45 ? 11  ASP A OD2 1 
ATOM   79   N  N   . LEU A 1 12  ? 12.384  2.577   9.543   1.00 14.74 ? 12  LEU A N   1 
ATOM   80   C  CA  . LEU A 1 12  ? 11.371  3.578   9.807   1.00 15.20 ? 12  LEU A CA  1 
ATOM   81   C  C   . LEU A 1 12  ? 9.993   2.938   10.038  1.00 14.41 ? 12  LEU A C   1 
ATOM   82   O  O   . LEU A 1 12  ? 9.252   3.385   10.872  1.00 14.85 ? 12  LEU A O   1 
ATOM   83   C  CB  . LEU A 1 12  ? 11.281  4.572   8.662   1.00 15.07 ? 12  LEU A CB  1 
ATOM   84   C  CG  . LEU A 1 12  ? 11.914  5.936   8.869   1.00 19.12 ? 12  LEU A CG  1 
ATOM   85   C  CD1 . LEU A 1 12  ? 12.948  5.873   9.919   1.00 20.28 ? 12  LEU A CD1 1 
ATOM   86   C  CD2 . LEU A 1 12  ? 12.472  6.447   7.593   1.00 20.45 ? 12  LEU A CD2 1 
ATOM   87   N  N   . VAL A 1 13  ? 9.681   1.897   9.280   1.00 13.37 ? 13  VAL A N   1 
ATOM   88   C  CA  . VAL A 1 13  ? 8.327   1.296   9.322   1.00 13.12 ? 13  VAL A CA  1 
ATOM   89   C  C   . VAL A 1 13  ? 8.216   0.144   10.327  1.00 12.55 ? 13  VAL A C   1 
ATOM   90   O  O   . VAL A 1 13  ? 7.123   -0.391  10.562  1.00 11.49 ? 13  VAL A O   1 
ATOM   91   C  CB  . VAL A 1 13  ? 7.838   0.807   7.934   1.00 13.39 ? 13  VAL A CB  1 
ATOM   92   C  CG1 . VAL A 1 13  ? 7.930   1.924   6.876   1.00 14.05 ? 13  VAL A CG1 1 
ATOM   93   C  CG2 . VAL A 1 13  ? 8.593   -0.432  7.508   1.00 15.95 ? 13  VAL A CG2 1 
ATOM   94   N  N   . ALA A 1 14  ? 9.339   -0.229  10.931  1.00 11.47 ? 14  ALA A N   1 
ATOM   95   C  CA  . ALA A 1 14  ? 9.409   -1.468  11.711  1.00 11.21 ? 14  ALA A CA  1 
ATOM   96   C  C   . ALA A 1 14  ? 8.394   -1.561  12.857  1.00 11.16 ? 14  ALA A C   1 
ATOM   97   O  O   . ALA A 1 14  ? 7.745   -2.583  13.031  1.00 11.56 ? 14  ALA A O   1 
ATOM   98   C  CB  . ALA A 1 14  ? 10.865  -1.722  12.256  1.00 10.67 ? 14  ALA A CB  1 
ATOM   99   N  N   . GLU A 1 15  ? 8.247   -0.486  13.622  1.00 11.60 ? 15  GLU A N   1 
ATOM   100  C  CA  . GLU A 1 15  ? 7.366   -0.515  14.807  1.00 11.98 ? 15  GLU A CA  1 
ATOM   101  C  C   . GLU A 1 15  ? 5.919   -0.642  14.375  1.00 11.46 ? 15  GLU A C   1 
ATOM   102  O  O   . GLU A 1 15  ? 5.162   -1.451  14.903  1.00 11.21 ? 15  GLU A O   1 
ATOM   103  C  CB  . GLU A 1 15  ? 7.548   0.747   15.671  1.00 12.96 ? 15  GLU A CB  1 
ATOM   104  C  CG  . GLU A 1 15  ? 6.777   0.728   16.971  0.50 13.77 ? 15  GLU A CG  1 
ATOM   105  C  CD  . GLU A 1 15  ? 7.021   1.961   17.820  0.50 17.36 ? 15  GLU A CD  1 
ATOM   106  O  OE1 . GLU A 1 15  ? 7.809   2.840   17.401  0.50 18.39 ? 15  GLU A OE1 1 
ATOM   107  O  OE2 . GLU A 1 15  ? 6.430   2.041   18.919  0.50 19.39 ? 15  GLU A OE2 1 
ATOM   108  N  N   . ASP A 1 16  ? 5.533   0.158   13.387  1.00 12.28 ? 16  ASP A N   1 
ATOM   109  C  CA  . ASP A 1 16  ? 4.155   0.116   12.872  1.00 11.37 ? 16  ASP A CA  1 
ATOM   110  C  C   . ASP A 1 16  ? 3.856   -1.207  12.175  1.00 12.13 ? 16  ASP A C   1 
ATOM   111  O  O   . ASP A 1 16  ? 2.761   -1.751  12.278  1.00 12.49 ? 16  ASP A O   1 
ATOM   112  C  CB  . ASP A 1 16  ? 3.890   1.295   11.940  1.00 13.07 ? 16  ASP A CB  1 
ATOM   113  C  CG  . ASP A 1 16  ? 3.743   2.619   12.686  0.50 9.00  ? 16  ASP A CG  1 
ATOM   114  O  OD1 . ASP A 1 16  ? 2.740   2.823   13.404  0.50 4.18  ? 16  ASP A OD1 1 
ATOM   115  O  OD2 . ASP A 1 16  ? 4.641   3.474   12.550  0.50 8.50  ? 16  ASP A OD2 1 
ATOM   116  N  N   . LYS A 1 17  ? 4.846   -1.728  11.466  1.00 11.16 ? 17  LYS A N   1 
ATOM   117  C  CA  . LYS A 1 17  ? 4.704   -3.045  10.807  1.00 11.36 ? 17  LYS A CA  1 
ATOM   118  C  C   . LYS A 1 17  ? 4.360   -4.103  11.831  1.00 11.11 ? 17  LYS A C   1 
ATOM   119  O  O   . LYS A 1 17  ? 3.394   -4.848  11.637  1.00 11.39 ? 17  LYS A O   1 
ATOM   120  C  CB  A LYS A 1 17  ? 5.953   -3.440  10.022  0.50 11.37 ? 17  LYS A CB  1 
ATOM   121  C  CB  B LYS A 1 17  ? 5.975   -3.458  10.052  0.50 10.80 ? 17  LYS A CB  1 
ATOM   122  C  CG  A LYS A 1 17  ? 5.801   -4.769  9.307   0.50 13.49 ? 17  LYS A CG  1 
ATOM   123  C  CG  B LYS A 1 17  ? 6.048   -4.954  9.708   0.50 10.88 ? 17  LYS A CG  1 
ATOM   124  C  CD  A LYS A 1 17  ? 6.973   -5.125  8.393   0.50 16.36 ? 17  LYS A CD  1 
ATOM   125  C  CD  B LYS A 1 17  ? 7.337   -5.336  8.981   0.50 10.50 ? 17  LYS A CD  1 
ATOM   126  C  CE  A LYS A 1 17  ? 6.731   -6.500  7.780   0.50 17.26 ? 17  LYS A CE  1 
ATOM   127  C  CE  B LYS A 1 17  ? 7.350   -6.814  8.581   0.50 8.61  ? 17  LYS A CE  1 
ATOM   128  N  NZ  A LYS A 1 17  ? 7.955   -7.236  7.398   0.50 20.88 ? 17  LYS A NZ  1 
ATOM   129  N  NZ  B LYS A 1 17  ? 6.241   -7.183  7.627   0.50 9.93  ? 17  LYS A NZ  1 
ATOM   130  N  N   . ALA A 1 18  ? 5.104   -4.142  12.934  1.00 10.25 ? 18  ALA A N   1 
ATOM   131  C  CA  . ALA A 1 18  ? 4.880   -5.161  13.967  1.00 10.75 ? 18  ALA A CA  1 
ATOM   132  C  C   . ALA A 1 18  ? 3.488   -4.974  14.551  1.00 10.79 ? 18  ALA A C   1 
ATOM   133  O  O   . ALA A 1 18  ? 2.740   -5.925  14.726  1.00 10.55 ? 18  ALA A O   1 
ATOM   134  C  CB  . ALA A 1 18  ? 5.953   -5.096  15.051  1.00 10.67 ? 18  ALA A CB  1 
ATOM   135  N  N   . ARG A 1 19  ? 3.129   -3.720  14.799  1.00 10.62 ? 19  ARG A N   1 
ATOM   136  C  CA  . ARG A 1 19  ? 1.827   -3.429  15.408  1.00 11.23 ? 19  ARG A CA  1 
ATOM   137  C  C   . ARG A 1 19  ? 0.692   -3.831  14.468  1.00 11.05 ? 19  ARG A C   1 
ATOM   138  O  O   . ARG A 1 19  ? -0.255  -4.522  14.882  1.00 12.57 ? 19  ARG A O   1 
ATOM   139  C  CB  . ARG A 1 19  ? 1.697   -1.937  15.734  1.00 10.10 ? 19  ARG A CB  1 
ATOM   140  C  CG  . ARG A 1 19  ? 0.277   -1.552  16.180  1.00 10.59 ? 19  ARG A CG  1 
ATOM   141  C  CD  . ARG A 1 19  ? 0.135   -0.080  16.506  1.00 11.53 ? 19  ARG A CD  1 
ATOM   142  N  NE  . ARG A 1 19  ? 0.467   0.775   15.382  1.00 12.02 ? 19  ARG A NE  1 
ATOM   143  C  CZ  . ARG A 1 19  ? -0.377  1.035   14.382  1.00 13.11 ? 19  ARG A CZ  1 
ATOM   144  N  NH1 . ARG A 1 19  ? -1.593  0.514   14.368  1.00 11.37 ? 19  ARG A NH1 1 
ATOM   145  N  NH2 . ARG A 1 19  ? 0.005   1.826   13.396  1.00 13.83 ? 19  ARG A NH2 1 
ATOM   146  N  N   . CYS A 1 20  ? 0.814   -3.438  13.204  1.00 10.72 ? 20  CYS A N   1 
ATOM   147  C  CA  . CYS A 1 20  ? -0.231  -3.723  12.195  1.00 11.39 ? 20  CYS A CA  1 
ATOM   148  C  C   . CYS A 1 20  ? -0.404  -5.234  12.001  1.00 11.11 ? 20  CYS A C   1 
ATOM   149  O  O   . CYS A 1 20  ? -1.538  -5.708  11.875  1.00 11.44 ? 20  CYS A O   1 
ATOM   150  C  CB  . CYS A 1 20  ? 0.050   -3.046  10.862  1.00 12.23 ? 20  CYS A CB  1 
ATOM   151  S  SG  . CYS A 1 20  ? -0.116  -1.224  10.973  1.00 14.11 ? 20  CYS A SG  1 
ATOM   152  N  N   . MET A 1 21  ? 0.708   -5.977  11.976  1.00 10.34 ? 21  MET A N   1 
ATOM   153  C  CA  . MET A 1 21  ? 0.596   -7.465  11.817  1.00 10.41 ? 21  MET A CA  1 
ATOM   154  C  C   . MET A 1 21  ? -0.139  -8.088  12.999  1.00 11.59 ? 21  MET A C   1 
ATOM   155  O  O   . MET A 1 21  ? -0.981  -8.985  12.832  1.00 11.55 ? 21  MET A O   1 
ATOM   156  C  CB  . MET A 1 21  ? 1.969   -8.133  11.636  1.00 10.69 ? 21  MET A CB  1 
ATOM   157  C  CG  . MET A 1 21  ? 2.648   -7.687  10.351  1.00 11.83 ? 21  MET A CG  1 
ATOM   158  S  SD  . MET A 1 21  ? 4.255   -8.397  10.080  1.00 13.01 ? 21  MET A SD  1 
ATOM   159  C  CE  . MET A 1 21  ? 3.809   -10.096 9.609   1.00 12.14 ? 21  MET A CE  1 
ATOM   160  N  N   . SER A 1 22  ? 0.206   -7.615  14.191  1.00 10.54 ? 22  SER A N   1 
ATOM   161  C  CA  . SER A 1 22  ? -0.385  -8.154  15.422  1.00 11.23 ? 22  SER A CA  1 
ATOM   162  C  C   . SER A 1 22  ? -1.860  -7.857  15.475  1.00 10.99 ? 22  SER A C   1 
ATOM   163  O  O   . SER A 1 22  ? -2.666  -8.723  15.816  1.00 11.86 ? 22  SER A O   1 
ATOM   164  C  CB  A SER A 1 22  ? 0.303   -7.546  16.657  0.33 10.86 ? 22  SER A CB  1 
ATOM   165  C  CB  B SER A 1 22  ? 0.331   -7.600  16.670  0.33 11.20 ? 22  SER A CB  1 
ATOM   166  C  CB  C SER A 1 22  ? 0.347   -7.678  16.685  0.33 11.48 ? 22  SER A CB  1 
ATOM   167  O  OG  A SER A 1 22  ? -0.284  -8.002  17.869  0.33 9.00  ? 22  SER A OG  1 
ATOM   168  O  OG  B SER A 1 22  ? 1.624   -8.182  16.829  0.33 11.96 ? 22  SER A OG  1 
ATOM   169  O  OG  C SER A 1 22  ? 0.226   -6.295  16.886  0.33 14.17 ? 22  SER A OG  1 
ATOM   170  N  N   . GLU A 1 23  ? -2.223  -6.621  15.125  1.00 9.71  ? 23  GLU A N   1 
ATOM   171  C  CA  . GLU A 1 23  ? -3.622  -6.188  15.167  1.00 9.98  ? 23  GLU A CA  1 
ATOM   172  C  C   . GLU A 1 23  ? -4.508  -7.021  14.251  1.00 10.54 ? 23  GLU A C   1 
ATOM   173  O  O   . GLU A 1 23  ? -5.678  -7.285  14.591  1.00 12.51 ? 23  GLU A O   1 
ATOM   174  C  CB  . GLU A 1 23  ? -3.786  -4.706  14.772  1.00 10.21 ? 23  GLU A CB  1 
ATOM   175  C  CG  . GLU A 1 23  ? -3.329  -3.713  15.816  1.00 12.42 ? 23  GLU A CG  1 
ATOM   176  C  CD  . GLU A 1 23  ? -3.454  -2.283  15.337  1.00 13.21 ? 23  GLU A CD  1 
ATOM   177  O  OE1 . GLU A 1 23  ? -3.918  -2.068  14.176  1.00 14.55 ? 23  GLU A OE1 1 
ATOM   178  O  OE2 . GLU A 1 23  ? -3.079  -1.374  16.109  1.00 12.12 ? 23  GLU A OE2 1 
ATOM   179  N  N   . HIS A 1 24  ? -3.966  -7.416  13.106  1.00 9.99  ? 24  HIS A N   1 
ATOM   180  C  CA  . HIS A 1 24  ? -4.799  -7.923  12.009  1.00 9.41  ? 24  HIS A CA  1 
ATOM   181  C  C   . HIS A 1 24  ? -4.621  -9.392  11.725  1.00 9.08  ? 24  HIS A C   1 
ATOM   182  O  O   . HIS A 1 24  ? -5.311  -9.982  10.873  1.00 10.30 ? 24  HIS A O   1 
ATOM   183  C  CB  . HIS A 1 24  ? -4.645  -7.039  10.761  1.00 9.04  ? 24  HIS A CB  1 
ATOM   184  C  CG  . HIS A 1 24  ? -5.042  -5.632  11.036  1.00 10.16 ? 24  HIS A CG  1 
ATOM   185  N  ND1 . HIS A 1 24  ? -6.334  -5.293  11.385  1.00 12.81 ? 24  HIS A ND1 1 
ATOM   186  C  CD2 . HIS A 1 24  ? -4.322  -4.493  11.076  1.00 12.06 ? 24  HIS A CD2 1 
ATOM   187  C  CE1 . HIS A 1 24  ? -6.388  -3.991  11.629  1.00 14.76 ? 24  HIS A CE1 1 
ATOM   188  N  NE2 . HIS A 1 24  ? -5.180  -3.481  11.454  1.00 13.05 ? 24  HIS A NE2 1 
ATOM   189  N  N   . GLY A 1 25  ? -3.684  -10.003 12.430  1.00 9.31  ? 25  GLY A N   1 
ATOM   190  C  CA  . GLY A 1 25  ? -3.431  -11.427 12.228  1.00 10.18 ? 25  GLY A CA  1 
ATOM   191  C  C   . GLY A 1 25  ? -2.651  -11.712 10.972  1.00 10.31 ? 25  GLY A C   1 
ATOM   192  O  O   . GLY A 1 25  ? -2.710  -12.806 10.424  1.00 9.98  ? 25  GLY A O   1 
ATOM   193  N  N   . THR A 1 26  ? -1.892  -10.721 10.520  1.00 10.07 ? 26  THR A N   1 
ATOM   194  C  CA  . THR A 1 26  ? -1.131  -10.853 9.297   1.00 9.22  ? 26  THR A CA  1 
ATOM   195  C  C   . THR A 1 26  ? 0.120   -11.703 9.482   1.00 10.06 ? 26  THR A C   1 
ATOM   196  O  O   . THR A 1 26  ? 0.820   -11.565 10.473  1.00 10.49 ? 26  THR A O   1 
ATOM   197  C  CB  . THR A 1 26  ? -0.642  -9.470  8.849   1.00 9.96  ? 26  THR A CB  1 
ATOM   198  O  OG1 . THR A 1 26  ? -1.666  -8.524  9.107   1.00 9.11  ? 26  THR A OG1 1 
ATOM   199  C  CG2 . THR A 1 26  ? -0.219  -9.485  7.351   1.00 9.82  ? 26  THR A CG2 1 
ATOM   200  N  N   . THR A 1 27  ? 0.380   -12.581 8.530   1.00 9.02  ? 27  THR A N   1 
ATOM   201  C  CA  . THR A 1 27  ? 1.630   -13.348 8.499   1.00 9.48  ? 27  THR A CA  1 
ATOM   202  C  C   . THR A 1 27  ? 2.629   -12.728 7.541   1.00 10.15 ? 27  THR A C   1 
ATOM   203  O  O   . THR A 1 27  ? 2.270   -12.098 6.551   1.00 10.11 ? 27  THR A O   1 
ATOM   204  C  CB  . THR A 1 27  ? 1.422   -14.828 8.138   1.00 9.28  ? 27  THR A CB  1 
ATOM   205  O  OG1 . THR A 1 27  ? 1.191   -14.970 6.724   1.00 9.25  ? 27  THR A OG1 1 
ATOM   206  C  CG2 . THR A 1 27  ? 0.274   -15.472 8.970   1.00 9.67  ? 27  THR A CG2 1 
ATOM   207  N  N   . GLN A 1 28  ? 3.907   -12.977 7.795   1.00 10.91 ? 28  GLN A N   1 
ATOM   208  C  CA  . GLN A 1 28  ? 4.922   -12.533 6.847   1.00 10.98 ? 28  GLN A CA  1 
ATOM   209  C  C   . GLN A 1 28  ? 4.727   -13.209 5.474   1.00 10.62 ? 28  GLN A C   1 
ATOM   210  O  O   . GLN A 1 28  ? 4.974   -12.603 4.446   1.00 11.76 ? 28  GLN A O   1 
ATOM   211  C  CB  . GLN A 1 28  ? 6.337   -12.743 7.400   1.00 11.89 ? 28  GLN A CB  1 
ATOM   212  C  CG  . GLN A 1 28  ? 7.431   -12.185 6.475   1.00 13.16 ? 28  GLN A CG  1 
ATOM   213  C  CD  . GLN A 1 28  ? 7.387   -10.699 6.329   1.00 13.64 ? 28  GLN A CD  1 
ATOM   214  O  OE1 . GLN A 1 28  ? 7.131   -9.954  7.296   1.00 17.00 ? 28  GLN A OE1 1 
ATOM   215  N  NE2 . GLN A 1 28  ? 7.618   -10.230 5.102   1.00 15.06 ? 28  GLN A NE2 1 
ATOM   216  N  N   . ALA A 1 29  ? 4.235   -14.447 5.464   1.00 9.72  ? 29  ALA A N   1 
ATOM   217  C  CA  . ALA A 1 29  ? 3.995   -15.167 4.216   1.00 9.97  ? 29  ALA A CA  1 
ATOM   218  C  C   . ALA A 1 29  ? 2.958   -14.416 3.369   1.00 9.00  ? 29  ALA A C   1 
ATOM   219  O  O   . ALA A 1 29  ? 3.080   -14.352 2.143   1.00 8.76  ? 29  ALA A O   1 
ATOM   220  C  CB  . ALA A 1 29  ? 3.535   -16.621 4.477   1.00 9.95  ? 29  ALA A CB  1 
ATOM   221  N  N   . GLN A 1 30  ? 1.959   -13.849 4.024   1.00 8.94  ? 30  GLN A N   1 
ATOM   222  C  CA  . GLN A 1 30  ? 0.925   -13.067 3.306   1.00 9.04  ? 30  GLN A CA  1 
ATOM   223  C  C   . GLN A 1 30  ? 1.523   -11.822 2.662   1.00 9.92  ? 30  GLN A C   1 
ATOM   224  O  O   . GLN A 1 30  ? 1.154   -11.440 1.560   1.00 9.78  ? 30  GLN A O   1 
ATOM   225  C  CB  . GLN A 1 30  ? -0.204  -12.632 4.222   1.00 9.93  ? 30  GLN A CB  1 
ATOM   226  C  CG  . GLN A 1 30  ? -1.117  -13.754 4.652   1.00 8.77  ? 30  GLN A CG  1 
ATOM   227  C  CD  . GLN A 1 30  ? -2.181  -13.256 5.562   1.00 7.28  ? 30  GLN A CD  1 
ATOM   228  O  OE1 . GLN A 1 30  ? -1.906  -12.885 6.715   1.00 9.15  ? 30  GLN A OE1 1 
ATOM   229  N  NE2 . GLN A 1 30  ? -3.403  -13.185 5.050   1.00 6.65  ? 30  GLN A NE2 1 
ATOM   230  N  N   . ILE A 1 31  ? 2.438   -11.192 3.390   1.00 9.81  ? 31  ILE A N   1 
ATOM   231  C  CA  . ILE A 1 31  ? 3.105   -9.966  2.897   1.00 9.94  ? 31  ILE A CA  1 
ATOM   232  C  C   . ILE A 1 31  ? 4.021   -10.312 1.714   1.00 10.67 ? 31  ILE A C   1 
ATOM   233  O  O   . ILE A 1 31  ? 4.037   -9.618  0.685   1.00 10.64 ? 31  ILE A O   1 
ATOM   234  C  CB  . ILE A 1 31  ? 3.867   -9.228  4.032   1.00 11.32 ? 31  ILE A CB  1 
ATOM   235  C  CG1 . ILE A 1 31  ? 2.896   -8.687  5.080   1.00 12.02 ? 31  ILE A CG1 1 
ATOM   236  C  CG2 . ILE A 1 31  ? 4.720   -8.089  3.431   1.00 11.65 ? 31  ILE A CG2 1 
ATOM   237  C  CD1 . ILE A 1 31  ? 3.573   -8.210  6.375   1.00 13.13 ? 31  ILE A CD1 1 
ATOM   238  N  N   . ASP A 1 32  ? 4.721   -11.437 1.823   1.00 10.95 ? 32  ASP A N   1 
ATOM   239  C  CA  . ASP A 1 32  ? 5.631   -11.877 0.774   1.00 11.31 ? 32  ASP A CA  1 
ATOM   240  C  C   . ASP A 1 32  ? 4.800   -12.117 -0.495  1.00 12.00 ? 32  ASP A C   1 
ATOM   241  O  O   . ASP A 1 32  ? 5.219   -11.786 -1.619  1.00 10.98 ? 32  ASP A O   1 
ATOM   242  C  CB  . ASP A 1 32  ? 6.356   -13.189 1.129   1.00 11.37 ? 32  ASP A CB  1 
ATOM   243  C  CG  . ASP A 1 32  ? 7.280   -13.089 2.358   0.50 8.98  ? 32  ASP A CG  1 
ATOM   244  O  OD1 . ASP A 1 32  ? 7.768   -12.005 2.695   0.50 7.13  ? 32  ASP A OD1 1 
ATOM   245  O  OD2 . ASP A 1 32  ? 7.512   -14.145 2.985   0.50 10.48 ? 32  ASP A OD2 1 
ATOM   246  N  N   . ASP A 1 33  ? 3.605   -12.684 -0.300  1.00 11.66 ? 33  ASP A N   1 
ATOM   247  C  CA  A ASP A 1 33  ? 2.722   -13.035 -1.413  0.60 12.20 ? 33  ASP A CA  1 
ATOM   248  C  CA  B ASP A 1 33  ? 2.743   -13.038 -1.436  0.40 12.31 ? 33  ASP A CA  1 
ATOM   249  C  C   . ASP A 1 33  ? 2.230   -11.802 -2.147  1.00 12.30 ? 33  ASP A C   1 
ATOM   250  O  O   . ASP A 1 33  ? 2.255   -11.748 -3.373  1.00 11.87 ? 33  ASP A O   1 
ATOM   251  C  CB  A ASP A 1 33  ? 1.525   -13.855 -0.928  0.60 12.64 ? 33  ASP A CB  1 
ATOM   252  C  CB  B ASP A 1 33  ? 1.582   -13.972 -1.050  0.40 12.67 ? 33  ASP A CB  1 
ATOM   253  C  CG  A ASP A 1 33  ? 0.961   -14.750 -1.997  0.60 13.93 ? 33  ASP A CG  1 
ATOM   254  C  CG  B ASP A 1 33  ? 1.833   -15.414 -1.470  0.40 14.56 ? 33  ASP A CG  1 
ATOM   255  O  OD1 A ASP A 1 33  ? 1.649   -15.013 -3.005  0.60 18.72 ? 33  ASP A OD1 1 
ATOM   256  O  OD1 B ASP A 1 33  ? 2.272   -16.227 -0.627  0.40 19.29 ? 33  ASP A OD1 1 
ATOM   257  O  OD2 A ASP A 1 33  ? -0.174  -15.225 -1.809  0.60 17.05 ? 33  ASP A OD2 1 
ATOM   258  O  OD2 B ASP A 1 33  ? 1.606   -15.751 -2.654  0.40 16.44 ? 33  ASP A OD2 1 
ATOM   259  N  N   . VAL A 1 34  ? 1.802   -10.801 -1.391  1.00 11.77 ? 34  VAL A N   1 
ATOM   260  C  CA  . VAL A 1 34  ? 1.316   -9.537  -2.018  1.00 12.88 ? 34  VAL A CA  1 
ATOM   261  C  C   . VAL A 1 34  ? 2.486   -8.765  -2.630  1.00 13.63 ? 34  VAL A C   1 
ATOM   262  O  O   . VAL A 1 34  ? 2.336   -8.125  -3.693  1.00 12.93 ? 34  VAL A O   1 
ATOM   263  C  CB  . VAL A 1 34  ? 0.425   -8.644  -1.114  1.00 14.44 ? 34  VAL A CB  1 
ATOM   264  C  CG1 . VAL A 1 34  ? 1.128   -8.157  0.151   1.00 12.90 ? 34  VAL A CG1 1 
ATOM   265  C  CG2 . VAL A 1 34  ? -0.073  -7.427  -1.945  1.00 14.97 ? 34  VAL A CG2 1 
ATOM   266  N  N   . ASP A 1 35  ? 3.652   -8.873  -1.996  1.00 14.01 ? 35  ASP A N   1 
ATOM   267  C  CA  . ASP A 1 35  ? 4.863   -8.220  -2.524  1.00 14.52 ? 35  ASP A CA  1 
ATOM   268  C  C   . ASP A 1 35  ? 5.237   -8.784  -3.881  1.00 14.99 ? 35  ASP A C   1 
ATOM   269  O  O   . ASP A 1 35  ? 5.840   -8.077  -4.722  1.00 16.16 ? 35  ASP A O   1 
ATOM   270  C  CB  . ASP A 1 35  ? 6.040   -8.334  -1.552  1.00 14.98 ? 35  ASP A CB  1 
ATOM   271  C  CG  . ASP A 1 35  ? 7.263   -7.617  -2.048  1.00 17.34 ? 35  ASP A CG  1 
ATOM   272  O  OD1 . ASP A 1 35  ? 7.140   -6.431  -2.442  1.00 17.85 ? 35  ASP A OD1 1 
ATOM   273  O  OD2 . ASP A 1 35  ? 8.347   -8.243  -2.041  1.00 19.39 ? 35  ASP A OD2 1 
ATOM   274  N  N   . LYS A 1 36  ? 4.883   -10.052 -4.120  1.00 13.49 ? 36  LYS A N   1 
ATOM   275  C  CA  . LYS A 1 36  ? 5.157   -10.726 -5.386  1.00 13.70 ? 36  LYS A CA  1 
ATOM   276  C  C   . LYS A 1 36  ? 4.020   -10.531 -6.368  1.00 13.98 ? 36  LYS A C   1 
ATOM   277  O  O   . LYS A 1 36  ? 4.085   -11.013 -7.495  1.00 14.77 ? 36  LYS A O   1 
ATOM   278  C  CB  . LYS A 1 36  ? 5.415   -12.234 -5.207  1.00 13.20 ? 36  LYS A CB  1 
ATOM   279  C  CG  . LYS A 1 36  ? 6.628   -12.582 -4.374  0.50 12.23 ? 36  LYS A CG  1 
ATOM   280  C  CD  . LYS A 1 36  ? 6.638   -14.052 -4.022  0.50 12.50 ? 36  LYS A CD  1 
ATOM   281  C  CE  . LYS A 1 36  ? 7.572   -14.330 -2.860  0.30 13.03 ? 36  LYS A CE  1 
ATOM   282  N  NZ  . LYS A 1 36  ? 7.529   -15.757 -2.455  0.30 13.43 ? 36  LYS A NZ  1 
ATOM   283  N  N   . GLY A 1 37  ? 2.976   -9.853  -5.927  1.00 14.20 ? 37  GLY A N   1 
ATOM   284  C  CA  . GLY A 1 37  ? 1.882   -9.443  -6.815  1.00 14.59 ? 37  GLY A CA  1 
ATOM   285  C  C   . GLY A 1 37  ? 0.622   -10.300 -6.719  1.00 15.51 ? 37  GLY A C   1 
ATOM   286  O  O   . GLY A 1 37  ? -0.274  -10.225 -7.565  1.00 16.32 ? 37  GLY A O   1 
ATOM   287  N  N   . ASN A 1 38  ? 0.559   -11.133 -5.696  1.00 14.96 ? 38  ASN A N   1 
ATOM   288  C  CA  . ASN A 1 38  ? -0.585  -12.012 -5.520  1.00 15.46 ? 38  ASN A CA  1 
ATOM   289  C  C   . ASN A 1 38  ? -1.423  -11.504 -4.375  1.00 16.01 ? 38  ASN A C   1 
ATOM   290  O  O   . ASN A 1 38  ? -0.972  -11.418 -3.229  1.00 15.70 ? 38  ASN A O   1 
ATOM   291  C  CB  . ASN A 1 38  ? -0.120  -13.433 -5.233  1.00 15.40 ? 38  ASN A CB  1 
ATOM   292  C  CG  . ASN A 1 38  ? 0.909   -13.927 -6.244  1.00 17.02 ? 38  ASN A CG  1 
ATOM   293  O  OD1 . ASN A 1 38  ? 0.677   -13.874 -7.445  1.00 17.59 ? 38  ASN A OD1 1 
ATOM   294  N  ND2 . ASN A 1 38  ? 2.037   -14.438 -5.753  1.00 21.80 ? 38  ASN A ND2 1 
ATOM   295  N  N   . LEU A 1 39  ? -2.637  -11.090 -4.669  1.00 16.42 ? 39  LEU A N   1 
ATOM   296  C  CA  A LEU A 1 39  ? -3.490  -10.653 -3.558  0.50 15.96 ? 39  LEU A CA  1 
ATOM   297  C  CA  B LEU A 1 39  ? -3.492  -10.634 -3.601  0.50 16.69 ? 39  LEU A CA  1 
ATOM   298  C  C   . LEU A 1 39  ? -4.916  -11.082 -3.664  1.00 15.88 ? 39  LEU A C   1 
ATOM   299  O  O   . LEU A 1 39  ? -5.501  -11.106 -4.702  1.00 15.42 ? 39  LEU A O   1 
ATOM   300  C  CB  A LEU A 1 39  ? -3.384  -9.139  -3.384  0.50 16.03 ? 39  LEU A CB  1 
ATOM   301  C  CB  B LEU A 1 39  ? -3.434  -9.129  -3.493  0.50 17.42 ? 39  LEU A CB  1 
ATOM   302  C  CG  A LEU A 1 39  ? -4.321  -8.479  -2.354  0.50 14.00 ? 39  LEU A CG  1 
ATOM   303  C  CG  B LEU A 1 39  ? -3.488  -8.438  -4.838  0.50 18.32 ? 39  LEU A CG  1 
ATOM   304  C  CD1 A LEU A 1 39  ? -3.943  -8.727  -0.898  0.50 8.29  ? 39  LEU A CD1 1 
ATOM   305  C  CD1 B LEU A 1 39  ? -4.858  -8.472  -5.402  0.50 20.41 ? 39  LEU A CD1 1 
ATOM   306  C  CD2 A LEU A 1 39  ? -4.368  -6.973  -2.636  0.50 15.54 ? 39  LEU A CD2 1 
ATOM   307  C  CD2 B LEU A 1 39  ? -2.971  -7.032  -4.758  0.50 19.72 ? 39  LEU A CD2 1 
ATOM   308  N  N   . VAL A 1 40  ? -5.440  -11.448 -2.517  1.00 15.30 ? 40  VAL A N   1 
ATOM   309  C  CA  . VAL A 1 40  ? -6.839  -11.810 -2.369  1.00 15.21 ? 40  VAL A CA  1 
ATOM   310  C  C   . VAL A 1 40  ? -7.406  -10.947 -1.285  1.00 13.08 ? 40  VAL A C   1 
ATOM   311  O  O   . VAL A 1 40  ? -6.667  -10.282 -0.556  1.00 12.54 ? 40  VAL A O   1 
ATOM   312  C  CB  . VAL A 1 40  ? -7.097  -13.325 -2.077  1.00 16.66 ? 40  VAL A CB  1 
ATOM   313  C  CG1 . VAL A 1 40  ? -6.653  -14.163 -3.282  1.00 17.36 ? 40  VAL A CG1 1 
ATOM   314  C  CG2 . VAL A 1 40  ? -6.417  -13.763 -0.806  1.00 19.47 ? 40  VAL A CG2 1 
ATOM   315  N  N   . ASN A 1 41  ? -8.732  -10.930 -1.261  1.00 12.35 ? 41  ASN A N   1 
ATOM   316  C  CA  . ASN A 1 41  ? -9.504  -10.013 -0.427  1.00 11.47 ? 41  ASN A CA  1 
ATOM   317  C  C   . ASN A 1 41  ? -9.678  -10.600 0.964   1.00 11.51 ? 41  ASN A C   1 
ATOM   318  O  O   . ASN A 1 41  ? -10.808 -10.849 1.403   1.00 11.47 ? 41  ASN A O   1 
ATOM   319  C  CB  . ASN A 1 41  ? -10.865 -9.754  -1.051  1.00 11.45 ? 41  ASN A CB  1 
ATOM   320  C  CG  . ASN A 1 41  ? -11.621 -8.661  -0.380  1.00 12.18 ? 41  ASN A CG  1 
ATOM   321  O  OD1 . ASN A 1 41  ? -11.047 -7.689  0.124   1.00 12.75 ? 41  ASN A OD1 1 
ATOM   322  N  ND2 . ASN A 1 41  ? -12.953 -8.788  -0.384  1.00 14.13 ? 41  ASN A ND2 1 
ATOM   323  N  N   . GLU A 1 42  ? -8.539  -10.844 1.614   1.00 10.04 ? 42  GLU A N   1 
ATOM   324  C  CA  . GLU A 1 42  ? -8.519  -11.372 2.992   1.00 9.74  ? 42  GLU A CA  1 
ATOM   325  C  C   . GLU A 1 42  ? -8.196  -10.232 3.955   1.00 9.56  ? 42  GLU A C   1 
ATOM   326  O  O   . GLU A 1 42  ? -7.150  -9.613  3.845   1.00 8.12  ? 42  GLU A O   1 
ATOM   327  C  CB  . GLU A 1 42  ? -7.453  -12.469 3.170   1.00 9.94  ? 42  GLU A CB  1 
ATOM   328  C  CG  . GLU A 1 42  ? -7.837  -13.840 2.620   1.00 11.71 ? 42  GLU A CG  1 
ATOM   329  C  CD  . GLU A 1 42  ? -8.969  -14.514 3.378   1.00 14.38 ? 42  GLU A CD  1 
ATOM   330  O  OE1 . GLU A 1 42  ? -9.318  -14.091 4.515   1.00 12.56 ? 42  GLU A OE1 1 
ATOM   331  O  OE2 . GLU A 1 42  ? -9.520  -15.497 2.827   1.00 14.73 ? 42  GLU A OE2 1 
ATOM   332  N  N   . PRO A 1 43  ? -9.085  -9.968  4.918   1.00 9.66  ? 43  PRO A N   1 
ATOM   333  C  CA  . PRO A 1 43  ? -8.863  -8.844  5.815   1.00 10.05 ? 43  PRO A CA  1 
ATOM   334  C  C   . PRO A 1 43  ? -7.506  -8.841  6.535   1.00 9.87  ? 43  PRO A C   1 
ATOM   335  O  O   . PRO A 1 43  ? -6.942  -7.763  6.785   1.00 10.55 ? 43  PRO A O   1 
ATOM   336  C  CB  . PRO A 1 43  ? -10.022 -8.957  6.820   1.00 10.65 ? 43  PRO A CB  1 
ATOM   337  C  CG  . PRO A 1 43  ? -11.068 -9.710  6.132   1.00 13.60 ? 43  PRO A CG  1 
ATOM   338  C  CD  . PRO A 1 43  ? -10.442 -10.538 5.044   1.00 11.59 ? 43  PRO A CD  1 
ATOM   339  N  N   . SER A 1 44  ? -6.983  -10.023 6.861   1.00 8.73  ? 44  SER A N   1 
ATOM   340  C  CA  . SER A 1 44  ? -5.709  -10.078 7.574   1.00 9.05  ? 44  SER A CA  1 
ATOM   341  C  C   . SER A 1 44  ? -4.567  -9.430  6.776   1.00 9.87  ? 44  SER A C   1 
ATOM   342  O  O   . SER A 1 44  ? -3.638  -8.889  7.378   1.00 11.77 ? 44  SER A O   1 
ATOM   343  C  CB  . SER A 1 44  ? -5.297  -11.501 8.000   1.00 9.12  ? 44  SER A CB  1 
ATOM   344  O  OG  . SER A 1 44  ? -5.408  -12.433 6.962   1.00 9.57  ? 44  SER A OG  1 
ATOM   345  N  N   . ILE A 1 45  ? -4.634  -9.464  5.444   1.00 8.49  ? 45  ILE A N   1 
ATOM   346  C  CA  . ILE A 1 45  ? -3.614  -8.757  4.639   1.00 8.95  ? 45  ILE A CA  1 
ATOM   347  C  C   . ILE A 1 45  ? -4.076  -7.362  4.154   1.00 8.88  ? 45  ILE A C   1 
ATOM   348  O  O   . ILE A 1 45  ? -3.311  -6.407  4.146   1.00 9.18  ? 45  ILE A O   1 
ATOM   349  C  CB  . ILE A 1 45  ? -3.061  -9.650  3.474   1.00 7.90  ? 45  ILE A CB  1 
ATOM   350  C  CG1 . ILE A 1 45  ? -1.917  -8.932  2.723   1.00 8.72  ? 45  ILE A CG1 1 
ATOM   351  C  CG2 . ILE A 1 45  ? -4.146  -10.127 2.475   1.00 8.81  ? 45  ILE A CG2 1 
ATOM   352  C  CD1 . ILE A 1 45  ? -0.698  -8.596  3.635   1.00 8.02  ? 45  ILE A CD1 1 
ATOM   353  N  N   . THR A 1 46  ? -5.338  -7.248  3.769   1.00 9.34  ? 46  THR A N   1 
ATOM   354  C  CA  . THR A 1 46  ? -5.840  -5.963  3.264   1.00 9.82  ? 46  THR A CA  1 
ATOM   355  C  C   . THR A 1 46  ? -5.908  -4.929  4.402   1.00 9.63  ? 46  THR A C   1 
ATOM   356  O  O   . THR A 1 46  ? -5.579  -3.752  4.196   1.00 10.42 ? 46  THR A O   1 
ATOM   357  C  CB  . THR A 1 46  ? -7.212  -6.097  2.581   1.00 9.28  ? 46  THR A CB  1 
ATOM   358  O  OG1 . THR A 1 46  ? -8.176  -6.544  3.524   1.00 8.70  ? 46  THR A OG1 1 
ATOM   359  C  CG2 . THR A 1 46  ? -7.169  -7.093  1.400   1.00 9.83  ? 46  THR A CG2 1 
ATOM   360  N  N   . CYS A 1 47  ? -6.279  -5.345  5.611   1.00 10.43 ? 47  CYS A N   1 
ATOM   361  C  CA  . CYS A 1 47  ? -6.269  -4.424  6.755   1.00 11.64 ? 47  CYS A CA  1 
ATOM   362  C  C   . CYS A 1 47  ? -4.864  -4.050  7.185   1.00 11.13 ? 47  CYS A C   1 
ATOM   363  O  O   . CYS A 1 47  ? -4.616  -2.931  7.685   1.00 10.70 ? 47  CYS A O   1 
ATOM   364  C  CB  . CYS A 1 47  ? -7.030  -4.989  7.957   1.00 12.86 ? 47  CYS A CB  1 
ATOM   365  S  SG  . CYS A 1 47  ? -8.795  -5.173  7.716   1.00 17.98 ? 47  CYS A SG  1 
ATOM   366  N  N   . TYR A 1 48  ? -3.933  -4.977  6.997   1.00 10.62 ? 48  TYR A N   1 
ATOM   367  C  CA  . TYR A 1 48  ? -2.505  -4.680  7.191   1.00 10.49 ? 48  TYR A CA  1 
ATOM   368  C  C   . TYR A 1 48  ? -2.042  -3.537  6.297   1.00 10.24 ? 48  TYR A C   1 
ATOM   369  O  O   . TYR A 1 48  ? -1.439  -2.566  6.782   1.00 10.52 ? 48  TYR A O   1 
ATOM   370  C  CB  . TYR A 1 48  ? -1.623  -5.886  6.949   1.00 11.12 ? 48  TYR A CB  1 
ATOM   371  C  CG  . TYR A 1 48  ? -0.170  -5.553  6.919   1.00 8.85  ? 48  TYR A CG  1 
ATOM   372  C  CD1 . TYR A 1 48  ? 0.530   -5.397  8.100   1.00 10.87 ? 48  TYR A CD1 1 
ATOM   373  C  CD2 . TYR A 1 48  ? 0.493   -5.371  5.744   1.00 11.73 ? 48  TYR A CD2 1 
ATOM   374  C  CE1 . TYR A 1 48  ? 1.866   -5.078  8.094   1.00 14.51 ? 48  TYR A CE1 1 
ATOM   375  C  CE2 . TYR A 1 48  ? 1.822   -5.057  5.723   1.00 11.79 ? 48  TYR A CE2 1 
ATOM   376  C  CZ  . TYR A 1 48  ? 2.508   -4.895  6.895   1.00 14.10 ? 48  TYR A CZ  1 
ATOM   377  O  OH  . TYR A 1 48  ? 3.847   -4.571  6.876   1.00 17.43 ? 48  TYR A OH  1 
ATOM   378  N  N   . MET A 1 49  ? -2.410  -3.614  5.023   1.00 10.94 ? 49  MET A N   1 
ATOM   379  C  CA  . MET A 1 49  ? -2.047  -2.571  4.057   1.00 10.41 ? 49  MET A CA  1 
ATOM   380  C  C   . MET A 1 49  ? -2.673  -1.214  4.417   1.00 10.41 ? 49  MET A C   1 
ATOM   381  O  O   . MET A 1 49  ? -1.988  -0.180  4.433   1.00 10.14 ? 49  MET A O   1 
ATOM   382  C  CB  . MET A 1 49  ? -2.369  -3.010  2.639   1.00 10.47 ? 49  MET A CB  1 
ATOM   383  C  CG  . MET A 1 49  ? -1.482  -4.164  2.206   1.00 13.18 ? 49  MET A CG  1 
ATOM   384  S  SD  . MET A 1 49  ? -1.707  -4.521  0.453   1.00 17.37 ? 49  MET A SD  1 
ATOM   385  C  CE  . MET A 1 49  ? -3.264  -5.306  0.436   1.00 16.65 ? 49  MET A CE  1 
ATOM   386  N  N   . TYR A 1 50  ? -3.955  -1.214  4.767   1.00 9.74  ? 50  TYR A N   1 
ATOM   387  C  CA  . TYR A 1 50  ? -4.615  0.009   5.227   1.00 9.92  ? 50  TYR A CA  1 
ATOM   388  C  C   . TYR A 1 50  ? -3.891  0.583   6.465   1.00 10.67 ? 50  TYR A C   1 
ATOM   389  O  O   . TYR A 1 50  ? -3.597  1.785   6.558   1.00 10.44 ? 50  TYR A O   1 
ATOM   390  C  CB  . TYR A 1 50  ? -6.101  -0.206  5.540   1.00 10.32 ? 50  TYR A CB  1 
ATOM   391  C  CG  . TYR A 1 50  ? -6.705  1.038   6.157   1.00 10.05 ? 50  TYR A CG  1 
ATOM   392  C  CD1 . TYR A 1 50  ? -7.069  2.136   5.378   1.00 11.03 ? 50  TYR A CD1 1 
ATOM   393  C  CD2 . TYR A 1 50  ? -6.834  1.147   7.518   1.00 12.75 ? 50  TYR A CD2 1 
ATOM   394  C  CE1 . TYR A 1 50  ? -7.551  3.274   5.937   1.00 11.13 ? 50  TYR A CE1 1 
ATOM   395  C  CE2 . TYR A 1 50  ? -7.326  2.305   8.086   1.00 12.93 ? 50  TYR A CE2 1 
ATOM   396  C  CZ  . TYR A 1 50  ? -7.679  3.360   7.296   1.00 11.72 ? 50  TYR A CZ  1 
ATOM   397  O  OH  . TYR A 1 50  ? -8.153  4.496   7.937   1.00 12.53 ? 50  TYR A OH  1 
ATOM   398  N  N   . CYS A 1 51  ? -3.615  -0.313  7.400   1.00 10.54 ? 51  CYS A N   1 
ATOM   399  C  CA  . CYS A 1 51  ? -2.958  0.037   8.657   1.00 11.89 ? 51  CYS A CA  1 
ATOM   400  C  C   . CYS A 1 51  ? -1.631  0.756   8.456   1.00 11.70 ? 51  CYS A C   1 
ATOM   401  O  O   . CYS A 1 51  ? -1.358  1.805   9.104   1.00 11.63 ? 51  CYS A O   1 
ATOM   402  C  CB  . CYS A 1 51  ? -2.800  -1.233  9.509   1.00 11.94 ? 51  CYS A CB  1 
ATOM   403  S  SG  . CYS A 1 51  ? -2.106  -0.963  11.208  1.00 14.89 ? 51  CYS A SG  1 
ATOM   404  N  N   . LEU A 1 52  ? -0.795  0.222   7.573   1.00 12.16 ? 52  LEU A N   1 
ATOM   405  C  CA  . LEU A 1 52  ? 0.533   0.779   7.358   1.00 13.09 ? 52  LEU A CA  1 
ATOM   406  C  C   . LEU A 1 52  ? 0.438   2.098   6.603   1.00 12.09 ? 52  LEU A C   1 
ATOM   407  O  O   . LEU A 1 52  ? 1.124   3.053   6.919   1.00 12.36 ? 52  LEU A O   1 
ATOM   408  C  CB  . LEU A 1 52  ? 1.433   -0.213  6.626   1.00 13.97 ? 52  LEU A CB  1 
ATOM   409  C  CG  . LEU A 1 52  ? 2.912   -0.131  6.867   1.00 18.29 ? 52  LEU A CG  1 
ATOM   410  C  CD1 . LEU A 1 52  ? 3.277   -0.026  8.352   1.00 20.24 ? 52  LEU A CD1 1 
ATOM   411  C  CD2 . LEU A 1 52  ? 3.503   -1.382  6.207   1.00 18.59 ? 52  LEU A CD2 1 
ATOM   412  N  N   . LEU A 1 53  ? -0.462  2.170   5.626   1.00 11.49 ? 53  LEU A N   1 
ATOM   413  C  CA  . LEU A 1 53  ? -0.700  3.444   4.924   1.00 11.51 ? 53  LEU A CA  1 
ATOM   414  C  C   . LEU A 1 53  ? -1.155  4.522   5.909   1.00 11.73 ? 53  LEU A C   1 
ATOM   415  O  O   . LEU A 1 53  ? -0.675  5.656   5.853   1.00 13.13 ? 53  LEU A O   1 
ATOM   416  C  CB  . LEU A 1 53  ? -1.751  3.306   3.822   1.00 11.88 ? 53  LEU A CB  1 
ATOM   417  C  CG  . LEU A 1 53  ? -1.325  2.484   2.616   1.00 11.04 ? 53  LEU A CG  1 
ATOM   418  C  CD1 . LEU A 1 53  ? -2.529  2.121   1.722   1.00 12.66 ? 53  LEU A CD1 1 
ATOM   419  C  CD2 . LEU A 1 53  ? -0.237  3.199   1.790   1.00 11.89 ? 53  LEU A CD2 1 
ATOM   420  N  N   . GLU A 1 54  ? -2.051  4.159   6.816   1.00 11.81 ? 54  GLU A N   1 
ATOM   421  C  CA  . GLU A 1 54  ? -2.653  5.123   7.741   1.00 12.69 ? 54  GLU A CA  1 
ATOM   422  C  C   . GLU A 1 54  ? -1.578  5.658   8.690   1.00 12.53 ? 54  GLU A C   1 
ATOM   423  O  O   . GLU A 1 54  ? -1.550  6.846   9.037   1.00 12.83 ? 54  GLU A O   1 
ATOM   424  C  CB  . GLU A 1 54  ? -3.801  4.473   8.525   1.00 13.18 ? 54  GLU A CB  1 
ATOM   425  C  CG  . GLU A 1 54  ? -4.595  5.454   9.385   1.00 15.40 ? 54  GLU A CG  1 
ATOM   426  C  CD  . GLU A 1 54  ? -3.856  5.874   10.658  0.50 10.63 ? 54  GLU A CD  1 
ATOM   427  O  OE1 . GLU A 1 54  ? -3.130  5.061   11.290  0.50 7.45  ? 54  GLU A OE1 1 
ATOM   428  O  OE2 . GLU A 1 54  ? -4.011  7.052   11.038  0.50 12.03 ? 54  GLU A OE2 1 
ATOM   429  N  N   . ALA A 1 55  ? -0.651  4.769   9.050   1.00 12.32 ? 55  ALA A N   1 
ATOM   430  C  CA  . ALA A 1 55  ? 0.422   5.073   9.994   1.00 12.74 ? 55  ALA A CA  1 
ATOM   431  C  C   . ALA A 1 55  ? 1.325   6.179   9.465   1.00 12.68 ? 55  ALA A C   1 
ATOM   432  O  O   . ALA A 1 55  ? 1.916   6.940   10.240  1.00 13.49 ? 55  ALA A O   1 
ATOM   433  C  CB  . ALA A 1 55  ? 1.227   3.785   10.320  1.00 12.31 ? 55  ALA A CB  1 
ATOM   434  N  N   . PHE A 1 56  ? 1.399   6.290   8.149   1.00 12.21 ? 56  PHE A N   1 
ATOM   435  C  CA  . PHE A 1 56  ? 2.264   7.257   7.481   1.00 13.02 ? 56  PHE A CA  1 
ATOM   436  C  C   . PHE A 1 56  ? 1.499   8.345   6.740   1.00 13.75 ? 56  PHE A C   1 
ATOM   437  O  O   . PHE A 1 56  ? 2.029   9.038   5.875   1.00 13.77 ? 56  PHE A O   1 
ATOM   438  C  CB  . PHE A 1 56  ? 3.313   6.540   6.630   1.00 13.92 ? 56  PHE A CB  1 
ATOM   439  C  CG  . PHE A 1 56  ? 4.275   5.787   7.476   1.00 14.33 ? 56  PHE A CG  1 
ATOM   440  C  CD1 . PHE A 1 56  ? 5.333   6.441   8.083   1.00 16.61 ? 56  PHE A CD1 1 
ATOM   441  C  CD2 . PHE A 1 56  ? 4.056   4.452   7.779   1.00 15.08 ? 56  PHE A CD2 1 
ATOM   442  C  CE1 . PHE A 1 56  ? 6.191   5.763   8.905   1.00 16.25 ? 56  PHE A CE1 1 
ATOM   443  C  CE2 . PHE A 1 56  ? 4.926   3.769   8.600   1.00 16.26 ? 56  PHE A CE2 1 
ATOM   444  C  CZ  . PHE A 1 56  ? 5.974   4.424   9.174   1.00 14.90 ? 56  PHE A CZ  1 
ATOM   445  N  N   . SER A 1 57  ? 0.245   8.508   7.165   1.00 13.34 ? 57  SER A N   1 
ATOM   446  C  CA  . SER A 1 57  ? -0.636  9.585   6.706   1.00 12.91 ? 57  SER A CA  1 
ATOM   447  C  C   . SER A 1 57  ? -0.950  9.585   5.212   1.00 12.96 ? 57  SER A C   1 
ATOM   448  O  O   . SER A 1 57  ? -1.249  10.631  4.637   1.00 14.08 ? 57  SER A O   1 
ATOM   449  C  CB  . SER A 1 57  ? -0.079  10.954  7.131   1.00 14.69 ? 57  SER A CB  1 
ATOM   450  O  OG  . SER A 1 57  ? 0.075   11.022  8.547   0.50 12.05 ? 57  SER A OG  1 
ATOM   451  N  N   . LEU A 1 58  ? -0.892  8.400   4.605   1.00 11.91 ? 58  LEU A N   1 
ATOM   452  C  CA  . LEU A 1 58  ? -1.124  8.233   3.186   1.00 11.80 ? 58  LEU A CA  1 
ATOM   453  C  C   . LEU A 1 58  ? -2.609  8.032   2.863   1.00 11.48 ? 58  LEU A C   1 
ATOM   454  O  O   . LEU A 1 58  ? -3.044  8.225   1.716   1.00 12.03 ? 58  LEU A O   1 
ATOM   455  C  CB  . LEU A 1 58  ? -0.303  7.067   2.645   1.00 12.36 ? 58  LEU A CB  1 
ATOM   456  C  CG  . LEU A 1 58  ? 1.189   7.345   2.612   1.00 12.93 ? 58  LEU A CG  1 
ATOM   457  C  CD1 . LEU A 1 58  ? 2.013   6.057   2.489   1.00 13.53 ? 58  LEU A CD1 1 
ATOM   458  C  CD2 . LEU A 1 58  ? 1.444   8.319   1.441   1.00 15.82 ? 58  LEU A CD2 1 
ATOM   459  N  N   . VAL A 1 59  ? -3.362  7.643   3.892   1.00 10.68 ? 59  VAL A N   1 
ATOM   460  C  CA  . VAL A 1 59  ? -4.825  7.549   3.824   1.00 10.72 ? 59  VAL A CA  1 
ATOM   461  C  C   . VAL A 1 59  ? -5.463  8.111   5.086   1.00 11.18 ? 59  VAL A C   1 
ATOM   462  O  O   . VAL A 1 59  ? -4.837  8.170   6.159   1.00 12.53 ? 59  VAL A O   1 
ATOM   463  C  CB  . VAL A 1 59  ? -5.323  6.091   3.662   1.00 10.48 ? 59  VAL A CB  1 
ATOM   464  C  CG1 . VAL A 1 59  ? -4.913  5.528   2.275   1.00 10.90 ? 59  VAL A CG1 1 
ATOM   465  C  CG2 . VAL A 1 59  ? -4.840  5.192   4.785   1.00 12.82 ? 59  VAL A CG2 1 
ATOM   466  N  N   . ASP A 1 60  ? -6.706  8.528   4.929   1.00 10.85 ? 60  ASP A N   1 
ATOM   467  C  CA  . ASP A 1 60  ? -7.531  9.010   6.051   1.00 11.22 ? 60  ASP A CA  1 
ATOM   468  C  C   . ASP A 1 60  ? -8.460  7.932   6.601   1.00 11.31 ? 60  ASP A C   1 
ATOM   469  O  O   . ASP A 1 60  ? -8.308  6.739   6.342   1.00 11.65 ? 60  ASP A O   1 
ATOM   470  C  CB  . ASP A 1 60  ? -8.285  10.294  5.664   1.00 11.13 ? 60  ASP A CB  1 
ATOM   471  C  CG  . ASP A 1 60  ? -9.387  10.067  4.623   1.00 12.11 ? 60  ASP A CG  1 
ATOM   472  O  OD1 . ASP A 1 60  ? -9.770  8.877   4.404   1.00 12.07 ? 60  ASP A OD1 1 
ATOM   473  O  OD2 . ASP A 1 60  ? -9.887  11.077  4.046   1.00 11.31 ? 60  ASP A OD2 1 
ATOM   474  N  N   . ASP A 1 61  ? -9.423  8.375   7.398   1.00 10.52 ? 61  ASP A N   1 
ATOM   475  C  CA  . ASP A 1 61  ? -10.291 7.481   8.141   1.00 10.69 ? 61  ASP A CA  1 
ATOM   476  C  C   . ASP A 1 61  ? -11.310 6.739   7.254   1.00 10.94 ? 61  ASP A C   1 
ATOM   477  O  O   . ASP A 1 61  ? -12.020 5.819   7.731   1.00 12.98 ? 61  ASP A O   1 
ATOM   478  C  CB  . ASP A 1 61  ? -11.005 8.235   9.274   1.00 9.99  ? 61  ASP A CB  1 
ATOM   479  C  CG  . ASP A 1 61  ? -12.174 9.073   8.789   1.00 10.79 ? 61  ASP A CG  1 
ATOM   480  O  OD1 . ASP A 1 61  ? -12.100 9.654   7.672   1.00 10.61 ? 61  ASP A OD1 1 
ATOM   481  O  OD2 . ASP A 1 61  ? -13.155 9.193   9.562   1.00 10.72 ? 61  ASP A OD2 1 
ATOM   482  N  N   . GLU A 1 62  ? -11.345 7.108   5.986   1.00 10.95 ? 62  GLU A N   1 
ATOM   483  C  CA  . GLU A 1 62  ? -12.193 6.422   4.990   1.00 11.52 ? 62  GLU A CA  1 
ATOM   484  C  C   . GLU A 1 62  ? -11.410 5.921   3.772   1.00 10.86 ? 62  GLU A C   1 
ATOM   485  O  O   . GLU A 1 62  ? -11.976 5.665   2.707   1.00 11.19 ? 62  GLU A O   1 
ATOM   486  C  CB  . GLU A 1 62  ? -13.387 7.278   4.591   1.00 11.67 ? 62  GLU A CB  1 
ATOM   487  C  CG  . GLU A 1 62  ? -14.354 7.456   5.777   1.00 11.77 ? 62  GLU A CG  1 
ATOM   488  C  CD  . GLU A 1 62  ? -15.788 7.781   5.421   0.50 10.58 ? 62  GLU A CD  1 
ATOM   489  O  OE1 . GLU A 1 62  ? -16.059 8.281   4.316   0.50 10.20 ? 62  GLU A OE1 1 
ATOM   490  O  OE2 . GLU A 1 62  ? -16.658 7.516   6.287   0.50 9.87  ? 62  GLU A OE2 1 
ATOM   491  N  N   . ALA A 1 63  ? -10.107 5.794   3.954   1.00 10.77 ? 63  ALA A N   1 
ATOM   492  C  CA  . ALA A 1 63  ? -9.219  5.254   2.923   1.00 11.00 ? 63  ALA A CA  1 
ATOM   493  C  C   . ALA A 1 63  ? -9.172  6.068   1.657   1.00 11.85 ? 63  ALA A C   1 
ATOM   494  O  O   . ALA A 1 63  ? -8.966  5.542   0.556   1.00 11.88 ? 63  ALA A O   1 
ATOM   495  C  CB  . ALA A 1 63  ? -9.562  3.787   2.625   1.00 11.19 ? 63  ALA A CB  1 
ATOM   496  N  N   . ASN A 1 64  ? -9.374  7.364   1.826   1.00 11.77 ? 64  ASN A N   1 
ATOM   497  C  CA  . ASN A 1 64  ? -9.050  8.340   0.811   1.00 12.34 ? 64  ASN A CA  1 
ATOM   498  C  C   . ASN A 1 64  ? -7.556  8.578   0.826   1.00 11.64 ? 64  ASN A C   1 
ATOM   499  O  O   . ASN A 1 64  ? -6.966  8.838   1.871   1.00 11.05 ? 64  ASN A O   1 
ATOM   500  C  CB  . ASN A 1 64  ? -9.773  9.672   1.019   1.00 12.66 ? 64  ASN A CB  1 
ATOM   501  C  CG  . ASN A 1 64  ? -11.269 9.524   1.040   1.00 15.15 ? 64  ASN A CG  1 
ATOM   502  O  OD1 . ASN A 1 64  ? -11.869 9.069   0.071   1.00 17.91 ? 64  ASN A OD1 1 
ATOM   503  N  ND2 . ASN A 1 64  ? -11.880 9.912   2.138   1.00 14.46 ? 64  ASN A ND2 1 
ATOM   504  N  N   . VAL A 1 65  ? -6.948  8.500   -0.351  1.00 12.16 ? 65  VAL A N   1 
ATOM   505  C  CA  . VAL A 1 65  ? -5.507  8.691   -0.479  1.00 12.76 ? 65  VAL A CA  1 
ATOM   506  C  C   . VAL A 1 65  ? -5.100  10.167  -0.503  1.00 13.91 ? 65  VAL A C   1 
ATOM   507  O  O   . VAL A 1 65  ? -5.707  10.988  -1.207  1.00 14.46 ? 65  VAL A O   1 
ATOM   508  C  CB  . VAL A 1 65  ? -4.941  7.953   -1.741  1.00 13.46 ? 65  VAL A CB  1 
ATOM   509  C  CG1 . VAL A 1 65  ? -3.438  8.331   -1.993  1.00 13.44 ? 65  VAL A CG1 1 
ATOM   510  C  CG2 . VAL A 1 65  ? -5.081  6.450   -1.605  1.00 13.84 ? 65  VAL A CG2 1 
ATOM   511  N  N   . ASP A 1 66  ? -4.070  10.486  0.277   1.00 13.91 ? 66  ASP A N   1 
ATOM   512  C  CA  . ASP A 1 66  ? -3.433  11.813  0.235   1.00 14.84 ? 66  ASP A CA  1 
ATOM   513  C  C   . ASP A 1 66  ? -2.336  11.832  -0.847  1.00 15.20 ? 66  ASP A C   1 
ATOM   514  O  O   . ASP A 1 66  ? -1.189  11.416  -0.625  1.00 15.02 ? 66  ASP A O   1 
ATOM   515  C  CB  . ASP A 1 66  ? -2.868  12.211  1.591   1.00 14.88 ? 66  ASP A CB  1 
ATOM   516  C  CG  . ASP A 1 66  ? -2.412  13.670  1.636   0.50 13.64 ? 66  ASP A CG  1 
ATOM   517  O  OD1 . ASP A 1 66  ? -1.863  14.171  0.627   0.50 10.05 ? 66  ASP A OD1 1 
ATOM   518  O  OD2 . ASP A 1 66  ? -2.582  14.297  2.699   0.50 13.30 ? 66  ASP A OD2 1 
ATOM   519  N  N   . GLU A 1 67  ? -2.723  12.325  -2.021  1.00 15.89 ? 67  GLU A N   1 
ATOM   520  C  CA  . GLU A 1 67  ? -1.892  12.200  -3.227  1.00 16.67 ? 67  GLU A CA  1 
ATOM   521  C  C   . GLU A 1 67  ? -0.596  12.985  -3.074  1.00 17.19 ? 67  GLU A C   1 
ATOM   522  O  O   . GLU A 1 67  ? 0.475   12.537  -3.487  1.00 17.24 ? 67  GLU A O   1 
ATOM   523  C  CB  . GLU A 1 67  ? -2.660  12.656  -4.473  0.50 16.58 ? 67  GLU A CB  1 
ATOM   524  C  CG  . GLU A 1 67  ? -3.914  11.844  -4.707  0.50 18.06 ? 67  GLU A CG  1 
ATOM   525  C  CD  . GLU A 1 67  ? -4.801  12.419  -5.769  0.50 19.46 ? 67  GLU A CD  1 
ATOM   526  O  OE1 . GLU A 1 67  ? -4.279  12.732  -6.858  0.50 18.68 ? 67  GLU A OE1 1 
ATOM   527  O  OE2 . GLU A 1 67  ? -6.023  12.527  -5.517  0.50 21.19 ? 67  GLU A OE2 1 
ATOM   528  N  N   . ASP A 1 68  ? -0.701  14.134  -2.425  1.00 18.26 ? 68  ASP A N   1 
ATOM   529  C  CA  . ASP A 1 68  ? 0.464   15.020  -2.254  1.00 18.36 ? 68  ASP A CA  1 
ATOM   530  C  C   . ASP A 1 68  ? 1.501   14.384  -1.335  1.00 18.13 ? 68  ASP A C   1 
ATOM   531  O  O   . ASP A 1 68  ? 2.706   14.420  -1.612  1.00 18.15 ? 68  ASP A O   1 
ATOM   532  C  CB  . ASP A 1 68  ? 0.049   16.397  -1.728  1.00 19.32 ? 68  ASP A CB  1 
ATOM   533  C  CG  . ASP A 1 68  ? -0.533  17.277  -2.810  0.50 18.35 ? 68  ASP A CG  1 
ATOM   534  O  OD1 . ASP A 1 68  ? -0.336  16.978  -4.001  0.50 18.81 ? 68  ASP A OD1 1 
ATOM   535  O  OD2 . ASP A 1 68  ? -1.188  18.272  -2.464  0.50 20.81 ? 68  ASP A OD2 1 
ATOM   536  N  N   . ILE A 1 69  ? 1.017   13.745  -0.273  1.00 17.30 ? 69  ILE A N   1 
ATOM   537  C  CA  . ILE A 1 69  ? 1.899   13.038  0.656   1.00 16.96 ? 69  ILE A CA  1 
ATOM   538  C  C   . ILE A 1 69  ? 2.551   11.858  -0.073  1.00 15.45 ? 69  ILE A C   1 
ATOM   539  O  O   . ILE A 1 69  ? 3.748   11.602  0.078   1.00 15.64 ? 69  ILE A O   1 
ATOM   540  C  CB  . ILE A 1 69  ? 1.157   12.541  1.927   1.00 17.50 ? 69  ILE A CB  1 
ATOM   541  C  CG1 . ILE A 1 69  ? 0.752   13.713  2.814   1.00 19.44 ? 69  ILE A CG1 1 
ATOM   542  C  CG2 . ILE A 1 69  ? 2.018   11.568  2.720   1.00 18.36 ? 69  ILE A CG2 1 
ATOM   543  C  CD1 . ILE A 1 69  ? 1.926   14.502  3.332   1.00 22.41 ? 69  ILE A CD1 1 
ATOM   544  N  N   . MET A 1 70  ? 1.764   11.149  -0.875  1.00 13.52 ? 70  MET A N   1 
ATOM   545  C  CA  A MET A 1 70  ? 2.272   9.997   -1.626  0.50 13.11 ? 70  MET A CA  1 
ATOM   546  C  CA  B MET A 1 70  ? 2.275   9.998   -1.619  0.50 13.23 ? 70  MET A CA  1 
ATOM   547  C  C   . MET A 1 70  ? 3.384   10.433  -2.580  1.00 12.68 ? 70  MET A C   1 
ATOM   548  O  O   . MET A 1 70  ? 4.465   9.855   -2.619  1.00 11.82 ? 70  MET A O   1 
ATOM   549  C  CB  A MET A 1 70  ? 1.150   9.342   -2.431  0.50 13.45 ? 70  MET A CB  1 
ATOM   550  C  CB  B MET A 1 70  ? 1.153   9.330   -2.416  0.50 13.67 ? 70  MET A CB  1 
ATOM   551  C  CG  A MET A 1 70  ? 1.558   8.068   -3.200  0.50 14.46 ? 70  MET A CG  1 
ATOM   552  C  CG  B MET A 1 70  ? 1.596   8.098   -3.211  0.50 15.13 ? 70  MET A CG  1 
ATOM   553  S  SD  A MET A 1 70  ? 2.227   6.750   -2.159  0.50 18.82 ? 70  MET A SD  1 
ATOM   554  S  SD  B MET A 1 70  ? 1.719   6.586   -2.228  0.50 20.66 ? 70  MET A SD  1 
ATOM   555  C  CE  A MET A 1 70  ? 3.949   6.728   -2.587  0.50 17.04 ? 70  MET A CE  1 
ATOM   556  C  CE  B MET A 1 70  ? 0.077   6.519   -1.516  0.50 17.77 ? 70  MET A CE  1 
ATOM   557  N  N   . LEU A 1 71  ? 3.094   11.452  -3.356  1.00 11.81 ? 71  LEU A N   1 
ATOM   558  C  CA  . LEU A 1 71  ? 4.084   11.968  -4.311  1.00 11.98 ? 71  LEU A CA  1 
ATOM   559  C  C   . LEU A 1 71  ? 5.364   12.415  -3.596  1.00 12.18 ? 71  LEU A C   1 
ATOM   560  O  O   . LEU A 1 71  ? 6.477   12.251  -4.108  1.00 12.77 ? 71  LEU A O   1 
ATOM   561  C  CB  . LEU A 1 71  ? 3.493   13.106  -5.136  1.00 11.71 ? 71  LEU A CB  1 
ATOM   562  C  CG  . LEU A 1 71  ? 2.421   12.642  -6.119  1.00 12.21 ? 71  LEU A CG  1 
ATOM   563  C  CD1 . LEU A 1 71  ? 1.805   13.839  -6.845  1.00 12.72 ? 71  LEU A CD1 1 
ATOM   564  C  CD2 . LEU A 1 71  ? 3.002   11.621  -7.101  1.00 11.97 ? 71  LEU A CD2 1 
ATOM   565  N  N   . GLY A 1 72  ? 5.185   12.945  -2.391  1.00 12.27 ? 72  GLY A N   1 
ATOM   566  C  CA  . GLY A 1 72  ? 6.280   13.481  -1.588  1.00 12.30 ? 72  GLY A CA  1 
ATOM   567  C  C   . GLY A 1 72  ? 7.255   12.403  -1.156  1.00 12.32 ? 72  GLY A C   1 
ATOM   568  O  O   . GLY A 1 72  ? 8.441   12.669  -0.920  1.00 13.02 ? 72  GLY A O   1 
ATOM   569  N  N   . LEU A 1 73  ? 6.759   11.174  -1.094  1.00 11.57 ? 73  LEU A N   1 
ATOM   570  C  CA  . LEU A 1 73  ? 7.544   10.042  -0.618  1.00 11.77 ? 73  LEU A CA  1 
ATOM   571  C  C   . LEU A 1 73  ? 8.306   9.369   -1.755  1.00 11.98 ? 73  LEU A C   1 
ATOM   572  O  O   . LEU A 1 73  ? 9.327   8.729   -1.535  1.00 12.47 ? 73  LEU A O   1 
ATOM   573  C  CB  . LEU A 1 73  ? 6.652   9.016   0.098   1.00 11.41 ? 73  LEU A CB  1 
ATOM   574  C  CG  . LEU A 1 73  ? 6.059   9.474   1.428   1.00 11.57 ? 73  LEU A CG  1 
ATOM   575  C  CD1 . LEU A 1 73  ? 5.215   8.348   2.039   1.00 13.11 ? 73  LEU A CD1 1 
ATOM   576  C  CD2 . LEU A 1 73  ? 7.147   9.906   2.394   1.00 12.07 ? 73  LEU A CD2 1 
ATOM   577  N  N   . LEU A 1 74  ? 7.810   9.529   -2.977  1.00 11.91 ? 74  LEU A N   1 
ATOM   578  C  CA  . LEU A 1 74  ? 8.406   8.865   -4.142  1.00 11.40 ? 74  LEU A CA  1 
ATOM   579  C  C   . LEU A 1 74  ? 9.501   9.699   -4.767  1.00 11.27 ? 74  LEU A C   1 
ATOM   580  O  O   . LEU A 1 74  ? 9.460   10.928  -4.690  1.00 10.65 ? 74  LEU A O   1 
ATOM   581  C  CB  . LEU A 1 74  ? 7.361   8.598   -5.229  1.00 11.57 ? 74  LEU A CB  1 
ATOM   582  C  CG  . LEU A 1 74  ? 6.223   7.680   -4.829  1.00 11.48 ? 74  LEU A CG  1 
ATOM   583  C  CD1 . LEU A 1 74  ? 5.175   7.619   -5.949  1.00 13.10 ? 74  LEU A CD1 1 
ATOM   584  C  CD2 . LEU A 1 74  ? 6.741   6.287   -4.493  1.00 11.57 ? 74  LEU A CD2 1 
ATOM   585  N  N   . PRO A 1 75  ? 10.472  9.027   -5.401  1.00 10.70 ? 75  PRO A N   1 
ATOM   586  C  CA  . PRO A 1 75  ? 11.546  9.735   -6.078  1.00 10.82 ? 75  PRO A CA  1 
ATOM   587  C  C   . PRO A 1 75  ? 11.074  10.414  -7.357  1.00 10.33 ? 75  PRO A C   1 
ATOM   588  O  O   . PRO A 1 75  ? 9.927   10.242  -7.803  1.00 10.02 ? 75  PRO A O   1 
ATOM   589  C  CB  . PRO A 1 75  ? 12.571  8.639   -6.372  1.00 10.63 ? 75  PRO A CB  1 
ATOM   590  C  CG  . PRO A 1 75  ? 11.808  7.373   -6.343  1.00 11.41 ? 75  PRO A CG  1 
ATOM   591  C  CD  . PRO A 1 75  ? 10.683  7.570   -5.395  1.00 11.00 ? 75  PRO A CD  1 
ATOM   592  N  N   . ASP A 1 76  ? 11.972  11.213  -7.918  1.00 10.20 ? 76  ASP A N   1 
ATOM   593  C  CA  . ASP A 1 76  ? 11.622  12.101  -9.027  1.00 9.92  ? 76  ASP A CA  1 
ATOM   594  C  C   . ASP A 1 76  ? 11.248  11.310  -10.261 1.00 10.16 ? 76  ASP A C   1 
ATOM   595  O  O   . ASP A 1 76  ? 10.332  11.685  -10.984 1.00 10.52 ? 76  ASP A O   1 
ATOM   596  C  CB  . ASP A 1 76  ? 12.732  13.143  -9.323  0.50 9.65  ? 76  ASP A CB  1 
ATOM   597  C  CG  . ASP A 1 76  ? 14.044  12.517  -9.790  0.50 9.35  ? 76  ASP A CG  1 
ATOM   598  O  OD1 . ASP A 1 76  ? 14.273  11.327  -9.488  0.50 10.41 ? 76  ASP A OD1 1 
ATOM   599  O  OD2 . ASP A 1 76  ? 14.858  13.230  -10.433 0.50 5.72  ? 76  ASP A OD2 1 
ATOM   600  N  N   . GLN A 1 77  ? 11.942  10.203  -10.495 1.00 10.59 ? 77  GLN A N   1 
ATOM   601  C  CA  . GLN A 1 77  ? 11.720  9.446   -11.728 1.00 11.32 ? 77  GLN A CA  1 
ATOM   602  C  C   . GLN A 1 77  ? 10.382  8.702   -11.689 1.00 11.33 ? 77  GLN A C   1 
ATOM   603  O  O   . GLN A 1 77  ? 9.962   8.130   -12.699 1.00 11.92 ? 77  GLN A O   1 
ATOM   604  C  CB  . GLN A 1 77  ? 12.893  8.496   -12.060 1.00 11.35 ? 77  GLN A CB  1 
ATOM   605  C  CG  . GLN A 1 77  ? 12.953  7.197   -11.257 1.00 12.32 ? 77  GLN A CG  1 
ATOM   606  C  CD  . GLN A 1 77  ? 13.698  7.352   -9.947  1.00 13.98 ? 77  GLN A CD  1 
ATOM   607  O  OE1 . GLN A 1 77  ? 13.919  6.371   -9.215  1.00 14.46 ? 77  GLN A OE1 1 
ATOM   608  N  NE2 . GLN A 1 77  ? 14.086  8.586   -9.633  1.00 13.82 ? 77  GLN A NE2 1 
ATOM   609  N  N   . LEU A 1 78  ? 9.704   8.756   -10.540 1.00 11.36 ? 78  LEU A N   1 
ATOM   610  C  CA  . LEU A 1 78  ? 8.410   8.061   -10.369 1.00 11.17 ? 78  LEU A CA  1 
ATOM   611  C  C   . LEU A 1 78  ? 7.204   9.003   -10.295 1.00 11.29 ? 78  LEU A C   1 
ATOM   612  O  O   . LEU A 1 78  ? 6.052   8.558   -10.267 1.00 11.88 ? 78  LEU A O   1 
ATOM   613  C  CB  . LEU A 1 78  ? 8.417   7.162   -9.120  1.00 11.60 ? 78  LEU A CB  1 
ATOM   614  C  CG  . LEU A 1 78  ? 9.136   5.822   -9.274  1.00 12.53 ? 78  LEU A CG  1 
ATOM   615  C  CD1 . LEU A 1 78  ? 9.027   5.013   -7.982  1.00 11.07 ? 78  LEU A CD1 1 
ATOM   616  C  CD2 . LEU A 1 78  ? 8.581   5.013   -10.438 1.00 13.79 ? 78  LEU A CD2 1 
ATOM   617  N  N   . GLN A 1 79  ? 7.459   10.305  -10.291 1.00 11.41 ? 79  GLN A N   1 
ATOM   618  C  CA  . GLN A 1 79  ? 6.386   11.298  -10.105 1.00 11.25 ? 79  GLN A CA  1 
ATOM   619  C  C   . GLN A 1 79  ? 5.283   11.285  -11.171 1.00 10.96 ? 79  GLN A C   1 
ATOM   620  O  O   . GLN A 1 79  ? 4.085   11.279  -10.850 1.00 11.13 ? 79  GLN A O   1 
ATOM   621  C  CB  . GLN A 1 79  ? 6.949   12.717  -9.989  1.00 11.67 ? 79  GLN A CB  1 
ATOM   622  C  CG  . GLN A 1 79  ? 7.852   12.946  -8.794  1.00 12.87 ? 79  GLN A CG  1 
ATOM   623  C  CD  . GLN A 1 79  ? 7.094   13.031  -7.493  1.00 14.46 ? 79  GLN A CD  1 
ATOM   624  O  OE1 . GLN A 1 79  ? 6.135   13.799  -7.362  1.00 15.28 ? 79  GLN A OE1 1 
ATOM   625  N  NE2 . GLN A 1 79  ? 7.524   12.243  -6.514  1.00 14.53 ? 79  GLN A NE2 1 
ATOM   626  N  N   . GLU A 1 80  ? 5.661   11.307  -12.438 1.00 10.63 ? 80  GLU A N   1 
ATOM   627  C  CA  . GLU A 1 80  ? 4.662   11.354  -13.494 1.00 10.55 ? 80  GLU A CA  1 
ATOM   628  C  C   . GLU A 1 80  ? 3.928   10.027  -13.577 1.00 10.43 ? 80  GLU A C   1 
ATOM   629  O  O   . GLU A 1 80  ? 2.726   9.991   -13.830 1.00 10.84 ? 80  GLU A O   1 
ATOM   630  C  CB  . GLU A 1 80  ? 5.264   11.737  -14.848 1.00 10.81 ? 80  GLU A CB  1 
ATOM   631  C  CG  . GLU A 1 80  ? 5.614   13.209  -14.938 1.00 11.21 ? 80  GLU A CG  1 
ATOM   632  C  CD  . GLU A 1 80  ? 4.400   14.140  -15.114 1.00 12.83 ? 80  GLU A CD  1 
ATOM   633  O  OE1 . GLU A 1 80  ? 3.267   13.669  -15.390 1.00 14.43 ? 80  GLU A OE1 1 
ATOM   634  O  OE2 . GLU A 1 80  ? 4.591   15.370  -14.995 1.00 12.16 ? 80  GLU A OE2 1 
ATOM   635  N  N   . ARG A 1 81  ? 4.655   8.944   -13.353 1.00 10.18 ? 81  ARG A N   1 
ATOM   636  C  CA  . ARG A 1 81  ? 4.057   7.609   -13.410 1.00 10.80 ? 81  ARG A CA  1 
ATOM   637  C  C   . ARG A 1 81  ? 3.020   7.500   -12.288 1.00 10.22 ? 81  ARG A C   1 
ATOM   638  O  O   . ARG A 1 81  ? 1.898   7.010   -12.487 1.00 11.07 ? 81  ARG A O   1 
ATOM   639  C  CB  . ARG A 1 81  ? 5.142   6.522   -13.331 1.00 10.67 ? 81  ARG A CB  1 
ATOM   640  C  CG  . ARG A 1 81  ? 4.625   5.090   -13.382 1.00 11.79 ? 81  ARG A CG  1 
ATOM   641  C  CD  . ARG A 1 81  ? 5.765   4.114   -13.597 1.00 13.21 ? 81  ARG A CD  1 
ATOM   642  N  NE  . ARG A 1 81  ? 5.244   2.894   -14.171 1.00 15.52 ? 81  ARG A NE  1 
ATOM   643  C  CZ  . ARG A 1 81  ? 5.918   1.764   -14.264 1.00 16.27 ? 81  ARG A CZ  1 
ATOM   644  N  NH1 . ARG A 1 81  ? 7.164   1.688   -13.818 1.00 17.93 ? 81  ARG A NH1 1 
ATOM   645  N  NH2 . ARG A 1 81  ? 5.334   0.711   -14.809 1.00 17.63 ? 81  ARG A NH2 1 
ATOM   646  N  N   . ALA A 1 82  ? 3.386   7.998   -11.110 1.00 10.12 ? 82  ALA A N   1 
ATOM   647  C  CA  . ALA A 1 82  ? 2.498   7.955   -9.958  1.00 9.78  ? 82  ALA A CA  1 
ATOM   648  C  C   . ALA A 1 82  ? 1.253   8.789   -10.203 1.00 9.93  ? 82  ALA A C   1 
ATOM   649  O  O   . ALA A 1 82  ? 0.135   8.390   -9.842  1.00 9.09  ? 82  ALA A O   1 
ATOM   650  C  CB  . ALA A 1 82  ? 3.225   8.407   -8.651  1.00 9.76  ? 82  ALA A CB  1 
ATOM   651  N  N   . GLN A 1 83  ? 1.435   9.954   -10.811 1.00 9.87  ? 83  GLN A N   1 
ATOM   652  C  CA  . GLN A 1 83  ? 0.293   10.827  -11.081 1.00 10.63 ? 83  GLN A CA  1 
ATOM   653  C  C   . GLN A 1 83  ? -0.633  10.108  -12.040 1.00 10.75 ? 83  GLN A C   1 
ATOM   654  O  O   . GLN A 1 83  ? -1.858  10.180  -11.921 1.00 10.91 ? 83  GLN A O   1 
ATOM   655  C  CB  . GLN A 1 83  ? 0.732   12.182  -11.651 1.00 11.61 ? 83  GLN A CB  1 
ATOM   656  C  CG  . GLN A 1 83  ? 1.406   13.065  -10.614 1.00 14.14 ? 83  GLN A CG  1 
ATOM   657  C  CD  . GLN A 1 83  ? 1.939   14.344  -11.209 1.00 17.64 ? 83  GLN A CD  1 
ATOM   658  O  OE1 . GLN A 1 83  ? 1.199   15.094  -11.840 1.00 22.67 ? 83  GLN A OE1 1 
ATOM   659  N  NE2 . GLN A 1 83  ? 3.231   14.593  -11.033 1.00 18.71 ? 83  GLN A NE2 1 
ATOM   660  N  N   . SER A 1 84  ? -0.026  9.378   -12.975 1.00 10.88 ? 84  SER A N   1 
ATOM   661  C  CA  . SER A 1 84  ? -0.782  8.633   -13.987 1.00 10.54 ? 84  SER A CA  1 
ATOM   662  C  C   . SER A 1 84  ? -1.545  7.461   -13.340 1.00 10.51 ? 84  SER A C   1 
ATOM   663  O  O   . SER A 1 84  ? -2.744  7.270   -13.579 1.00 10.04 ? 84  SER A O   1 
ATOM   664  C  CB  . SER A 1 84  ? 0.150   8.116   -15.089 1.00 10.98 ? 84  SER A CB  1 
ATOM   665  O  OG  . SER A 1 84  ? -0.577  7.363   -16.037 1.00 11.44 ? 84  SER A OG  1 
ATOM   666  N  N   . VAL A 1 85  ? -0.847  6.705   -12.502 1.00 10.06 ? 85  VAL A N   1 
ATOM   667  C  CA  . VAL A 1 85  ? -1.459  5.544   -11.827 1.00 10.54 ? 85  VAL A CA  1 
ATOM   668  C  C   . VAL A 1 85  ? -2.584  6.031   -10.913 1.00 10.78 ? 85  VAL A C   1 
ATOM   669  O  O   . VAL A 1 85  ? -3.671  5.454   -10.897 1.00 12.45 ? 85  VAL A O   1 
ATOM   670  C  CB  . VAL A 1 85  ? -0.428  4.709   -11.043 1.00 10.57 ? 85  VAL A CB  1 
ATOM   671  C  CG1 . VAL A 1 85  ? -1.122  3.627   -10.202 1.00 9.19  ? 85  VAL A CG1 1 
ATOM   672  C  CG2 . VAL A 1 85  ? 0.551   4.056   -11.994 1.00 12.13 ? 85  VAL A CG2 1 
ATOM   673  N  N   . MET A 1 86  ? -2.344  7.119   -10.189 1.00 11.02 ? 86  MET A N   1 
ATOM   674  C  CA  . MET A 1 86  ? -3.393  7.704   -9.321  1.00 11.95 ? 86  MET A CA  1 
ATOM   675  C  C   . MET A 1 86  ? -4.580  8.256   -10.119 1.00 11.84 ? 86  MET A C   1 
ATOM   676  O  O   . MET A 1 86  ? -5.724  8.250   -9.655  1.00 11.88 ? 86  MET A O   1 
ATOM   677  C  CB  . MET A 1 86  ? -2.818  8.747   -8.364  1.00 12.38 ? 86  MET A CB  1 
ATOM   678  C  CG  . MET A 1 86  ? -1.920  8.093   -7.316  1.00 15.02 ? 86  MET A CG  1 
ATOM   679  S  SD  . MET A 1 86  ? -1.475  9.096   -5.868  1.00 22.04 ? 86  MET A SD  1 
ATOM   680  C  CE  . MET A 1 86  ? -0.317  10.264  -6.555  1.00 21.41 ? 86  MET A CE  1 
ATOM   681  N  N   . GLY A 1 87  ? -4.320  8.683   -11.344 1.00 13.38 ? 87  GLY A N   1 
ATOM   682  C  CA  . GLY A 1 87  ? -5.400  9.144   -12.213 1.00 14.04 ? 87  GLY A CA  1 
ATOM   683  C  C   . GLY A 1 87  ? -6.348  8.010   -12.538 1.00 15.23 ? 87  GLY A C   1 
ATOM   684  O  O   . GLY A 1 87  ? -7.572  8.192   -12.593 1.00 16.64 ? 87  GLY A O   1 
ATOM   685  N  N   . LYS A 1 88  ? -5.785  6.816   -12.682 1.00 15.38 ? 88  LYS A N   1 
ATOM   686  C  CA  . LYS A 1 88  ? -6.580  5.621   -12.979 1.00 15.18 ? 88  LYS A CA  1 
ATOM   687  C  C   . LYS A 1 88  ? -7.222  5.035   -11.722 1.00 15.06 ? 88  LYS A C   1 
ATOM   688  O  O   . LYS A 1 88  ? -8.393  4.630   -11.732 1.00 15.66 ? 88  LYS A O   1 
ATOM   689  C  CB  . LYS A 1 88  ? -5.729  4.546   -13.677 1.00 15.04 ? 88  LYS A CB  1 
ATOM   690  C  CG  . LYS A 1 88  ? -6.420  3.179   -13.806 1.00 15.33 ? 88  LYS A CG  1 
ATOM   691  C  CD  . LYS A 1 88  ? -5.645  2.240   -14.706 1.00 16.58 ? 88  LYS A CD  1 
ATOM   692  C  CE  . LYS A 1 88  ? -6.215  0.836   -14.728 0.50 15.34 ? 88  LYS A CE  1 
ATOM   693  N  NZ  . LYS A 1 88  ? -5.281  -0.091  -15.441 0.50 15.82 ? 88  LYS A NZ  1 
ATOM   694  N  N   . CYS A 1 89  ? -6.463  4.993   -10.628 1.00 14.29 ? 89  CYS A N   1 
ATOM   695  C  CA  . CYS A 1 89  ? -6.831  4.137   -9.491  1.00 14.29 ? 89  CYS A CA  1 
ATOM   696  C  C   . CYS A 1 89  ? -7.543  4.883   -8.369  1.00 13.00 ? 89  CYS A C   1 
ATOM   697  O  O   . CYS A 1 89  ? -8.063  4.267   -7.448  1.00 14.14 ? 89  CYS A O   1 
ATOM   698  C  CB  . CYS A 1 89  ? -5.601  3.384   -8.951  1.00 14.39 ? 89  CYS A CB  1 
ATOM   699  S  SG  . CYS A 1 89  ? -4.838  2.281   -10.244 1.00 19.32 ? 89  CYS A SG  1 
ATOM   700  N  N   . LEU A 1 90  ? -7.558  6.203   -8.426  1.00 11.75 ? 90  LEU A N   1 
ATOM   701  C  CA  . LEU A 1 90  ? -8.322  6.997   -7.451  1.00 11.01 ? 90  LEU A CA  1 
ATOM   702  C  C   . LEU A 1 90  ? -9.540  7.626   -8.122  1.00 10.77 ? 90  LEU A C   1 
ATOM   703  O  O   . LEU A 1 90  ? -9.504  7.933   -9.317  1.00 10.99 ? 90  LEU A O   1 
ATOM   704  C  CB  . LEU A 1 90  ? -7.461  8.090   -6.827  1.00 10.56 ? 90  LEU A CB  1 
ATOM   705  C  CG  . LEU A 1 90  ? -6.162  7.673   -6.156  1.00 10.10 ? 90  LEU A CG  1 
ATOM   706  C  CD1 . LEU A 1 90  ? -5.469  8.932   -5.642  1.00 11.08 ? 90  LEU A CD1 1 
ATOM   707  C  CD2 . LEU A 1 90  ? -6.412  6.668   -5.029  1.00 9.60  ? 90  LEU A CD2 1 
ATOM   708  N  N   . PRO A 1 91  ? -10.634 7.840   -7.363  1.00 10.54 ? 91  PRO A N   1 
ATOM   709  C  CA  . PRO A 1 91  ? -10.764 7.567   -5.943  1.00 10.56 ? 91  PRO A CA  1 
ATOM   710  C  C   . PRO A 1 91  ? -10.918 6.110   -5.614  1.00 10.65 ? 91  PRO A C   1 
ATOM   711  O  O   . PRO A 1 91  ? -11.363 5.304   -6.424  1.00 10.02 ? 91  PRO A O   1 
ATOM   712  C  CB  . PRO A 1 91  ? -12.053 8.294   -5.575  1.00 10.21 ? 91  PRO A CB  1 
ATOM   713  C  CG  . PRO A 1 91  ? -12.859 8.225   -6.808  1.00 11.75 ? 91  PRO A CG  1 
ATOM   714  C  CD  . PRO A 1 91  ? -11.863 8.448   -7.900  1.00 10.64 ? 91  PRO A CD  1 
ATOM   715  N  N   . THR A 1 92  ? -10.566 5.789   -4.383  1.00 11.17 ? 92  THR A N   1 
ATOM   716  C  CA  . THR A 1 92  ? -10.784 4.436   -3.857  1.00 11.22 ? 92  THR A CA  1 
ATOM   717  C  C   . THR A 1 92  ? -12.274 4.110   -3.709  1.00 12.31 ? 92  THR A C   1 
ATOM   718  O  O   . THR A 1 92  ? -13.127 4.986   -3.498  1.00 12.53 ? 92  THR A O   1 
ATOM   719  C  CB  . THR A 1 92  ? -10.092 4.261   -2.496  1.00 11.93 ? 92  THR A CB  1 
ATOM   720  O  OG1 . THR A 1 92  ? -10.592 5.244   -1.577  1.00 11.50 ? 92  THR A OG1 1 
ATOM   721  C  CG2 . THR A 1 92  ? -8.562  4.408   -2.643  1.00 11.20 ? 92  THR A CG2 1 
ATOM   722  N  N   . SER A 1 93  ? -12.589 2.828   -3.844  1.00 12.45 ? 93  SER A N   1 
ATOM   723  C  CA  . SER A 1 93  ? -13.954 2.352   -3.578  1.00 13.83 ? 93  SER A CA  1 
ATOM   724  C  C   . SER A 1 93  ? -13.921 0.923   -3.094  1.00 13.22 ? 93  SER A C   1 
ATOM   725  O  O   . SER A 1 93  ? -12.999 0.170   -3.384  1.00 13.10 ? 93  SER A O   1 
ATOM   726  C  CB  . SER A 1 93  ? -14.854 2.494   -4.802  1.00 14.57 ? 93  SER A CB  1 
ATOM   727  O  OG  . SER A 1 93  ? -14.348 1.759   -5.892  1.00 17.43 ? 93  SER A OG  1 
ATOM   728  N  N   . GLY A 1 94  ? -14.923 0.585   -2.315  1.00 12.80 ? 94  GLY A N   1 
ATOM   729  C  CA  . GLY A 1 94  ? -15.014 -0.746  -1.731  1.00 13.04 ? 94  GLY A CA  1 
ATOM   730  C  C   . GLY A 1 94  ? -15.968 -0.693  -0.568  1.00 13.07 ? 94  GLY A C   1 
ATOM   731  O  O   . GLY A 1 94  ? -16.482 0.375   -0.256  1.00 14.57 ? 94  GLY A O   1 
ATOM   732  N  N   . SER A 1 95  ? -16.142 -1.832  0.091   1.00 13.68 ? 95  SER A N   1 
ATOM   733  C  CA  . SER A 1 95  ? -17.187 -2.066  1.102   1.00 14.14 ? 95  SER A CA  1 
ATOM   734  C  C   . SER A 1 95  ? -16.822 -1.518  2.476   1.00 13.78 ? 95  SER A C   1 
ATOM   735  O  O   . SER A 1 95  ? -17.680 -1.351  3.355   1.00 13.96 ? 95  SER A O   1 
ATOM   736  C  CB  . SER A 1 95  ? -17.448 -3.581  1.236   1.00 14.50 ? 95  SER A CB  1 
ATOM   737  O  OG  . SER A 1 95  ? -16.263 -4.284  1.642   1.00 16.87 ? 95  SER A OG  1 
ATOM   738  N  N   . ASP A 1 96  ? -15.529 -1.302  2.654   1.00 12.35 ? 96  ASP A N   1 
ATOM   739  C  CA  . ASP A 1 96  ? -14.935 -0.804  3.898   1.00 12.11 ? 96  ASP A CA  1 
ATOM   740  C  C   . ASP A 1 96  ? -13.483 -0.415  3.647   1.00 10.68 ? 96  ASP A C   1 
ATOM   741  O  O   . ASP A 1 96  ? -12.993 -0.505  2.509   1.00 11.48 ? 96  ASP A O   1 
ATOM   742  C  CB  . ASP A 1 96  ? -14.993 -1.849  5.003   1.00 12.53 ? 96  ASP A CB  1 
ATOM   743  C  CG  . ASP A 1 96  ? -14.446 -3.209  4.564   0.70 13.38 ? 96  ASP A CG  1 
ATOM   744  O  OD1 . ASP A 1 96  ? -13.297 -3.297  4.160   0.70 12.28 ? 96  ASP A OD1 1 
ATOM   745  O  OD2 . ASP A 1 96  ? -15.153 -4.220  4.672   0.70 18.98 ? 96  ASP A OD2 1 
ATOM   746  N  N   . ASN A 1 97  ? -12.794 0.030   4.689   1.00 10.06 ? 97  ASN A N   1 
ATOM   747  C  CA  . ASN A 1 97  ? -11.441 0.583   4.480   1.00 10.27 ? 97  ASN A CA  1 
ATOM   748  C  C   . ASN A 1 97  ? -10.487 -0.471  3.929   1.00 10.77 ? 97  ASN A C   1 
ATOM   749  O  O   . ASN A 1 97  ? -9.713  -0.198  3.005   1.00 11.93 ? 97  ASN A O   1 
ATOM   750  C  CB  . ASN A 1 97  ? -10.857 1.211   5.743   1.00 10.47 ? 97  ASN A CB  1 
ATOM   751  C  CG  . ASN A 1 97  ? -11.449 2.557   6.061   1.00 11.57 ? 97  ASN A CG  1 
ATOM   752  O  OD1 . ASN A 1 97  ? -12.092 3.192   5.217   1.00 13.14 ? 97  ASN A OD1 1 
ATOM   753  N  ND2 . ASN A 1 97  ? -11.224 3.008   7.298   1.00 13.19 ? 97  ASN A ND2 1 
ATOM   754  N  N   . CYS A 1 98  ? -10.545 -1.673  4.477   1.00 11.42 ? 98  CYS A N   1 
ATOM   755  C  CA  . CYS A 1 98  ? -9.670  -2.759  4.029   1.00 11.87 ? 98  CYS A CA  1 
ATOM   756  C  C   . CYS A 1 98  ? -9.960  -3.178  2.581   1.00 10.73 ? 98  CYS A C   1 
ATOM   757  O  O   . CYS A 1 98  ? -9.047  -3.330  1.763   1.00 11.07 ? 98  CYS A O   1 
ATOM   758  C  CB  . CYS A 1 98  ? -9.773  -3.970  4.971   1.00 13.91 ? 98  CYS A CB  1 
ATOM   759  S  SG  . CYS A 1 98  ? -9.511  -3.465  6.714   1.00 20.68 ? 98  CYS A SG  1 
ATOM   760  N  N   . ASN A 1 99  ? -11.239 -3.243  2.244   1.00 10.18 ? 99  ASN A N   1 
ATOM   761  C  CA  . ASN A 1 99  ? -11.636 -3.566  0.859   1.00 10.35 ? 99  ASN A CA  1 
ATOM   762  C  C   . ASN A 1 99  ? -11.302 -2.455  -0.144  1.00 9.66  ? 99  ASN A C   1 
ATOM   763  O  O   . ASN A 1 99  ? -10.925 -2.737  -1.261  1.00 10.17 ? 99  ASN A O   1 
ATOM   764  C  CB  . ASN A 1 99  ? -13.120 -3.941  0.780   1.00 11.30 ? 99  ASN A CB  1 
ATOM   765  C  CG  . ASN A 1 99  ? -13.512 -4.507  -0.567  1.00 12.16 ? 99  ASN A CG  1 
ATOM   766  O  OD1 . ASN A 1 99  ? -12.999 -5.560  -1.064  1.00 14.64 ? 99  ASN A OD1 1 
ATOM   767  N  ND2 . ASN A 1 99  ? -14.424 -3.819  -1.192  1.00 11.24 ? 99  ASN A ND2 1 
ATOM   768  N  N   . LYS A 1 100 ? -11.339 -1.203  0.307   1.00 10.08 ? 100 LYS A N   1 
ATOM   769  C  CA  . LYS A 1 100 ? -10.913 -0.079  -0.518  1.00 9.61  ? 100 LYS A CA  1 
ATOM   770  C  C   . LYS A 1 100 ? -9.445  -0.238  -0.883  1.00 9.34  ? 100 LYS A C   1 
ATOM   771  O  O   . LYS A 1 100 ? -9.043  -0.017  -2.031  1.00 10.35 ? 100 LYS A O   1 
ATOM   772  C  CB  . LYS A 1 100 ? -11.175 1.278   0.157   1.00 9.72  ? 100 LYS A CB  1 
ATOM   773  C  CG  . LYS A 1 100 ? -12.649 1.680   0.115   1.00 11.32 ? 100 LYS A CG  1 
ATOM   774  C  CD  . LYS A 1 100 ? -12.956 2.918   0.904   1.00 13.48 ? 100 LYS A CD  1 
ATOM   775  C  CE  . LYS A 1 100 ? -14.456 3.289   0.767   1.00 15.82 ? 100 LYS A CE  1 
ATOM   776  N  NZ  . LYS A 1 100 ? -14.724 4.542   1.488   1.00 18.29 ? 100 LYS A NZ  1 
ATOM   777  N  N   . ILE A 1 101 ? -8.657  -0.669  0.104   1.00 9.64  ? 101 ILE A N   1 
ATOM   778  C  CA  . ILE A 1 101 ? -7.226  -0.831  -0.098  1.00 9.64  ? 101 ILE A CA  1 
ATOM   779  C  C   . ILE A 1 101 ? -6.929  -2.069  -0.939  1.00 9.86  ? 101 ILE A C   1 
ATOM   780  O  O   . ILE A 1 101 ? -6.019  -2.058  -1.777  1.00 10.79 ? 101 ILE A O   1 
ATOM   781  C  CB  . ILE A 1 101 ? -6.460  -0.777  1.195   1.00 9.59  ? 101 ILE A CB  1 
ATOM   782  C  CG1 . ILE A 1 101 ? -6.638  0.597   1.875   1.00 9.89  ? 101 ILE A CG1 1 
ATOM   783  C  CG2 . ILE A 1 101 ? -4.973  -1.024  0.924   1.00 11.51 ? 101 ILE A CG2 1 
ATOM   784  C  CD1 . ILE A 1 101 ? -6.409  1.856   0.999   1.00 10.78 ? 101 ILE A CD1 1 
ATOM   785  N  N   . TYR A 1 102 ? -7.725  -3.116  -0.790  1.00 10.42 ? 102 TYR A N   1 
ATOM   786  C  CA  . TYR A 1 102 ? -7.640  -4.263  -1.684  1.00 11.01 ? 102 TYR A CA  1 
ATOM   787  C  C   . TYR A 1 102 ? -7.794  -3.830  -3.151  1.00 11.20 ? 102 TYR A C   1 
ATOM   788  O  O   . TYR A 1 102 ? -6.967  -4.145  -4.017  1.00 12.29 ? 102 TYR A O   1 
ATOM   789  C  CB  . TYR A 1 102 ? -8.670  -5.336  -1.337  1.00 10.77 ? 102 TYR A CB  1 
ATOM   790  C  CG  . TYR A 1 102 ? -8.784  -6.401  -2.385  1.00 11.93 ? 102 TYR A CG  1 
ATOM   791  C  CD1 . TYR A 1 102 ? -7.801  -7.374  -2.517  1.00 13.49 ? 102 TYR A CD1 1 
ATOM   792  C  CD2 . TYR A 1 102 ? -9.872  -6.463  -3.224  1.00 13.81 ? 102 TYR A CD2 1 
ATOM   793  C  CE1 . TYR A 1 102 ? -7.896  -8.361  -3.475  1.00 12.90 ? 102 TYR A CE1 1 
ATOM   794  C  CE2 . TYR A 1 102 ? -9.995  -7.465  -4.166  1.00 13.16 ? 102 TYR A CE2 1 
ATOM   795  C  CZ  . TYR A 1 102 ? -8.981  -8.394  -4.305  1.00 15.03 ? 102 TYR A CZ  1 
ATOM   796  O  OH  . TYR A 1 102 ? -9.077  -9.385  -5.258  1.00 16.75 ? 102 TYR A OH  1 
ATOM   797  N  N   . ASN A 1 103 ? -8.850  -3.080  -3.429  1.00 10.90 ? 103 ASN A N   1 
ATOM   798  C  CA  . ASN A 1 103 ? -9.156  -2.684  -4.809  1.00 11.53 ? 103 ASN A CA  1 
ATOM   799  C  C   . ASN A 1 103 ? -8.052  -1.762  -5.354  1.00 11.23 ? 103 ASN A C   1 
ATOM   800  O  O   . ASN A 1 103 ? -7.662  -1.821  -6.521  1.00 11.21 ? 103 ASN A O   1 
ATOM   801  C  CB  . ASN A 1 103 ? -10.533 -1.999  -4.894  1.00 11.32 ? 103 ASN A CB  1 
ATOM   802  C  CG  . ASN A 1 103 ? -11.683 -2.969  -4.712  1.00 13.62 ? 103 ASN A CG  1 
ATOM   803  O  OD1 . ASN A 1 103 ? -12.721 -2.621  -4.139  1.00 16.63 ? 103 ASN A OD1 1 
ATOM   804  N  ND2 . ASN A 1 103 ? -11.513 -4.181  -5.209  1.00 10.25 ? 103 ASN A ND2 1 
ATOM   805  N  N   . LEU A 1 104 ? -7.551  -0.910  -4.481  1.00 11.19 ? 104 LEU A N   1 
ATOM   806  C  CA  . LEU A 1 104 ? -6.467  0.012   -4.824  1.00 11.46 ? 104 LEU A CA  1 
ATOM   807  C  C   . LEU A 1 104 ? -5.183  -0.759  -5.145  1.00 11.66 ? 104 LEU A C   1 
ATOM   808  O  O   . LEU A 1 104 ? -4.521  -0.524  -6.181  1.00 12.18 ? 104 LEU A O   1 
ATOM   809  C  CB  . LEU A 1 104 ? -6.221  0.993   -3.676  1.00 11.33 ? 104 LEU A CB  1 
ATOM   810  C  CG  . LEU A 1 104 ? -5.053  1.938   -3.914  1.00 12.26 ? 104 LEU A CG  1 
ATOM   811  C  CD1 . LEU A 1 104 ? -5.369  2.868   -5.098  1.00 12.83 ? 104 LEU A CD1 1 
ATOM   812  C  CD2 . LEU A 1 104 ? -4.762  2.719   -2.622  1.00 12.70 ? 104 LEU A CD2 1 
ATOM   813  N  N   . ALA A 1 105 ? -4.826  -1.682  -4.258  1.00 11.93 ? 105 ALA A N   1 
ATOM   814  C  CA  . ALA A 1 105 ? -3.626  -2.493  -4.436  1.00 12.77 ? 105 ALA A CA  1 
ATOM   815  C  C   . ALA A 1 105 ? -3.597  -3.136  -5.819  1.00 13.10 ? 105 ALA A C   1 
ATOM   816  O  O   . ALA A 1 105 ? -2.673  -2.911  -6.600  1.00 13.81 ? 105 ALA A O   1 
ATOM   817  C  CB  . ALA A 1 105 ? -3.539  -3.556  -3.353  1.00 12.65 ? 105 ALA A CB  1 
ATOM   818  N  N   . LYS A 1 106 ? -4.617  -3.937  -6.115  1.00 13.96 ? 106 LYS A N   1 
ATOM   819  C  CA  . LYS A 1 106 ? -4.711  -4.612  -7.404  1.00 13.99 ? 106 LYS A CA  1 
ATOM   820  C  C   . LYS A 1 106 ? -4.568  -3.623  -8.555  1.00 14.72 ? 106 LYS A C   1 
ATOM   821  O  O   . LYS A 1 106 ? -3.754  -3.820  -9.458  1.00 14.80 ? 106 LYS A O   1 
ATOM   822  C  CB  . LYS A 1 106 ? -6.038  -5.365  -7.518  1.00 14.71 ? 106 LYS A CB  1 
ATOM   823  C  CG  . LYS A 1 106 ? -6.370  -6.223  -6.309  1.00 13.63 ? 106 LYS A CG  1 
ATOM   824  C  CD  . LYS A 1 106 ? -6.807  -7.619  -6.726  1.00 15.10 ? 106 LYS A CD  1 
ATOM   825  C  CE  . LYS A 1 106 ? -5.882  -8.192  -7.789  1.00 16.31 ? 106 LYS A CE  1 
ATOM   826  N  NZ  . LYS A 1 106 ? -5.548  -9.618  -7.523  1.00 17.36 ? 106 LYS A NZ  1 
ATOM   827  N  N   . CYS A 1 107 ? -5.364  -2.559  -8.517  1.00 14.39 ? 107 CYS A N   1 
ATOM   828  C  CA  . CYS A 1 107 ? -5.328  -1.537  -9.556  1.00 14.39 ? 107 CYS A CA  1 
ATOM   829  C  C   . CYS A 1 107 ? -3.908  -1.024  -9.773  1.00 13.51 ? 107 CYS A C   1 
ATOM   830  O  O   . CYS A 1 107 ? -3.440  -0.927  -10.908 1.00 12.13 ? 107 CYS A O   1 
ATOM   831  C  CB  . CYS A 1 107 ? -6.258  -0.377  -9.199  1.00 14.83 ? 107 CYS A CB  1 
ATOM   832  S  SG  . CYS A 1 107 ? -6.379  0.902   -10.471 1.00 18.01 ? 107 CYS A SG  1 
ATOM   833  N  N   . VAL A 1 108 ? -3.229  -0.696  -8.680  1.00 12.70 ? 108 VAL A N   1 
ATOM   834  C  CA  . VAL A 1 108 ? -1.864  -0.193  -8.749  1.00 12.37 ? 108 VAL A CA  1 
ATOM   835  C  C   . VAL A 1 108 ? -0.885  -1.287  -9.199  1.00 12.58 ? 108 VAL A C   1 
ATOM   836  O  O   . VAL A 1 108 ? -0.030  -1.059  -10.062 1.00 12.61 ? 108 VAL A O   1 
ATOM   837  C  CB  . VAL A 1 108 ? -1.419  0.404   -7.409  1.00 12.50 ? 108 VAL A CB  1 
ATOM   838  C  CG1 . VAL A 1 108 ? 0.060   0.795   -7.479  1.00 11.58 ? 108 VAL A CG1 1 
ATOM   839  C  CG2 . VAL A 1 108 ? -2.299  1.609   -7.029  1.00 10.73 ? 108 VAL A CG2 1 
ATOM   840  N  N   . GLN A 1 109 ? -1.001  -2.471  -8.620  1.00 13.50 ? 109 GLN A N   1 
ATOM   841  C  CA  . GLN A 1 109 ? -0.092  -3.570  -8.989  1.00 14.11 ? 109 GLN A CA  1 
ATOM   842  C  C   . GLN A 1 109 ? -0.242  -3.888  -10.459 1.00 13.88 ? 109 GLN A C   1 
ATOM   843  O  O   . GLN A 1 109 ? 0.745   -4.177  -11.142 1.00 13.73 ? 109 GLN A O   1 
ATOM   844  C  CB  . GLN A 1 109 ? -0.312  -4.825  -8.125  1.00 14.38 ? 109 GLN A CB  1 
ATOM   845  C  CG  . GLN A 1 109 ? 0.766   -5.914  -8.306  1.00 14.63 ? 109 GLN A CG  1 
ATOM   846  C  CD  . GLN A 1 109 ? 0.555   -6.823  -9.511  1.00 15.91 ? 109 GLN A CD  1 
ATOM   847  O  OE1 . GLN A 1 109 ? 1.528   -7.339  -10.097 1.00 20.22 ? 109 GLN A OE1 1 
ATOM   848  N  NE2 . GLN A 1 109 ? -0.700  -6.997  -9.921  1.00 15.66 ? 109 GLN A NE2 1 
ATOM   849  N  N   . GLU A 1 110 ? -1.470  -3.801  -10.961 1.00 13.83 ? 110 GLU A N   1 
ATOM   850  C  CA  . GLU A 1 110 ? -1.768  -4.190  -12.367 1.00 14.02 ? 110 GLU A CA  1 
ATOM   851  C  C   . GLU A 1 110 ? -1.211  -3.147  -13.337 1.00 13.71 ? 110 GLU A C   1 
ATOM   852  O  O   . GLU A 1 110 ? -0.744  -3.464  -14.441 1.00 13.64 ? 110 GLU A O   1 
ATOM   853  C  CB  . GLU A 1 110 ? -3.286  -4.332  -12.542 1.00 14.17 ? 110 GLU A CB  1 
ATOM   854  C  CG  . GLU A 1 110 ? -3.826  -4.653  -13.909 0.30 14.38 ? 110 GLU A CG  1 
ATOM   855  C  CD  . GLU A 1 110 ? -5.344  -4.576  -13.897 0.30 15.14 ? 110 GLU A CD  1 
ATOM   856  O  OE1 . GLU A 1 110 ? -5.916  -4.541  -12.778 0.30 15.89 ? 110 GLU A OE1 1 
ATOM   857  O  OE2 . GLU A 1 110 ? -5.962  -4.532  -14.975 0.30 15.92 ? 110 GLU A OE2 1 
ATOM   858  N  N   . SER A 1 111 ? -1.223  -1.908  -12.866 1.00 13.92 ? 111 SER A N   1 
ATOM   859  C  CA  . SER A 1 111 ? -0.873  -0.719  -13.656 1.00 13.44 ? 111 SER A CA  1 
ATOM   860  C  C   . SER A 1 111 ? 0.629   -0.475  -13.676 1.00 13.61 ? 111 SER A C   1 
ATOM   861  O  O   . SER A 1 111 ? 1.145   0.147   -14.599 1.00 12.67 ? 111 SER A O   1 
ATOM   862  C  CB  . SER A 1 111 ? -1.565  0.540   -13.111 1.00 13.64 ? 111 SER A CB  1 
ATOM   863  O  OG  . SER A 1 111 ? -2.962  0.493   -13.318 0.50 14.06 ? 111 SER A OG  1 
ATOM   864  N  N   . ALA A 1 112 ? 1.316   -0.949  -12.643 1.00 13.57 ? 112 ALA A N   1 
ATOM   865  C  CA  . ALA A 1 112 ? 2.763   -0.722  -12.512 1.00 14.01 ? 112 ALA A CA  1 
ATOM   866  C  C   . ALA A 1 112 ? 3.455   -1.891  -11.812 1.00 14.47 ? 112 ALA A C   1 
ATOM   867  O  O   . ALA A 1 112 ? 4.023   -1.719  -10.743 1.00 14.63 ? 112 ALA A O   1 
ATOM   868  C  CB  . ALA A 1 112 ? 3.021   0.569   -11.753 1.00 13.85 ? 112 ALA A CB  1 
ATOM   869  N  N   . PRO A 1 113 ? 3.408   -3.083  -12.416 1.00 15.11 ? 113 PRO A N   1 
ATOM   870  C  CA  . PRO A 1 113 ? 3.886   -4.280  -11.730 1.00 15.38 ? 113 PRO A CA  1 
ATOM   871  C  C   . PRO A 1 113 ? 5.382   -4.235  -11.411 1.00 15.65 ? 113 PRO A C   1 
ATOM   872  O  O   . PRO A 1 113 ? 5.828   -4.801  -10.412 1.00 16.75 ? 113 PRO A O   1 
ATOM   873  C  CB  . PRO A 1 113 ? 3.562   -5.412  -12.718 1.00 15.73 ? 113 PRO A CB  1 
ATOM   874  C  CG  . PRO A 1 113 ? 3.282   -4.767  -14.006 1.00 15.60 ? 113 PRO A CG  1 
ATOM   875  C  CD  . PRO A 1 113 ? 2.731   -3.416  -13.680 1.00 15.39 ? 113 PRO A CD  1 
ATOM   876  N  N   . ASP A 1 114 ? 6.142   -3.534  -12.235 1.00 16.00 ? 114 ASP A N   1 
ATOM   877  C  CA  . ASP A 1 114 ? 7.606   -3.574  -12.123 1.00 15.75 ? 114 ASP A CA  1 
ATOM   878  C  C   . ASP A 1 114 ? 8.118   -2.729  -10.957 1.00 15.62 ? 114 ASP A C   1 
ATOM   879  O  O   . ASP A 1 114 ? 9.287   -2.820  -10.586 1.00 16.54 ? 114 ASP A O   1 
ATOM   880  C  CB  . ASP A 1 114 ? 8.287   -3.126  -13.426 1.00 15.95 ? 114 ASP A CB  1 
ATOM   881  C  CG  . ASP A 1 114 ? 7.790   -1.780  -13.908 1.00 15.46 ? 114 ASP A CG  1 
ATOM   882  O  OD1 . ASP A 1 114 ? 6.565   -1.690  -14.185 1.00 18.48 ? 114 ASP A OD1 1 
ATOM   883  O  OD2 . ASP A 1 114 ? 8.600   -0.833  -13.972 1.00 16.79 ? 114 ASP A OD2 1 
ATOM   884  N  N   . VAL A 1 115 ? 7.251   -1.892  -10.409 1.00 15.46 ? 115 VAL A N   1 
ATOM   885  C  CA  . VAL A 1 115 ? 7.656   -0.969  -9.331  1.00 15.15 ? 115 VAL A CA  1 
ATOM   886  C  C   . VAL A 1 115 ? 6.932   -1.278  -8.012  1.00 15.22 ? 115 VAL A C   1 
ATOM   887  O  O   . VAL A 1 115 ? 7.260   -0.747  -6.955  1.00 15.44 ? 115 VAL A O   1 
ATOM   888  C  CB  A VAL A 1 115 ? 7.389   0.500   -9.713  0.50 15.45 ? 115 VAL A CB  1 
ATOM   889  C  CB  B VAL A 1 115 ? 7.514   0.530   -9.739  0.50 15.33 ? 115 VAL A CB  1 
ATOM   890  C  CG1 A VAL A 1 115 ? 5.895   0.765   -9.765  0.50 15.87 ? 115 VAL A CG1 1 
ATOM   891  C  CG1 B VAL A 1 115 ? 8.665   0.926   -10.644 0.50 14.25 ? 115 VAL A CG1 1 
ATOM   892  C  CG2 A VAL A 1 115 ? 8.049   1.433   -8.727  0.50 15.19 ? 115 VAL A CG2 1 
ATOM   893  C  CG2 B VAL A 1 115 ? 6.181   0.810   -10.432 0.50 15.44 ? 115 VAL A CG2 1 
ATOM   894  N  N   . TRP A 1 116 ? 5.943   -2.145  -8.113  1.00 14.96 ? 116 TRP A N   1 
ATOM   895  C  CA  . TRP A 1 116 ? 5.152   -2.600  -6.951  1.00 14.67 ? 116 TRP A CA  1 
ATOM   896  C  C   . TRP A 1 116 ? 6.009   -3.192  -5.848  1.00 15.00 ? 116 TRP A C   1 
ATOM   897  O  O   . TRP A 1 116 ? 6.940   -3.970  -6.092  1.00 14.79 ? 116 TRP A O   1 
ATOM   898  C  CB  . TRP A 1 116 ? 4.130   -3.651  -7.388  1.00 14.88 ? 116 TRP A CB  1 
ATOM   899  C  CG  . TRP A 1 116 ? 3.271   -4.208  -6.283  1.00 14.45 ? 116 TRP A CG  1 
ATOM   900  C  CD1 . TRP A 1 116 ? 3.319   -5.477  -5.755  1.00 14.55 ? 116 TRP A CD1 1 
ATOM   901  C  CD2 . TRP A 1 116 ? 2.193   -3.542  -5.621  1.00 12.40 ? 116 TRP A CD2 1 
ATOM   902  N  NE1 . TRP A 1 116 ? 2.358   -5.620  -4.786  1.00 14.70 ? 116 TRP A NE1 1 
ATOM   903  C  CE2 . TRP A 1 116 ? 1.649   -4.448  -4.686  1.00 14.89 ? 116 TRP A CE2 1 
ATOM   904  C  CE3 . TRP A 1 116 ? 1.637   -2.266  -5.721  1.00 13.60 ? 116 TRP A CE3 1 
ATOM   905  C  CZ2 . TRP A 1 116 ? 0.584   -4.111  -3.864  1.00 15.59 ? 116 TRP A CZ2 1 
ATOM   906  C  CZ3 . TRP A 1 116 ? 0.590   -1.936  -4.903  1.00 15.28 ? 116 TRP A CZ3 1 
ATOM   907  C  CH2 . TRP A 1 116 ? 0.071   -2.857  -3.983  1.00 16.47 ? 116 TRP A CH2 1 
ATOM   908  N  N   . PHE A 1 117 ? 5.668   -2.800  -4.627  1.00 15.69 ? 117 PHE A N   1 
ATOM   909  C  CA  . PHE A 1 117 ? 6.176   -3.479  -3.445  1.00 16.38 ? 117 PHE A CA  1 
ATOM   910  C  C   . PHE A 1 117 ? 5.338   -3.197  -2.212  1.00 16.01 ? 117 PHE A C   1 
ATOM   911  O  O   . PHE A 1 117 ? 4.635   -2.199  -2.118  1.00 15.46 ? 117 PHE A O   1 
ATOM   912  C  CB  . PHE A 1 117 ? 7.670   -3.227  -3.239  1.00 17.67 ? 117 PHE A CB  1 
ATOM   913  C  CG  . PHE A 1 117 ? 8.002   -2.250  -2.150  1.00 20.65 ? 117 PHE A CG  1 
ATOM   914  C  CD1 . PHE A 1 117 ? 7.549   -0.952  -2.200  1.00 24.13 ? 117 PHE A CD1 1 
ATOM   915  C  CD2 . PHE A 1 117 ? 8.831   -2.638  -1.102  1.00 24.95 ? 117 PHE A CD2 1 
ATOM   916  C  CE1 . PHE A 1 117 ? 7.865   -0.045  -1.188  1.00 26.20 ? 117 PHE A CE1 1 
ATOM   917  C  CE2 . PHE A 1 117 ? 9.157   -1.748  -0.080  1.00 26.50 ? 117 PHE A CE2 1 
ATOM   918  C  CZ  . PHE A 1 117 ? 8.662   -0.448  -0.122  1.00 26.43 ? 117 PHE A CZ  1 
ATOM   919  N  N   . VAL A 1 118 ? 5.378   -4.168  -1.320  1.00 15.48 ? 118 VAL A N   1 
ATOM   920  C  CA  . VAL A 1 118 ? 4.736   -4.095  -0.023  1.00 15.23 ? 118 VAL A CA  1 
ATOM   921  C  C   . VAL A 1 118 ? 5.743   -4.592  0.997   1.00 15.63 ? 118 VAL A C   1 
ATOM   922  O  O   . VAL A 1 118 ? 6.447   -5.588  0.791   1.00 15.91 ? 118 VAL A O   1 
ATOM   923  C  CB  . VAL A 1 118 ? 3.471   -4.987  0.039   1.00 15.03 ? 118 VAL A CB  1 
ATOM   924  C  CG1 . VAL A 1 118 ? 2.821   -4.890  1.428   1.00 13.93 ? 118 VAL A CG1 1 
ATOM   925  C  CG2 . VAL A 1 118 ? 2.476   -4.566  -1.048  1.00 16.49 ? 118 VAL A CG2 1 
ATOM   926  N  N   . ILE A 1 119 ? 5.804   -3.863  2.094   1.00 15.84 ? 119 ILE A N   1 
ATOM   927  C  CA  . ILE A 1 119 ? 6.747   -4.100  3.160   1.00 16.50 ? 119 ILE A CA  1 
ATOM   928  C  C   . ILE A 1 119 ? 5.999   -4.593  4.415   1.00 15.91 ? 119 ILE A C   1 
ATOM   929  O  O   . ILE A 1 119 ? 4.881   -4.203  4.660   1.00 15.45 ? 119 ILE A O   1 
ATOM   930  C  CB  . ILE A 1 119 ? 7.486   -2.756  3.462   1.00 16.77 ? 119 ILE A CB  1 
ATOM   931  C  CG1 . ILE A 1 119 ? 8.579   -2.940  4.481   1.00 18.44 ? 119 ILE A CG1 1 
ATOM   932  C  CG2 . ILE A 1 119 ? 6.516   -1.706  3.943   1.00 18.68 ? 119 ILE A CG2 1 
ATOM   933  C  CD1 . ILE A 1 119 ? 9.332   -1.663  4.695   1.00 19.47 ? 119 ILE A CD1 1 
ATOM   934  O  OXT . ILE A 1 119 ? 6.470   -5.397  5.218   1.00 16.64 ? 119 ILE A OXT 1 
HETATM 935  C  C2  . CMJ B 2 .   ? 0.345   5.795   -6.494  1.00 40.05 ? 120 CMJ A C2  1 
HETATM 936  C  C4  . CMJ B 2 .   ? 0.331   4.091   -4.674  1.00 39.67 ? 120 CMJ A C4  1 
HETATM 937  C  C5  . CMJ B 2 .   ? -0.341  3.792   -3.336  1.00 39.36 ? 120 CMJ A C5  1 
HETATM 938  C  C6  . CMJ B 2 .   ? -1.059  2.456   -3.418  1.00 38.78 ? 120 CMJ A C6  1 
HETATM 939  C  C43 . CMJ B 2 .   ? 4.321   4.578   -9.085  1.00 36.72 ? 120 CMJ A C43 1 
HETATM 940  C  C42 . CMJ B 2 .   ? 4.373   3.285   -8.301  1.00 36.98 ? 120 CMJ A C42 1 
HETATM 941  C  C41 . CMJ B 2 .   ? 3.566   3.374   -7.017  1.00 36.70 ? 120 CMJ A C41 1 
HETATM 942  C  C40 . CMJ B 2 .   ? 4.269   2.640   -5.889  1.00 36.81 ? 120 CMJ A C40 1 
HETATM 943  C  C39 . CMJ B 2 .   ? 4.037   1.147   -6.039  1.00 37.48 ? 120 CMJ A C39 1 
HETATM 944  C  C38 . CMJ B 2 .   ? 3.365   0.568   -4.803  1.00 38.73 ? 120 CMJ A C38 1 
HETATM 945  C  C37 . CMJ B 2 .   ? 4.070   1.048   -3.555  1.00 39.62 ? 120 CMJ A C37 1 
HETATM 946  C  C36 . CMJ B 2 .   ? 3.242   2.104   -2.853  1.00 39.86 ? 120 CMJ A C36 1 
HETATM 947  C  C35 . CMJ B 2 .   ? 3.790   2.266   -1.449  1.00 39.98 ? 120 CMJ A C35 1 
HETATM 948  C  C34 . CMJ B 2 .   ? 3.124   3.429   -0.745  1.00 40.35 ? 120 CMJ A C34 1 
HETATM 949  C  C33 . CMJ B 2 .   ? 4.182   4.365   -0.170  1.00 40.63 ? 120 CMJ A C33 1 
HETATM 950  C  C32 . CMJ B 2 .   ? 5.582   3.944   -0.594  1.00 40.94 ? 120 CMJ A C32 1 
HETATM 951  C  C31 . CMJ B 2 .   ? 6.618   4.931   -0.069  1.00 40.51 ? 120 CMJ A C31 1 
HETATM 952  C  C30 . CMJ B 2 .   ? 7.720   4.171   0.649   1.00 39.32 ? 120 CMJ A C30 1 
HETATM 953  C  C29 . CMJ B 2 .   ? 9.069   4.775   0.319   1.00 38.45 ? 120 CMJ A C29 1 
HETATM 954  C  C28 . CMJ B 2 .   ? 9.178   6.182   0.881   1.00 36.99 ? 120 CMJ A C28 1 
HETATM 955  C  C27 . CMJ B 2 .   ? 10.535  6.397   1.535   1.00 35.49 ? 120 CMJ A C27 1 
HETATM 956  C  C26 . CMJ B 2 .   ? 10.542  7.655   2.385   1.00 34.00 ? 120 CMJ A C26 1 
HETATM 957  C  C25 . CMJ B 2 .   ? 11.025  7.331   3.790   1.00 32.71 ? 120 CMJ A C25 1 
HETATM 958  C  C24 . CMJ B 2 .   ? 10.255  8.138   4.823   1.00 31.83 ? 120 CMJ A C24 1 
HETATM 959  C  C23 . CMJ B 2 .   ? 8.789   7.740   4.835   1.00 30.28 ? 120 CMJ A C23 1 
HETATM 960  C  C22 . CMJ B 2 .   ? 8.634   6.303   5.285   1.00 28.44 ? 120 CMJ A C22 1 
HETATM 961  C  C20 . CMJ B 2 .   ? 7.170   5.944   5.297   1.00 28.24 ? 120 CMJ A C20 1 
HETATM 962  C  C21 . CMJ B 2 .   ? 6.322   7.157   4.927   1.00 24.30 ? 120 CMJ A C21 1 
HETATM 963  C  C19 . CMJ B 2 .   ? 6.932   4.791   4.346   1.00 28.13 ? 120 CMJ A C19 1 
HETATM 964  C  C18 . CMJ B 2 .   ? 5.463   4.500   4.126   1.00 28.37 ? 120 CMJ A C18 1 
HETATM 965  C  C17 . CMJ B 2 .   ? 5.296   3.026   3.779   1.00 30.59 ? 120 CMJ A C17 1 
HETATM 966  C  C16 . CMJ B 2 .   ? 3.836   2.626   3.638   1.00 31.14 ? 120 CMJ A C16 1 
HETATM 967  C  C15 . CMJ B 2 .   ? 3.736   1.233   3.022   1.00 31.86 ? 120 CMJ A C15 1 
HETATM 968  C  C14 . CMJ B 2 .   ? 2.308   0.823   2.641   1.00 32.41 ? 120 CMJ A C14 1 
HETATM 969  C  C13 . CMJ B 2 .   ? 2.275   -0.620  2.110   1.00 33.76 ? 120 CMJ A C13 1 
HETATM 970  C  C12 . CMJ B 2 .   ? 0.944   -0.985  1.456   1.00 34.23 ? 120 CMJ A C12 1 
HETATM 971  C  C11 . CMJ B 2 .   ? 0.842   -0.362  0.079   1.00 36.21 ? 120 CMJ A C11 1 
HETATM 972  C  C10 . CMJ B 2 .   ? -0.080  -1.144  -0.827  1.00 37.58 ? 120 CMJ A C10 1 
HETATM 973  C  C9  . CMJ B 2 .   ? -1.403  -0.428  -1.046  1.00 38.13 ? 120 CMJ A C9  1 
HETATM 974  C  C8  . CMJ B 2 .   ? -1.400  0.246   -2.407  1.00 38.19 ? 120 CMJ A C8  1 
HETATM 975  C  C7  . CMJ B 2 .   ? -0.563  1.507   -2.357  1.00 38.55 ? 120 CMJ A C7  1 
HETATM 976  C  C3  . CMJ B 2 .   ? -0.542  4.959   -5.576  1.00 39.83 ? 120 CMJ A C3  1 
HETATM 977  C  C1  . CMJ B 2 .   ? 1.779   5.327   -6.453  1.00 39.85 ? 120 CMJ A C1  1 
HETATM 978  CL CL  . CL  C 3 .   ? -9.030  8.289   -2.912  1.00 22.82 ? 121 CL  A CL  1 
HETATM 979  O  O   . HOH D 4 .   ? -3.584  -14.645 8.458   0.50 10.41 ? 122 HOH A O   1 
HETATM 980  O  O   . HOH D 4 .   ? 17.298  13.088  -10.169 1.00 12.72 ? 123 HOH A O   1 
HETATM 981  O  O   . HOH D 4 .   ? -2.409  -16.262 6.311   0.50 9.73  ? 124 HOH A O   1 
HETATM 982  O  O   . HOH D 4 .   ? -10.414 0.988   9.340   1.00 35.54 ? 125 HOH A O   1 
HETATM 983  O  O   . HOH D 4 .   ? -12.643 -6.076  7.220   1.00 35.61 ? 126 HOH A O   1 
HETATM 984  O  O   . HOH D 4 .   ? -11.435 -9.317  -7.084  1.00 33.80 ? 127 HOH A O   1 
HETATM 985  O  O   . HOH D 4 .   ? -8.206  -12.771 6.725   1.00 7.61  ? 128 HOH A O   1 
HETATM 986  O  O   . HOH D 4 .   ? -9.964  -13.420 8.771   1.00 10.88 ? 129 HOH A O   1 
HETATM 987  O  O   . HOH D 4 .   ? 3.096   1.617   16.218  1.00 22.17 ? 130 HOH A O   1 
HETATM 988  O  O   . HOH D 4 .   ? 2.413   2.493   -14.935 1.00 13.82 ? 131 HOH A O   1 
HETATM 989  O  O   . HOH D 4 .   ? 5.847   -7.761  -7.575  1.00 26.55 ? 132 HOH A O   1 
HETATM 990  O  O   . HOH D 4 .   ? 19.488  -2.259  -9.022  1.00 36.27 ? 133 HOH A O   1 
HETATM 991  O  O   . HOH D 4 .   ? 10.442  -3.100  8.374   1.00 21.64 ? 134 HOH A O   1 
HETATM 992  O  O   . HOH D 4 .   ? -2.275  2.568   11.736  1.00 14.01 ? 135 HOH A O   1 
HETATM 993  O  O   . HOH D 4 .   ? 1.542   11.658  -15.572 1.00 13.61 ? 136 HOH A O   1 
HETATM 994  O  O   . HOH D 4 .   ? -13.097 -11.152 2.548   1.00 28.59 ? 137 HOH A O   1 
HETATM 995  O  O   . HOH D 4 .   ? -7.044  -6.018  16.624  1.00 33.86 ? 138 HOH A O   1 
HETATM 996  O  O   . HOH D 4 .   ? 8.581   11.616  -13.217 1.00 10.32 ? 139 HOH A O   1 
HETATM 997  O  O   . HOH D 4 .   ? -7.989  -9.443  10.272  1.00 17.96 ? 140 HOH A O   1 
HETATM 998  O  O   . HOH D 4 .   ? -7.797  -18.100 2.125   1.00 11.90 ? 141 HOH A O   1 
HETATM 999  O  O   . HOH D 4 .   ? -10.720 -6.749  2.566   1.00 18.74 ? 142 HOH A O   1 
HETATM 1000 O  O   . HOH D 4 .   ? 15.934  4.454   8.739   1.00 30.83 ? 143 HOH A O   1 
HETATM 1001 O  O   . HOH D 4 .   ? -3.101  12.086  -10.665 1.00 19.40 ? 144 HOH A O   1 
HETATM 1002 O  O   . HOH D 4 .   ? 9.147   5.771   11.882  1.00 26.44 ? 145 HOH A O   1 
HETATM 1003 O  O   . HOH D 4 .   ? 7.452   9.038   -13.843 1.00 12.85 ? 146 HOH A O   1 
HETATM 1004 O  O   . HOH D 4 .   ? -6.179  11.383  2.746   1.00 23.26 ? 147 HOH A O   1 
HETATM 1005 O  O   . HOH D 4 .   ? 6.241   9.304   10.159  1.00 41.29 ? 148 HOH A O   1 
HETATM 1006 O  O   . HOH D 4 .   ? -11.111 -15.544 6.405   1.00 32.49 ? 149 HOH A O   1 
HETATM 1007 O  O   . HOH D 4 .   ? 7.156   2.508   12.608  1.00 14.62 ? 150 HOH A O   1 
HETATM 1008 O  O   . HOH D 4 .   ? -10.233 -10.968 10.443  1.00 12.82 ? 151 HOH A O   1 
HETATM 1009 O  O   . HOH D 4 .   ? -10.765 17.491  2.151   1.00 21.23 ? 152 HOH A O   1 
HETATM 1010 O  O   . HOH D 4 .   ? -4.263  11.290  4.930   1.00 37.77 ? 153 HOH A O   1 
HETATM 1011 O  O   . HOH D 4 .   ? 14.627  -2.356  11.867  1.00 20.45 ? 154 HOH A O   1 
HETATM 1012 O  O   . HOH D 4 .   ? 10.693  8.376   -15.254 1.00 15.57 ? 155 HOH A O   1 
HETATM 1013 O  O   . HOH D 4 .   ? 4.579   15.549  -8.873  1.00 22.86 ? 156 HOH A O   1 
HETATM 1014 O  O   . HOH D 4 .   ? -9.115  -2.879  -8.559  1.00 21.54 ? 157 HOH A O   1 
HETATM 1015 O  O   . HOH D 4 .   ? 4.388   -6.877  -9.259  1.00 16.81 ? 158 HOH A O   1 
HETATM 1016 O  O   . HOH D 4 .   ? -10.229 -12.178 -3.401  1.00 18.77 ? 159 HOH A O   1 
HETATM 1017 O  O   . HOH D 4 .   ? -3.283  -6.876  -9.477  1.00 19.38 ? 160 HOH A O   1 
HETATM 1018 O  O   . HOH D 4 .   ? -8.003  10.550  -9.724  1.00 24.41 ? 161 HOH A O   1 
HETATM 1019 O  O   . HOH D 4 .   ? -2.717  -8.552  -7.598  1.00 33.38 ? 162 HOH A O   1 
HETATM 1020 O  O   . HOH D 4 .   ? -10.779 -17.179 4.194   1.00 17.90 ? 163 HOH A O   1 
HETATM 1021 O  O   . HOH D 4 .   ? -14.496 3.343   4.161   1.00 21.41 ? 164 HOH A O   1 
HETATM 1022 O  O   . HOH D 4 .   ? -2.902  -18.932 0.100   1.00 31.66 ? 165 HOH A O   1 
HETATM 1023 O  O   . HOH D 4 .   ? -10.001 1.363   -4.290  1.00 13.50 ? 166 HOH A O   1 
HETATM 1024 O  O   . HOH D 4 .   ? 10.649  -4.918  10.419  1.00 18.39 ? 167 HOH A O   1 
HETATM 1025 O  O   . HOH D 4 .   ? -8.210  13.100  3.346   1.00 18.75 ? 168 HOH A O   1 
HETATM 1026 O  O   . HOH D 4 .   ? 8.769   -5.016  12.465  1.00 14.01 ? 169 HOH A O   1 
HETATM 1027 O  O   . HOH D 4 .   ? 0.181   -17.294 6.022   1.00 10.19 ? 170 HOH A O   1 
HETATM 1028 O  O   . HOH D 4 .   ? 8.246   -7.466  4.679   1.00 19.48 ? 171 HOH A O   1 
HETATM 1029 O  O   . HOH D 4 .   ? 8.353   -7.504  2.009   1.00 24.09 ? 172 HOH A O   1 
HETATM 1030 O  O   . HOH D 4 .   ? 8.529   -9.782  1.057   1.00 22.31 ? 173 HOH A O   1 
HETATM 1031 O  O   . HOH D 4 .   ? 10.683  -4.843  6.322   1.00 41.61 ? 174 HOH A O   1 
HETATM 1032 O  O   . HOH D 4 .   ? -8.552  -6.959  10.982  1.00 23.32 ? 175 HOH A O   1 
HETATM 1033 O  O   . HOH D 4 .   ? 10.263  1.761   13.591  1.00 14.39 ? 176 HOH A O   1 
HETATM 1034 O  O   . HOH D 4 .   ? 4.607   9.844   5.529   1.00 31.66 ? 177 HOH A O   1 
HETATM 1035 O  O   . HOH D 4 .   ? 12.421  6.030   -14.967 1.00 11.73 ? 178 HOH A O   1 
HETATM 1036 O  O   . HOH D 4 .   ? 9.476   3.891   -13.501 1.00 13.28 ? 179 HOH A O   1 
HETATM 1037 O  O   . HOH D 4 .   ? 11.226  -0.976  -13.504 1.00 15.88 ? 180 HOH A O   1 
HETATM 1038 O  O   . HOH D 4 .   ? -10.389 -5.240  -7.465  1.00 26.13 ? 181 HOH A O   1 
HETATM 1039 O  O   . HOH D 4 .   ? 8.184   -6.366  -5.188  1.00 21.62 ? 182 HOH A O   1 
HETATM 1040 O  O   . HOH D 4 .   ? -3.358  15.692  -2.005  1.00 41.72 ? 183 HOH A O   1 
HETATM 1041 O  O   . HOH D 4 .   ? -5.209  14.043  -2.273  1.00 30.83 ? 184 HOH A O   1 
HETATM 1042 O  O   . HOH D 4 .   ? -6.579  14.003  0.284   1.00 39.22 ? 185 HOH A O   1 
HETATM 1043 O  O   . HOH D 4 .   ? -14.873 -7.186  1.443   1.00 28.02 ? 186 HOH A O   1 
HETATM 1044 O  O   . HOH D 4 .   ? 14.440  11.747  -6.112  1.00 19.69 ? 187 HOH A O   1 
HETATM 1045 O  O   . HOH D 4 .   ? 3.190   -1.286  -16.904 1.00 27.52 ? 188 HOH A O   1 
HETATM 1046 O  O   . HOH D 4 .   ? 9.425   -8.913  10.863  1.00 25.12 ? 189 HOH A O   1 
HETATM 1047 O  O   . HOH D 4 .   ? 6.688   -16.795 1.949   1.00 28.94 ? 190 HOH A O   1 
HETATM 1048 O  O   . HOH D 4 .   ? 7.743   -10.512 9.635   1.00 23.62 ? 191 HOH A O   1 
HETATM 1049 O  O   . HOH D 4 .   ? -14.185 0.801   7.172   1.00 21.22 ? 192 HOH A O   1 
HETATM 1050 O  O   . HOH D 4 .   ? 2.889   10.145  9.332   1.00 36.33 ? 193 HOH A O   1 
HETATM 1051 O  O   . HOH D 4 .   ? -16.593 5.583   8.041   1.00 30.00 ? 194 HOH A O   1 
HETATM 1052 O  O   . HOH D 4 .   ? -14.224 -11.409 -1.708  1.00 23.69 ? 195 HOH A O   1 
HETATM 1053 O  O   . HOH D 4 .   ? -3.731  9.090   8.165   1.00 40.73 ? 196 HOH A O   1 
HETATM 1054 O  O   . HOH D 4 .   ? 5.249   13.257  1.742   1.00 22.43 ? 197 HOH A O   1 
HETATM 1055 O  O   . HOH D 4 .   ? -4.331  7.919   -15.855 1.00 24.18 ? 198 HOH A O   1 
HETATM 1056 O  O   . HOH D 4 .   ? 1.429   4.787   14.540  1.00 29.36 ? 199 HOH A O   1 
HETATM 1057 O  O   . HOH D 4 .   ? -14.877 9.076   2.063   1.00 23.63 ? 200 HOH A O   1 
HETATM 1058 O  O   . HOH D 4 .   ? 16.292  0.975   7.746   1.00 14.33 ? 201 HOH A O   1 
HETATM 1059 O  O   . HOH D 4 .   ? 9.262   3.892   14.845  1.00 33.59 ? 202 HOH A O   1 
HETATM 1060 O  O   . HOH D 4 .   ? -13.332 6.495   0.435   1.00 33.83 ? 203 HOH A O   1 
HETATM 1061 O  O   . HOH D 4 .   ? -7.630  -11.433 -6.316  1.00 27.67 ? 204 HOH A O   1 
HETATM 1062 O  O   . HOH D 4 .   ? 3.973   6.116   12.238  1.00 28.88 ? 205 HOH A O   1 
HETATM 1063 O  O   . HOH D 4 .   ? 11.488  11.351  -1.040  1.00 28.42 ? 206 HOH A O   1 
HETATM 1064 O  O   . HOH D 4 .   ? -15.184 -15.050 9.336   1.00 13.52 ? 207 HOH A O   1 
HETATM 1065 O  O   . HOH D 4 .   ? -12.600 19.642  3.331   1.00 12.48 ? 208 HOH A O   1 
HETATM 1066 O  O   . HOH D 4 .   ? -15.847 -16.948 7.615   1.00 24.96 ? 209 HOH A O   1 
HETATM 1067 O  O   . HOH D 4 .   ? -12.913 -13.857 8.400   1.00 28.24 ? 210 HOH A O   1 
HETATM 1068 O  O   . HOH D 4 .   ? -18.842 -7.723  1.911   1.00 26.33 ? 211 HOH A O   1 
HETATM 1069 O  O   . HOH D 4 .   ? -14.206 11.986  2.422   1.00 19.04 ? 212 HOH A O   1 
HETATM 1070 O  O   . HOH D 4 .   ? -10.312 -15.213 0.267   1.00 28.34 ? 213 HOH A O   1 
HETATM 1071 O  O   . HOH D 4 .   ? -9.299  4.771   10.376  0.50 22.61 ? 214 HOH A O   1 
HETATM 1072 O  O   . HOH D 4 .   ? -13.300 -3.902  8.214   1.00 44.94 ? 215 HOH A O   1 
HETATM 1073 O  O   . HOH D 4 .   ? -12.487 13.385  0.737   1.00 24.79 ? 216 HOH A O   1 
HETATM 1074 O  O   . HOH D 4 .   ? -10.020 13.493  0.897   1.00 35.50 ? 218 HOH A O   1 
HETATM 1075 O  O   . HOH D 4 .   ? -0.556  8.672   11.362  1.00 31.51 ? 219 HOH A O   1 
HETATM 1076 O  O   . HOH D 4 .   ? -0.033  0.079   -17.012 1.00 7.80  ? 225 HOH A O   1 
HETATM 1077 O  O   . HOH D 4 .   ? -19.761 0.420   -0.844  1.00 26.05 ? 226 HOH A O   1 
HETATM 1078 O  O   . HOH D 4 .   ? -13.701 -5.837  -5.847  1.00 27.00 ? 230 HOH A O   1 
HETATM 1079 O  O   . HOH D 4 .   ? -13.463 -12.534 4.782   1.00 33.83 ? 231 HOH A O   1 
HETATM 1080 O  O   . HOH D 4 .   ? 10.420  2.111   -15.835 1.00 18.28 ? 233 HOH A O   1 
HETATM 1081 O  O   . HOH D 4 .   ? 13.845  7.953   -2.741  1.00 30.20 ? 288 HOH A O   1 
HETATM 1082 O  O   . HOH D 4 .   ? 11.006  11.600  2.789   1.00 21.24 ? 294 HOH A O   1 
HETATM 1083 O  O   . HOH D 4 .   ? 7.490   -7.375  11.924  1.00 24.39 ? 295 HOH A O   1 
HETATM 1084 O  O   . HOH D 4 .   ? 3.521   -5.147  18.235  1.00 36.84 ? 296 HOH A O   1 
HETATM 1085 O  O   . HOH D 4 .   ? 1.489   -4.394  19.227  1.00 41.28 ? 297 HOH A O   1 
HETATM 1086 O  O   . HOH D 4 .   ? -1.014  -4.495  18.534  1.00 40.72 ? 298 HOH A O   1 
HETATM 1087 O  O   . HOH D 4 .   ? -2.391  -6.474  18.759  1.00 30.64 ? 299 HOH A O   1 
HETATM 1088 O  O   . HOH D 4 .   ? -6.958  -10.144 14.320  0.50 28.95 ? 300 HOH A O   1 
HETATM 1089 O  O   . HOH D 4 .   ? -1.080  -15.251 1.065   1.00 21.19 ? 303 HOH A O   1 
HETATM 1090 O  O   . HOH D 4 .   ? 4.761   -16.309 -1.905  1.00 37.88 ? 304 HOH A O   1 
HETATM 1091 O  O   . HOH D 4 .   ? 4.258   -16.456 0.795   1.00 22.38 ? 305 HOH A O   1 
HETATM 1092 O  O   . HOH D 4 .   ? -3.604  -12.291 -6.975  1.00 30.61 ? 306 HOH A O   1 
HETATM 1093 O  O   . HOH D 4 .   ? -2.428  12.843  5.297   1.00 33.54 ? 309 HOH A O   1 
HETATM 1094 O  O   . HOH D 4 .   ? -17.770 4.434   0.705   1.00 39.18 ? 314 HOH A O   1 
HETATM 1095 O  O   . HOH D 4 .   ? -16.945 -6.572  0.350   1.00 25.63 ? 315 HOH A O   1 
HETATM 1096 O  O   . HOH D 4 .   ? -16.594 -7.064  -2.011  1.00 23.79 ? 316 HOH A O   1 
HETATM 1097 O  O   . HOH D 4 .   ? -13.853 -6.711  -3.527  1.00 26.70 ? 317 HOH A O   1 
HETATM 1098 O  O   . HOH D 4 .   ? -12.031 -2.163  7.065   1.00 34.94 ? 318 HOH A O   1 
HETATM 1099 O  O   . HOH D 4 .   ? -14.666 -1.978  -8.856  0.50 20.58 ? 321 HOH A O   1 
HETATM 1100 O  O   . HOH D 4 .   ? 2.461   -12.215 -9.275  1.00 35.90 ? 324 HOH A O   1 
HETATM 1101 O  O   . HOH D 4 .   ? -12.974 16.070  0.968   1.00 38.99 ? 328 HOH A O   1 
HETATM 1102 O  O   . HOH D 4 .   ? -9.484  -1.461  9.711   1.00 35.14 ? 332 HOH A O   1 
HETATM 1103 O  O   . HOH D 4 .   ? 4.666   3.571   15.802  1.00 33.92 ? 333 HOH A O   1 
HETATM 1104 O  O   . HOH D 4 .   ? -13.302 -2.665  11.409  1.00 36.56 ? 353 HOH A O   1 
HETATM 1105 O  O   . HOH D 4 .   ? 20.807  5.545   1.727   1.00 20.01 ? 356 HOH A O   1 
HETATM 1106 O  O   . HOH D 4 .   ? -12.317 24.039  4.196   1.00 40.12 ? 357 HOH A O   1 
HETATM 1107 O  O   . HOH D 4 .   ? -12.757 22.152  2.610   1.00 33.91 ? 358 HOH A O   1 
HETATM 1108 O  O   . HOH D 4 .   ? -19.084 -16.385 7.286   1.00 36.67 ? 359 HOH A O   1 
HETATM 1109 O  O   . HOH D 4 .   ? -12.429 -9.608  9.753   1.00 25.72 ? 360 HOH A O   1 
HETATM 1110 O  O   . HOH D 4 .   ? -13.069 -6.279  3.920   1.00 26.76 ? 362 HOH A O   1 
HETATM 1111 O  O   . HOH D 4 .   ? 0.629   -18.401 3.700   1.00 27.32 ? 363 HOH A O   1 
HETATM 1112 O  O   . HOH D 4 .   ? -5.642  -16.900 0.832   1.00 25.07 ? 364 HOH A O   1 
HETATM 1113 O  O   . HOH D 4 .   ? -17.760 1.915   1.611   1.00 24.45 ? 365 HOH A O   1 
HETATM 1114 O  O   . HOH D 4 .   ? -16.599 3.302   -1.936  1.00 28.00 ? 366 HOH A O   1 
HETATM 1115 O  O   . HOH D 4 .   ? 9.062   -9.646  -5.281  1.00 38.15 ? 370 HOH A O   1 
HETATM 1116 O  O   . HOH D 4 .   ? 6.679   10.126  6.474   1.00 37.96 ? 371 HOH A O   1 
HETATM 1117 O  O   . HOH D 4 .   ? 2.200   -18.191 1.301   1.00 34.67 ? 373 HOH A O   1 
HETATM 1118 O  O   . HOH D 4 .   ? -15.537 -4.000  -3.660  1.00 25.52 ? 375 HOH A O   1 
HETATM 1119 O  O   . HOH D 4 .   ? 0.169   -16.752 2.176   1.00 28.13 ? 378 HOH A O   1 
HETATM 1120 O  O   . HOH D 4 .   ? -4.134  -14.453 2.119   1.00 8.93  ? 388 HOH A O   1 
HETATM 1121 O  O   . HOH D 4 .   ? -16.643 6.382   1.647   1.00 39.96 ? 395 HOH A O   1 
HETATM 1122 O  O   . HOH D 4 .   ? -11.678 -13.641 -0.733  1.00 46.46 ? 397 HOH A O   1 
HETATM 1123 O  O   . HOH D 4 .   ? -20.415 -15.227 8.895   1.00 42.92 ? 398 HOH A O   1 
HETATM 1124 O  O   . HOH D 4 .   ? -11.710 5.103   -9.052  1.00 30.54 ? 404 HOH A O   1 
HETATM 1125 O  O   . HOH D 4 .   ? 7.930   -4.876  -8.440  1.00 24.87 ? 405 HOH A O   1 
HETATM 1126 O  O   . HOH D 4 .   ? -8.698  1.650   -6.677  1.00 15.99 ? 406 HOH A O   1 
HETATM 1127 O  O   . HOH D 4 .   ? -10.360 0.873   -8.132  1.00 39.40 ? 407 HOH A O   1 
HETATM 1128 O  O   . HOH D 4 .   ? -15.016 -0.723  -6.492  0.50 26.23 ? 408 HOH A O   1 
HETATM 1129 O  O   . HOH D 4 .   ? 1.521   15.612  -16.365 1.00 18.74 ? 410 HOH A O   1 
HETATM 1130 O  O   . HOH D 4 .   ? -1.944  12.047  -8.036  1.00 36.42 ? 411 HOH A O   1 
HETATM 1131 O  O   . HOH D 4 .   ? 0.100   16.266  -17.955 1.00 30.76 ? 412 HOH A O   1 
HETATM 1132 O  O   . HOH D 4 .   ? -3.582  -12.655 -0.398  1.00 22.69 ? 413 HOH A O   1 
HETATM 1133 O  O   . HOH D 4 .   ? 4.015   -15.549 -7.552  1.00 34.04 ? 414 HOH A O   1 
HETATM 1134 O  O   . HOH D 4 .   ? -7.577  11.132  -3.006  1.00 26.01 ? 415 HOH A O   1 
HETATM 1135 O  O   . HOH D 4 .   ? -12.182 -10.741 -4.700  1.00 36.50 ? 416 HOH A O   1 
HETATM 1136 O  O   . HOH D 4 .   ? -15.801 -13.651 5.374   1.00 48.45 ? 418 HOH A O   1 
HETATM 1137 O  O   . HOH D 4 .   ? -1.465  -12.038 0.546   1.00 25.34 ? 419 HOH A O   1 
# 
